data_5DJS
#
_entry.id   5DJS
#
_cell.length_a   70.188
_cell.length_b   216.361
_cell.length_c   216.406
_cell.angle_alpha   90.00
_cell.angle_beta   90.00
_cell.angle_gamma   90.00
#
_symmetry.space_group_name_H-M   'P 21 21 21'
#
loop_
_entity.id
_entity.type
_entity.pdbx_description
1 polymer 'Tetratricopeptide TPR_2 repeat protein'
2 non-polymer "URIDINE-5'-DIPHOSPHATE"
3 water water
#
_entity_poly.entity_id   1
_entity_poly.type   'polypeptide(L)'
_entity_poly.pdbx_seq_one_letter_code
;MTTRDAATIKALLSHAHEAQRSGDVLASERACWRVLQIAPDNSEALHLLGLLHGECGNYGLAATLLRRAVALDPGEASYH
YNLGNVLVASGQVERGITSLHHALELRPDYHRAHSGLYVALHYSALYDPRARHILALDWARRYADPLTPVPATPVDPDPH
RRLRIGYVSGELRCHPVGYFLEPVIEAHDRTAYEVYCYSNDPRSDALTDRLRALSDRWRDVWPLTDAELCELVRRDGIDI
LVDLSWHLGMHRLFAFARRPAPVQVTWLAAINTTGMRAMDYLVGDQHLCPPGSDELYTERLVRLSRFYLPCNPPPDLPGW
APADPLGRGFPVFGCFNRLSMIGPEVLDLWAKILLALPRARLRLIATGLQDPVTSSRLMRALEGRGVAGERLELLSPMPR
TDLLATYNDIDVALDTLPYSGCTTSLEALWMGVPVVTLEGADMAGRATSSLLRWAGLQELVSRTQEEYIDIALGLGRDLG
TLARLREHLRRWLRSVSMSDQGSFTAELEDAYRRMWRDACQTAAGRQGA
;
_entity_poly.pdbx_strand_id   A,B,C,D
#
loop_
_chem_comp.id
_chem_comp.type
_chem_comp.name
_chem_comp.formula
UDP RNA linking URIDINE-5'-DIPHOSPHATE 'C9 H14 N2 O12 P2'
#
# COMPACT_ATOMS: atom_id res chain seq x y z
N MET A 1 -26.61 -6.34 -17.17
CA MET A 1 -25.65 -7.08 -18.08
C MET A 1 -24.23 -7.17 -17.51
N THR A 2 -23.44 -8.06 -18.12
CA THR A 2 -22.01 -8.27 -17.79
C THR A 2 -21.15 -7.96 -19.02
N THR A 3 -19.83 -7.93 -18.82
CA THR A 3 -18.86 -7.58 -19.88
C THR A 3 -17.96 -8.76 -20.30
N ARG A 4 -17.58 -8.76 -21.58
CA ARG A 4 -16.63 -9.74 -22.15
C ARG A 4 -15.16 -9.53 -21.71
N ASP A 5 -14.87 -8.44 -20.98
CA ASP A 5 -13.52 -8.11 -20.46
C ASP A 5 -12.68 -9.31 -20.00
N ALA A 6 -13.22 -10.10 -19.08
CA ALA A 6 -12.54 -11.27 -18.49
C ALA A 6 -11.92 -12.20 -19.53
N ALA A 7 -12.63 -12.42 -20.64
CA ALA A 7 -12.14 -13.22 -21.77
C ALA A 7 -11.01 -12.51 -22.52
N THR A 8 -11.20 -11.20 -22.79
CA THR A 8 -10.17 -10.38 -23.45
C THR A 8 -8.87 -10.33 -22.65
N ILE A 9 -8.99 -10.13 -21.34
CA ILE A 9 -7.85 -10.18 -20.41
C ILE A 9 -7.12 -11.52 -20.50
N LYS A 10 -7.87 -12.63 -20.42
CA LYS A 10 -7.29 -13.98 -20.42
C LYS A 10 -6.49 -14.31 -21.70
N ALA A 11 -7.04 -13.92 -22.84
CA ALA A 11 -6.36 -14.07 -24.14
C ALA A 11 -5.10 -13.19 -24.27
N LEU A 12 -5.18 -11.97 -23.77
CA LEU A 12 -4.01 -11.08 -23.68
C LEU A 12 -2.96 -11.62 -22.72
N LEU A 13 -3.42 -12.22 -21.61
CA LEU A 13 -2.51 -12.69 -20.55
C LEU A 13 -1.74 -13.95 -20.94
N SER A 14 -2.38 -14.87 -21.66
CA SER A 14 -1.69 -16.04 -22.21
C SER A 14 -0.81 -15.68 -23.41
N HIS A 15 -1.29 -14.78 -24.27
CA HIS A 15 -0.47 -14.23 -25.37
C HIS A 15 0.80 -13.56 -24.83
N ALA A 16 0.67 -12.84 -23.73
CA ALA A 16 1.80 -12.15 -23.10
C ALA A 16 2.82 -13.14 -22.55
N HIS A 17 2.33 -14.21 -21.92
CA HIS A 17 3.20 -15.27 -21.40
C HIS A 17 3.93 -16.07 -22.49
N GLU A 18 3.25 -16.33 -23.62
CA GLU A 18 3.89 -16.98 -24.78
C GLU A 18 4.99 -16.10 -25.35
N ALA A 19 4.64 -14.83 -25.60
CA ALA A 19 5.56 -13.83 -26.13
C ALA A 19 6.87 -13.71 -25.33
N GLN A 20 6.76 -13.75 -24.00
CA GLN A 20 7.95 -13.65 -23.15
C GLN A 20 8.74 -14.97 -23.11
N ARG A 21 8.05 -16.12 -23.12
CA ARG A 21 8.73 -17.43 -23.19
C ARG A 21 9.46 -17.65 -24.51
N SER A 22 8.91 -17.13 -25.61
CA SER A 22 9.57 -17.22 -26.93
C SER A 22 10.70 -16.18 -27.14
N GLY A 23 10.78 -15.16 -26.28
CA GLY A 23 11.81 -14.11 -26.37
C GLY A 23 11.32 -12.74 -26.80
N ASP A 24 10.12 -12.64 -27.38
CA ASP A 24 9.56 -11.36 -27.86
C ASP A 24 9.08 -10.47 -26.68
N VAL A 25 9.98 -9.57 -26.27
CA VAL A 25 9.77 -8.74 -25.08
C VAL A 25 8.81 -7.58 -25.38
N LEU A 26 9.09 -6.83 -26.46
CA LEU A 26 8.25 -5.70 -26.88
C LEU A 26 6.77 -6.06 -27.09
N ALA A 27 6.51 -7.29 -27.52
CA ALA A 27 5.14 -7.78 -27.71
C ALA A 27 4.46 -8.17 -26.40
N SER A 28 5.22 -8.78 -25.47
CA SER A 28 4.68 -9.14 -24.15
C SER A 28 4.34 -7.89 -23.32
N GLU A 29 5.24 -6.91 -23.35
CA GLU A 29 5.03 -5.61 -22.69
C GLU A 29 3.73 -4.96 -23.17
N ARG A 30 3.56 -4.80 -24.48
CA ARG A 30 2.41 -4.04 -25.01
C ARG A 30 1.08 -4.74 -24.70
N ALA A 31 1.11 -6.08 -24.66
CA ALA A 31 -0.04 -6.88 -24.23
C ALA A 31 -0.36 -6.69 -22.74
N CYS A 32 0.67 -6.64 -21.91
CA CYS A 32 0.51 -6.32 -20.48
C CYS A 32 -0.10 -4.94 -20.23
N TRP A 33 0.29 -3.94 -21.02
CA TRP A 33 -0.32 -2.60 -20.93
C TRP A 33 -1.79 -2.65 -21.30
N ARG A 34 -2.13 -3.41 -22.34
CA ARG A 34 -3.54 -3.58 -22.77
C ARG A 34 -4.43 -4.16 -21.67
N VAL A 35 -3.87 -5.03 -20.84
CA VAL A 35 -4.57 -5.57 -19.67
C VAL A 35 -4.79 -4.50 -18.60
N LEU A 36 -3.77 -3.67 -18.35
CA LEU A 36 -3.85 -2.61 -17.35
C LEU A 36 -4.74 -1.43 -17.77
N GLN A 37 -4.93 -1.22 -19.07
CA GLN A 37 -5.91 -0.23 -19.56
C GLN A 37 -7.33 -0.63 -19.19
N ILE A 38 -7.61 -1.93 -19.27
CA ILE A 38 -8.93 -2.48 -18.96
C ILE A 38 -9.08 -2.65 -17.46
N ALA A 39 -8.08 -3.24 -16.83
CA ALA A 39 -8.11 -3.58 -15.40
C ALA A 39 -6.77 -3.25 -14.73
N PRO A 40 -6.62 -2.00 -14.20
CA PRO A 40 -5.31 -1.55 -13.69
C PRO A 40 -4.86 -2.18 -12.36
N ASP A 41 -5.74 -2.90 -11.68
CA ASP A 41 -5.38 -3.69 -10.49
C ASP A 41 -5.05 -5.16 -10.81
N ASN A 42 -4.81 -5.48 -12.08
CA ASN A 42 -4.46 -6.84 -12.47
C ASN A 42 -3.00 -7.18 -12.06
N SER A 43 -2.86 -7.84 -10.90
CA SER A 43 -1.55 -8.14 -10.32
C SER A 43 -0.68 -9.07 -11.18
N GLU A 44 -1.30 -9.91 -11.99
CA GLU A 44 -0.55 -10.81 -12.88
C GLU A 44 0.21 -10.03 -13.98
N ALA A 45 -0.35 -8.91 -14.40
CA ALA A 45 0.14 -8.14 -15.53
C ALA A 45 1.14 -7.10 -15.03
N LEU A 46 0.84 -6.49 -13.89
CA LEU A 46 1.81 -5.72 -13.10
C LEU A 46 3.08 -6.54 -12.87
N HIS A 47 2.92 -7.75 -12.36
CA HIS A 47 4.02 -8.68 -12.14
C HIS A 47 4.87 -8.98 -13.39
N LEU A 48 4.21 -9.28 -14.50
CA LEU A 48 4.91 -9.65 -15.74
C LEU A 48 5.69 -8.47 -16.35
N LEU A 49 5.04 -7.29 -16.37
CA LEU A 49 5.74 -6.03 -16.68
C LEU A 49 6.92 -5.77 -15.73
N GLY A 50 6.74 -6.13 -14.47
CA GLY A 50 7.83 -6.19 -13.49
C GLY A 50 9.03 -7.00 -13.96
N LEU A 51 8.83 -8.27 -14.31
CA LEU A 51 9.92 -9.15 -14.81
C LEU A 51 10.65 -8.53 -15.98
N LEU A 52 9.87 -8.14 -16.98
CA LEU A 52 10.39 -7.76 -18.28
C LEU A 52 11.30 -6.55 -18.17
N HIS A 53 10.83 -5.54 -17.45
CA HIS A 53 11.64 -4.36 -17.17
C HIS A 53 12.84 -4.67 -16.26
N GLY A 54 12.69 -5.65 -15.38
CA GLY A 54 13.78 -6.19 -14.58
C GLY A 54 14.87 -6.83 -15.43
N GLU A 55 14.47 -7.62 -16.42
CA GLU A 55 15.41 -8.18 -17.41
C GLU A 55 16.03 -7.09 -18.28
N CYS A 56 15.22 -6.10 -18.69
CA CYS A 56 15.74 -4.93 -19.45
C CYS A 56 16.63 -3.97 -18.64
N GLY A 57 16.63 -4.08 -17.31
CA GLY A 57 17.49 -3.22 -16.47
C GLY A 57 16.85 -1.97 -15.89
N ASN A 58 15.58 -1.72 -16.23
CA ASN A 58 14.84 -0.59 -15.67
C ASN A 58 14.35 -0.88 -14.25
N TYR A 59 15.27 -0.92 -13.30
CA TYR A 59 14.96 -1.40 -11.95
C TYR A 59 14.00 -0.48 -11.17
N GLY A 60 14.03 0.82 -11.50
CA GLY A 60 13.08 1.79 -10.93
C GLY A 60 11.62 1.47 -11.20
N LEU A 61 11.27 1.35 -12.47
CA LEU A 61 9.92 0.94 -12.88
C LEU A 61 9.61 -0.47 -12.39
N ALA A 62 10.55 -1.38 -12.65
CA ALA A 62 10.41 -2.78 -12.27
C ALA A 62 9.96 -2.91 -10.83
N ALA A 63 10.76 -2.33 -9.93
CA ALA A 63 10.54 -2.41 -8.48
C ALA A 63 9.16 -1.93 -8.07
N THR A 64 8.72 -0.78 -8.60
CA THR A 64 7.40 -0.26 -8.19
C THR A 64 6.24 -1.04 -8.79
N LEU A 65 6.36 -1.53 -10.03
CA LEU A 65 5.38 -2.49 -10.57
C LEU A 65 5.27 -3.78 -9.71
N LEU A 66 6.41 -4.34 -9.31
CA LEU A 66 6.45 -5.56 -8.51
C LEU A 66 5.97 -5.34 -7.08
N ARG A 67 6.31 -4.21 -6.47
CA ARG A 67 5.78 -3.83 -5.14
C ARG A 67 4.26 -3.66 -5.12
N ARG A 68 3.71 -3.15 -6.22
CA ARG A 68 2.25 -2.96 -6.33
C ARG A 68 1.56 -4.31 -6.49
N ALA A 69 2.18 -5.21 -7.27
CA ALA A 69 1.73 -6.58 -7.39
C ALA A 69 1.73 -7.30 -6.03
N VAL A 70 2.81 -7.14 -5.28
CA VAL A 70 2.89 -7.64 -3.90
C VAL A 70 1.74 -7.08 -3.01
N ALA A 71 1.46 -5.78 -3.11
CA ALA A 71 0.39 -5.17 -2.30
C ALA A 71 -1.00 -5.72 -2.65
N LEU A 72 -1.24 -5.97 -3.94
CA LEU A 72 -2.52 -6.48 -4.41
C LEU A 72 -2.71 -7.97 -4.15
N ASP A 73 -1.61 -8.71 -4.04
CA ASP A 73 -1.66 -10.15 -3.78
C ASP A 73 -0.39 -10.57 -3.02
N PRO A 74 -0.32 -10.27 -1.72
CA PRO A 74 0.89 -10.54 -0.91
C PRO A 74 1.16 -11.98 -0.54
N GLY A 75 0.22 -12.87 -0.79
CA GLY A 75 0.42 -14.30 -0.58
C GLY A 75 1.15 -15.00 -1.70
N GLU A 76 1.26 -14.35 -2.86
CA GLU A 76 1.83 -14.95 -4.07
C GLU A 76 3.33 -14.86 -3.98
N ALA A 77 3.99 -16.01 -3.79
CA ALA A 77 5.44 -16.09 -3.60
C ALA A 77 6.27 -15.60 -4.79
N SER A 78 5.81 -15.80 -6.02
CA SER A 78 6.59 -15.42 -7.20
C SER A 78 6.77 -13.91 -7.33
N TYR A 79 5.81 -13.14 -6.83
CA TYR A 79 5.89 -11.68 -6.85
C TYR A 79 6.98 -11.20 -5.90
N HIS A 80 7.10 -11.86 -4.75
CA HIS A 80 8.22 -11.62 -3.82
C HIS A 80 9.55 -12.05 -4.38
N TYR A 81 9.59 -13.22 -5.02
CA TYR A 81 10.81 -13.72 -5.67
C TYR A 81 11.39 -12.69 -6.64
N ASN A 82 10.58 -12.26 -7.59
CA ASN A 82 11.04 -11.35 -8.62
C ASN A 82 11.37 -9.96 -8.14
N LEU A 83 10.66 -9.50 -7.11
CA LEU A 83 11.01 -8.25 -6.43
C LEU A 83 12.39 -8.36 -5.80
N GLY A 84 12.65 -9.46 -5.11
CA GLY A 84 13.97 -9.71 -4.52
C GLY A 84 15.12 -9.67 -5.52
N ASN A 85 14.91 -10.28 -6.69
CA ASN A 85 15.93 -10.26 -7.75
C ASN A 85 16.19 -8.86 -8.30
N VAL A 86 15.12 -8.11 -8.52
CA VAL A 86 15.25 -6.72 -8.95
C VAL A 86 16.02 -5.90 -7.91
N LEU A 87 15.66 -6.06 -6.64
CA LEU A 87 16.33 -5.33 -5.55
C LEU A 87 17.82 -5.67 -5.42
N VAL A 88 18.15 -6.96 -5.47
CA VAL A 88 19.54 -7.41 -5.50
C VAL A 88 20.27 -6.78 -6.69
N ALA A 89 19.67 -6.86 -7.88
CA ALA A 89 20.32 -6.37 -9.12
C ALA A 89 20.47 -4.84 -9.13
N SER A 90 19.61 -4.15 -8.40
CA SER A 90 19.65 -2.70 -8.29
C SER A 90 20.72 -2.19 -7.32
N GLY A 91 21.33 -3.08 -6.53
CA GLY A 91 22.31 -2.70 -5.52
C GLY A 91 21.81 -2.78 -4.08
N GLN A 92 20.54 -3.13 -3.90
CA GLN A 92 19.93 -3.16 -2.56
C GLN A 92 19.86 -4.61 -2.13
N VAL A 93 21.02 -5.15 -1.77
CA VAL A 93 21.20 -6.60 -1.56
C VAL A 93 20.42 -7.13 -0.35
N GLU A 94 20.49 -6.45 0.79
CA GLU A 94 19.81 -6.93 1.99
C GLU A 94 18.28 -6.88 1.89
N ARG A 95 17.75 -5.85 1.24
CA ARG A 95 16.31 -5.73 0.99
C ARG A 95 15.78 -6.85 0.08
N GLY A 96 16.61 -7.24 -0.91
CA GLY A 96 16.28 -8.32 -1.82
C GLY A 96 16.32 -9.68 -1.15
N ILE A 97 17.37 -9.93 -0.37
CA ILE A 97 17.49 -11.17 0.41
C ILE A 97 16.22 -11.40 1.23
N THR A 98 15.78 -10.37 1.95
CA THR A 98 14.52 -10.39 2.67
C THR A 98 13.36 -10.81 1.78
N SER A 99 13.19 -10.15 0.64
CA SER A 99 12.16 -10.54 -0.33
C SER A 99 12.25 -12.03 -0.76
N LEU A 100 13.47 -12.52 -0.96
CA LEU A 100 13.70 -13.93 -1.31
C LEU A 100 13.30 -14.84 -0.15
N HIS A 101 13.63 -14.46 1.08
CA HIS A 101 13.15 -15.19 2.27
C HIS A 101 11.64 -15.30 2.30
N HIS A 102 10.95 -14.19 2.03
CA HIS A 102 9.49 -14.19 2.02
C HIS A 102 8.93 -15.18 1.03
N ALA A 103 9.55 -15.24 -0.16
CA ALA A 103 9.10 -16.13 -1.22
C ALA A 103 9.23 -17.59 -0.82
N LEU A 104 10.31 -17.91 -0.11
CA LEU A 104 10.50 -19.25 0.47
C LEU A 104 9.58 -19.53 1.66
N GLU A 105 9.34 -18.55 2.50
CA GLU A 105 8.39 -18.72 3.59
C GLU A 105 7.00 -19.08 3.04
N LEU A 106 6.60 -18.42 1.95
CA LEU A 106 5.28 -18.62 1.34
C LEU A 106 5.17 -19.88 0.49
N ARG A 107 6.29 -20.33 -0.07
CA ARG A 107 6.31 -21.52 -0.89
C ARG A 107 7.64 -22.20 -0.59
N PRO A 108 7.68 -23.05 0.45
CA PRO A 108 8.95 -23.68 0.84
C PRO A 108 9.61 -24.56 -0.21
N ASP A 109 8.85 -25.05 -1.19
CA ASP A 109 9.41 -25.84 -2.30
C ASP A 109 9.64 -25.01 -3.58
N TYR A 110 10.21 -23.82 -3.41
CA TYR A 110 10.47 -22.89 -4.51
C TYR A 110 11.96 -23.02 -4.87
N HIS A 111 12.29 -23.96 -5.75
CA HIS A 111 13.69 -24.21 -6.12
C HIS A 111 14.43 -23.02 -6.77
N ARG A 112 13.72 -22.14 -7.50
CA ARG A 112 14.36 -21.00 -8.17
C ARG A 112 14.69 -19.89 -7.17
N ALA A 113 13.80 -19.69 -6.19
CA ALA A 113 14.02 -18.71 -5.11
C ALA A 113 15.12 -19.18 -4.17
N HIS A 114 15.20 -20.49 -3.97
CA HIS A 114 16.25 -21.09 -3.15
C HIS A 114 17.63 -20.90 -3.81
N SER A 115 17.72 -21.09 -5.14
CA SER A 115 18.94 -20.76 -5.90
C SER A 115 19.26 -19.28 -5.78
N GLY A 116 18.29 -18.45 -6.16
CA GLY A 116 18.43 -17.00 -6.16
C GLY A 116 18.98 -16.50 -4.84
N LEU A 117 18.43 -17.02 -3.75
CA LEU A 117 18.92 -16.72 -2.40
C LEU A 117 20.38 -17.13 -2.26
N TYR A 118 20.71 -18.38 -2.60
CA TYR A 118 22.11 -18.85 -2.60
C TYR A 118 23.06 -17.93 -3.36
N VAL A 119 22.68 -17.56 -4.59
CA VAL A 119 23.43 -16.60 -5.40
C VAL A 119 23.56 -15.26 -4.67
N ALA A 120 22.43 -14.73 -4.22
CA ALA A 120 22.35 -13.41 -3.58
C ALA A 120 23.32 -13.24 -2.41
N LEU A 121 23.51 -14.31 -1.63
CA LEU A 121 24.43 -14.30 -0.47
C LEU A 121 25.87 -13.92 -0.84
N HIS A 122 26.28 -14.18 -2.08
CA HIS A 122 27.65 -13.88 -2.51
C HIS A 122 27.93 -12.37 -2.65
N TYR A 123 26.87 -11.58 -2.81
CA TYR A 123 26.95 -10.12 -2.85
C TYR A 123 27.01 -9.44 -1.50
N SER A 124 26.99 -10.22 -0.40
CA SER A 124 26.97 -9.65 0.94
C SER A 124 28.04 -10.25 1.83
N ALA A 125 28.77 -9.39 2.56
CA ALA A 125 29.83 -9.84 3.47
C ALA A 125 29.28 -10.47 4.75
N LEU A 126 27.98 -10.32 5.00
CA LEU A 126 27.35 -10.84 6.20
C LEU A 126 27.19 -12.36 6.26
N TYR A 127 27.48 -13.08 5.18
CA TYR A 127 27.28 -14.53 5.12
C TYR A 127 28.61 -15.22 4.80
N ASP A 128 29.15 -15.91 5.80
CA ASP A 128 30.45 -16.58 5.69
C ASP A 128 30.37 -17.83 4.78
N PRO A 129 31.53 -18.40 4.38
CA PRO A 129 31.50 -19.59 3.51
C PRO A 129 30.67 -20.78 4.02
N ARG A 130 30.60 -20.94 5.35
CA ARG A 130 29.84 -22.02 5.97
C ARG A 130 28.34 -21.89 5.72
N ALA A 131 27.81 -20.67 5.78
CA ALA A 131 26.39 -20.40 5.56
C ALA A 131 25.95 -20.67 4.14
N ARG A 132 26.79 -20.26 3.18
CA ARG A 132 26.50 -20.43 1.76
C ARG A 132 26.50 -21.90 1.38
N HIS A 133 27.57 -22.59 1.79
CA HIS A 133 27.75 -24.04 1.63
C HIS A 133 26.52 -24.84 2.07
N ILE A 134 26.07 -24.57 3.30
CA ILE A 134 24.91 -25.24 3.90
C ILE A 134 23.65 -25.03 3.08
N LEU A 135 23.38 -23.78 2.72
CA LEU A 135 22.22 -23.48 1.91
C LEU A 135 22.26 -24.20 0.56
N ALA A 136 23.45 -24.36 -0.03
CA ALA A 136 23.59 -25.03 -1.33
C ALA A 136 23.27 -26.51 -1.23
N LEU A 137 23.90 -27.16 -0.26
CA LEU A 137 23.63 -28.55 0.09
C LEU A 137 22.13 -28.75 0.33
N ASP A 138 21.53 -27.87 1.13
CA ASP A 138 20.09 -27.93 1.43
C ASP A 138 19.28 -27.99 0.15
N TRP A 139 19.62 -27.13 -0.81
CA TRP A 139 18.97 -27.10 -2.12
C TRP A 139 19.10 -28.44 -2.82
N ALA A 140 20.34 -28.92 -2.92
CA ALA A 140 20.67 -30.14 -3.64
C ALA A 140 19.90 -31.32 -3.07
N ARG A 141 19.97 -31.45 -1.75
CA ARG A 141 19.25 -32.52 -1.04
C ARG A 141 17.76 -32.53 -1.38
N ARG A 142 17.15 -31.35 -1.50
CA ARG A 142 15.73 -31.22 -1.79
C ARG A 142 15.38 -31.56 -3.22
N TYR A 143 16.14 -31.03 -4.19
CA TYR A 143 15.73 -31.00 -5.61
C TYR A 143 16.60 -31.79 -6.59
N ALA A 144 17.80 -32.19 -6.18
CA ALA A 144 18.79 -32.76 -7.10
C ALA A 144 19.18 -34.17 -6.73
N ASP A 145 19.72 -34.36 -5.53
CA ASP A 145 20.23 -35.66 -5.08
C ASP A 145 19.22 -36.82 -5.07
N PRO A 146 17.92 -36.55 -4.81
CA PRO A 146 16.91 -37.60 -4.99
C PRO A 146 16.88 -38.24 -6.37
N LEU A 147 17.14 -37.44 -7.40
CA LEU A 147 17.16 -37.92 -8.79
C LEU A 147 18.46 -38.68 -9.21
N THR A 148 19.51 -38.61 -8.40
CA THR A 148 20.85 -39.04 -8.83
C THR A 148 21.13 -40.51 -8.58
N PRO A 149 21.42 -41.29 -9.65
CA PRO A 149 21.85 -42.68 -9.42
C PRO A 149 23.32 -42.73 -9.03
N VAL A 150 23.79 -43.93 -8.70
CA VAL A 150 25.19 -44.15 -8.31
C VAL A 150 26.03 -44.06 -9.61
N PRO A 151 27.30 -43.62 -9.53
CA PRO A 151 28.06 -43.56 -10.79
C PRO A 151 28.20 -44.92 -11.45
N ALA A 152 27.69 -45.03 -12.69
CA ALA A 152 27.89 -46.21 -13.51
C ALA A 152 29.24 -46.08 -14.22
N THR A 153 29.77 -47.19 -14.72
CA THR A 153 31.02 -47.16 -15.51
C THR A 153 30.68 -46.69 -16.94
N PRO A 154 31.55 -45.86 -17.54
CA PRO A 154 31.25 -45.31 -18.87
C PRO A 154 31.07 -46.35 -19.97
N VAL A 155 30.27 -45.99 -20.97
CA VAL A 155 30.05 -46.83 -22.14
C VAL A 155 31.22 -46.67 -23.12
N ASP A 156 31.70 -47.78 -23.68
CA ASP A 156 32.95 -47.81 -24.45
C ASP A 156 34.05 -47.10 -23.64
N PRO A 157 34.45 -47.69 -22.50
CA PRO A 157 35.44 -47.05 -21.64
C PRO A 157 36.87 -47.21 -22.18
N ASP A 158 37.11 -46.60 -23.33
CA ASP A 158 38.39 -46.62 -24.01
C ASP A 158 39.04 -45.29 -23.60
N PRO A 159 40.10 -45.32 -22.76
CA PRO A 159 40.67 -44.04 -22.29
C PRO A 159 41.20 -43.10 -23.39
N HIS A 160 41.49 -43.63 -24.59
CA HIS A 160 42.11 -42.87 -25.66
C HIS A 160 41.18 -42.48 -26.80
N ARG A 161 39.93 -42.95 -26.82
CA ARG A 161 39.02 -42.67 -27.96
C ARG A 161 38.57 -41.21 -28.04
N ARG A 162 38.02 -40.86 -29.19
CA ARG A 162 37.46 -39.52 -29.38
C ARG A 162 36.27 -39.35 -28.43
N LEU A 163 36.28 -38.25 -27.66
CA LEU A 163 35.25 -37.96 -26.66
C LEU A 163 34.23 -36.96 -27.20
N ARG A 164 32.98 -37.12 -26.78
CA ARG A 164 31.92 -36.18 -27.13
C ARG A 164 31.67 -35.28 -25.93
N ILE A 165 31.80 -33.98 -26.15
CA ILE A 165 31.58 -32.99 -25.09
C ILE A 165 30.28 -32.23 -25.37
N GLY A 166 29.46 -32.13 -24.32
CA GLY A 166 28.20 -31.40 -24.37
C GLY A 166 28.25 -30.19 -23.46
N TYR A 167 28.03 -29.02 -24.04
CA TYR A 167 27.99 -27.74 -23.29
C TYR A 167 26.53 -27.33 -23.12
N VAL A 168 26.07 -27.24 -21.87
CA VAL A 168 24.67 -26.95 -21.58
C VAL A 168 24.56 -25.58 -20.90
N SER A 169 23.89 -24.64 -21.58
CA SER A 169 23.71 -23.29 -21.05
C SER A 169 22.53 -22.58 -21.65
N GLY A 170 21.95 -21.68 -20.87
CA GLY A 170 20.90 -20.78 -21.34
C GLY A 170 21.38 -19.36 -21.57
N GLU A 171 22.70 -19.16 -21.60
CA GLU A 171 23.24 -17.88 -22.06
C GLU A 171 24.38 -18.06 -23.10
N LEU A 172 24.09 -18.91 -24.09
CA LEU A 172 24.86 -19.04 -25.31
C LEU A 172 24.45 -17.90 -26.25
N ARG A 173 25.03 -16.72 -26.03
CA ARG A 173 24.74 -15.49 -26.79
C ARG A 173 25.75 -14.42 -26.38
N CYS A 174 25.56 -13.17 -26.85
CA CYS A 174 26.38 -12.01 -26.42
C CYS A 174 26.27 -11.85 -24.92
N HIS A 175 27.18 -12.52 -24.21
CA HIS A 175 27.12 -12.67 -22.77
C HIS A 175 28.41 -13.36 -22.34
N PRO A 176 28.99 -12.97 -21.19
CA PRO A 176 30.21 -13.60 -20.69
C PRO A 176 30.40 -15.08 -21.02
N VAL A 177 29.37 -15.89 -20.75
CA VAL A 177 29.38 -17.32 -21.11
C VAL A 177 29.74 -17.51 -22.57
N GLY A 178 28.92 -16.96 -23.47
CA GLY A 178 29.20 -17.01 -24.91
C GLY A 178 30.55 -16.42 -25.34
N TYR A 179 30.99 -15.35 -24.67
CA TYR A 179 32.26 -14.70 -25.01
C TYR A 179 33.46 -15.61 -24.74
N PHE A 180 33.45 -16.30 -23.61
CA PHE A 180 34.53 -17.24 -23.24
C PHE A 180 34.40 -18.63 -23.86
N LEU A 181 33.19 -19.03 -24.25
CA LEU A 181 32.99 -20.33 -24.87
C LEU A 181 33.44 -20.34 -26.33
N GLU A 182 33.14 -19.26 -27.06
CA GLU A 182 33.53 -19.15 -28.49
C GLU A 182 34.97 -19.59 -28.82
N PRO A 183 35.99 -19.04 -28.15
CA PRO A 183 37.34 -19.52 -28.42
C PRO A 183 37.51 -21.03 -28.19
N VAL A 184 36.95 -21.52 -27.09
CA VAL A 184 37.05 -22.94 -26.71
C VAL A 184 36.42 -23.86 -27.76
N ILE A 185 35.21 -23.51 -28.21
CA ILE A 185 34.51 -24.27 -29.24
C ILE A 185 35.29 -24.28 -30.55
N GLU A 186 35.79 -23.12 -30.99
CA GLU A 186 36.59 -23.03 -32.22
C GLU A 186 37.85 -23.89 -32.17
N ALA A 187 38.60 -23.82 -31.08
CA ALA A 187 39.92 -24.45 -30.98
C ALA A 187 39.92 -25.91 -30.51
N HIS A 188 38.76 -26.48 -30.18
CA HIS A 188 38.69 -27.87 -29.73
C HIS A 188 39.29 -28.80 -30.78
N ASP A 189 40.23 -29.65 -30.37
CA ASP A 189 40.86 -30.62 -31.25
C ASP A 189 39.84 -31.70 -31.69
N ARG A 190 39.41 -31.62 -32.95
N ARG A 190 39.41 -31.62 -32.95
CA ARG A 190 38.41 -32.53 -33.51
CA ARG A 190 38.41 -32.53 -33.51
C ARG A 190 38.87 -33.98 -33.69
C ARG A 190 38.87 -33.98 -33.69
N THR A 191 40.19 -34.22 -33.69
CA THR A 191 40.72 -35.59 -33.72
C THR A 191 40.31 -36.34 -32.44
N ALA A 192 40.36 -35.64 -31.31
CA ALA A 192 40.15 -36.22 -29.97
C ALA A 192 38.83 -35.82 -29.27
N TYR A 193 38.11 -34.81 -29.79
CA TYR A 193 36.88 -34.30 -29.14
C TYR A 193 35.82 -33.92 -30.16
N GLU A 194 34.55 -34.04 -29.77
CA GLU A 194 33.44 -33.58 -30.62
C GLU A 194 32.48 -32.74 -29.80
N VAL A 195 31.99 -31.65 -30.41
CA VAL A 195 31.32 -30.60 -29.66
C VAL A 195 29.82 -30.51 -29.94
N TYR A 196 29.04 -30.86 -28.91
CA TYR A 196 27.60 -30.68 -28.87
C TYR A 196 27.32 -29.46 -27.99
N CYS A 197 26.40 -28.60 -28.42
CA CYS A 197 25.95 -27.48 -27.58
C CYS A 197 24.47 -27.67 -27.32
N TYR A 198 24.03 -27.40 -26.09
CA TYR A 198 22.61 -27.44 -25.77
C TYR A 198 22.22 -26.04 -25.27
N SER A 199 21.54 -25.28 -26.15
CA SER A 199 21.09 -23.90 -25.87
C SER A 199 19.77 -23.90 -25.12
N ASN A 200 19.81 -23.42 -23.88
CA ASN A 200 18.64 -23.41 -23.00
C ASN A 200 17.89 -22.06 -22.90
N ASP A 201 17.94 -21.26 -23.98
CA ASP A 201 17.23 -19.99 -24.04
C ASP A 201 17.02 -19.66 -25.53
N PRO A 202 15.83 -19.16 -25.89
CA PRO A 202 15.53 -18.90 -27.30
C PRO A 202 16.29 -17.74 -27.96
N ARG A 203 16.77 -16.77 -27.17
CA ARG A 203 17.49 -15.64 -27.74
C ARG A 203 18.67 -16.12 -28.60
N SER A 204 18.65 -15.73 -29.87
CA SER A 204 19.65 -16.14 -30.84
C SER A 204 20.14 -14.91 -31.61
N ASP A 205 21.27 -14.38 -31.17
CA ASP A 205 21.93 -13.21 -31.80
C ASP A 205 23.13 -13.64 -32.66
N ALA A 206 23.86 -12.67 -33.21
CA ALA A 206 25.06 -12.95 -34.02
C ALA A 206 26.05 -13.96 -33.40
N LEU A 207 26.25 -13.90 -32.08
CA LEU A 207 27.20 -14.81 -31.42
C LEU A 207 26.68 -16.27 -31.36
N THR A 208 25.36 -16.44 -31.19
CA THR A 208 24.77 -17.79 -31.17
C THR A 208 24.92 -18.42 -32.56
N ASP A 209 24.70 -17.61 -33.60
CA ASP A 209 24.93 -18.04 -34.98
C ASP A 209 26.36 -18.52 -35.18
N ARG A 210 27.32 -17.80 -34.60
CA ARG A 210 28.73 -18.22 -34.64
C ARG A 210 28.96 -19.52 -33.84
N LEU A 211 28.42 -19.58 -32.63
CA LEU A 211 28.53 -20.80 -31.80
C LEU A 211 27.90 -22.03 -32.48
N ARG A 212 26.76 -21.82 -33.13
CA ARG A 212 26.08 -22.89 -33.87
C ARG A 212 26.94 -23.39 -35.03
N ALA A 213 27.51 -22.44 -35.78
CA ALA A 213 28.40 -22.76 -36.92
C ALA A 213 29.68 -23.48 -36.48
N LEU A 214 30.29 -23.01 -35.39
CA LEU A 214 31.51 -23.64 -34.85
C LEU A 214 31.26 -25.01 -34.17
N SER A 215 30.05 -25.23 -33.67
CA SER A 215 29.67 -26.54 -33.10
C SER A 215 29.56 -27.62 -34.16
N ASP A 216 29.85 -28.85 -33.76
CA ASP A 216 29.60 -30.03 -34.62
C ASP A 216 28.11 -30.35 -34.68
N ARG A 217 27.45 -30.34 -33.52
CA ARG A 217 25.98 -30.52 -33.43
C ARG A 217 25.40 -29.43 -32.52
N TRP A 218 24.13 -29.04 -32.76
CA TRP A 218 23.52 -27.91 -32.02
C TRP A 218 22.44 -28.21 -30.95
N ARG A 219 21.24 -28.67 -31.29
CA ARG A 219 20.16 -28.90 -30.26
C ARG A 219 19.64 -27.68 -29.46
N ASP A 220 18.44 -27.20 -29.82
CA ASP A 220 17.66 -26.23 -29.04
C ASP A 220 16.80 -26.91 -27.97
N VAL A 221 17.11 -26.61 -26.71
CA VAL A 221 16.68 -27.42 -25.57
C VAL A 221 15.57 -26.80 -24.70
N TRP A 222 15.39 -25.47 -24.75
CA TRP A 222 14.43 -24.78 -23.87
C TRP A 222 13.01 -25.39 -23.82
N PRO A 223 12.46 -25.85 -24.97
CA PRO A 223 11.11 -26.43 -24.90
C PRO A 223 11.00 -27.83 -24.29
N LEU A 224 12.13 -28.50 -24.02
CA LEU A 224 12.13 -29.89 -23.56
C LEU A 224 12.05 -29.97 -22.04
N THR A 225 11.47 -31.06 -21.52
CA THR A 225 11.51 -31.34 -20.07
C THR A 225 12.89 -31.87 -19.71
N ASP A 226 13.19 -31.90 -18.42
CA ASP A 226 14.50 -32.42 -17.97
C ASP A 226 14.64 -33.90 -18.29
N ALA A 227 13.55 -34.66 -18.25
CA ALA A 227 13.55 -36.07 -18.66
C ALA A 227 13.83 -36.22 -20.16
N GLU A 228 13.14 -35.42 -20.99
CA GLU A 228 13.38 -35.36 -22.45
C GLU A 228 14.83 -34.99 -22.80
N LEU A 229 15.42 -34.04 -22.05
CA LEU A 229 16.80 -33.67 -22.29
C LEU A 229 17.75 -34.79 -21.94
N CYS A 230 17.48 -35.50 -20.85
CA CYS A 230 18.30 -36.65 -20.45
C CYS A 230 18.34 -37.75 -21.51
N GLU A 231 17.19 -38.12 -22.06
CA GLU A 231 17.14 -39.15 -23.09
C GLU A 231 17.79 -38.64 -24.40
N LEU A 232 17.75 -37.33 -24.63
CA LEU A 232 18.50 -36.70 -25.74
C LEU A 232 20.03 -36.76 -25.55
N VAL A 233 20.50 -36.46 -24.35
CA VAL A 233 21.93 -36.51 -24.04
C VAL A 233 22.46 -37.94 -24.09
N ARG A 234 21.69 -38.87 -23.54
CA ARG A 234 22.02 -40.30 -23.62
C ARG A 234 22.08 -40.81 -25.05
N ARG A 235 21.15 -40.37 -25.90
CA ARG A 235 21.10 -40.83 -27.29
C ARG A 235 22.22 -40.25 -28.15
N ASP A 236 22.58 -38.98 -27.88
CA ASP A 236 23.78 -38.35 -28.45
C ASP A 236 25.08 -39.00 -27.99
N GLY A 237 25.05 -39.64 -26.83
CA GLY A 237 26.17 -40.42 -26.32
C GLY A 237 27.24 -39.55 -25.72
N ILE A 238 26.82 -38.52 -24.95
CA ILE A 238 27.76 -37.52 -24.41
C ILE A 238 28.58 -38.15 -23.29
N ASP A 239 29.89 -38.04 -23.40
CA ASP A 239 30.83 -38.58 -22.39
C ASP A 239 31.10 -37.58 -21.27
N ILE A 240 31.21 -36.31 -21.64
CA ILE A 240 31.48 -35.23 -20.71
C ILE A 240 30.42 -34.16 -20.95
N LEU A 241 29.57 -33.92 -19.94
CA LEU A 241 28.55 -32.88 -20.04
C LEU A 241 28.99 -31.75 -19.15
N VAL A 242 28.92 -30.52 -19.69
CA VAL A 242 29.43 -29.34 -18.99
C VAL A 242 28.33 -28.32 -18.74
N ASP A 243 28.16 -28.00 -17.46
CA ASP A 243 27.24 -26.94 -17.01
C ASP A 243 27.98 -25.62 -17.12
N LEU A 244 27.57 -24.82 -18.09
CA LEU A 244 28.12 -23.49 -18.28
C LEU A 244 27.37 -22.41 -17.51
N SER A 245 26.10 -22.66 -17.15
CA SER A 245 25.26 -21.61 -16.55
C SER A 245 25.37 -21.47 -15.03
N TRP A 246 25.40 -22.60 -14.32
CA TRP A 246 25.41 -22.64 -12.83
C TRP A 246 24.12 -21.99 -12.31
N HIS A 247 24.01 -21.88 -11.00
CA HIS A 247 22.94 -21.13 -10.36
C HIS A 247 22.67 -19.70 -10.85
N LEU A 248 23.63 -19.05 -11.52
CA LEU A 248 23.51 -17.66 -11.96
C LEU A 248 22.69 -17.54 -13.22
N GLY A 249 22.46 -18.63 -13.94
CA GLY A 249 21.88 -18.53 -15.27
C GLY A 249 20.75 -19.51 -15.46
N MET A 250 20.22 -19.55 -16.67
CA MET A 250 19.17 -20.49 -17.01
C MET A 250 19.77 -21.89 -17.20
N HIS A 251 20.14 -22.49 -16.07
CA HIS A 251 20.82 -23.79 -16.02
C HIS A 251 19.85 -24.93 -16.31
N ARG A 252 20.39 -26.14 -16.31
CA ARG A 252 19.62 -27.35 -16.53
C ARG A 252 20.15 -28.47 -15.62
N LEU A 253 20.23 -28.15 -14.34
CA LEU A 253 20.93 -28.97 -13.35
C LEU A 253 20.12 -30.17 -12.92
N PHE A 254 18.81 -30.15 -13.14
CA PHE A 254 17.99 -31.33 -12.84
C PHE A 254 18.13 -32.40 -13.93
N ALA A 255 18.49 -32.00 -15.14
CA ALA A 255 18.96 -32.95 -16.13
C ALA A 255 20.30 -33.55 -15.68
N PHE A 256 21.23 -32.71 -15.25
CA PHE A 256 22.52 -33.17 -14.66
C PHE A 256 22.30 -34.06 -13.45
N ALA A 257 21.26 -33.77 -12.68
CA ALA A 257 20.96 -34.52 -11.47
C ALA A 257 20.78 -36.00 -11.71
N ARG A 258 20.28 -36.36 -12.90
CA ARG A 258 20.03 -37.76 -13.27
C ARG A 258 21.25 -38.56 -13.77
N ARG A 259 22.41 -37.90 -13.88
CA ARG A 259 23.63 -38.49 -14.45
C ARG A 259 23.46 -39.05 -15.87
N PRO A 260 22.99 -38.23 -16.84
CA PRO A 260 22.91 -38.71 -18.23
C PRO A 260 24.28 -38.98 -18.88
N ALA A 261 25.33 -38.40 -18.31
CA ALA A 261 26.70 -38.63 -18.75
C ALA A 261 27.55 -39.08 -17.56
N PRO A 262 28.56 -39.93 -17.82
CA PRO A 262 29.47 -40.43 -16.78
C PRO A 262 30.48 -39.42 -16.21
N VAL A 263 30.74 -38.34 -16.94
CA VAL A 263 31.58 -37.24 -16.45
C VAL A 263 30.75 -35.96 -16.56
N GLN A 264 30.52 -35.32 -15.43
CA GLN A 264 29.73 -34.10 -15.39
C GLN A 264 30.48 -33.00 -14.66
N VAL A 265 30.57 -31.85 -15.33
CA VAL A 265 31.49 -30.76 -14.99
C VAL A 265 30.76 -29.42 -14.95
N THR A 266 31.07 -28.60 -13.95
CA THR A 266 30.60 -27.21 -13.92
C THR A 266 31.81 -26.27 -14.11
N TRP A 267 31.69 -25.32 -15.03
CA TRP A 267 32.80 -24.46 -15.43
C TRP A 267 32.29 -23.13 -16.01
N LEU A 268 33.08 -22.06 -15.80
CA LEU A 268 32.89 -20.74 -16.43
C LEU A 268 32.07 -19.76 -15.61
N ALA A 269 30.84 -20.14 -15.27
CA ALA A 269 29.94 -19.28 -14.50
C ALA A 269 30.02 -19.56 -13.00
N ALA A 270 30.45 -20.76 -12.64
CA ALA A 270 30.50 -21.17 -11.25
C ALA A 270 31.40 -20.24 -10.48
N ILE A 271 30.86 -19.73 -9.37
CA ILE A 271 31.62 -19.03 -8.32
C ILE A 271 31.63 -19.78 -7.00
N ASN A 272 30.93 -20.91 -6.95
CA ASN A 272 30.90 -21.77 -5.76
C ASN A 272 30.30 -23.13 -6.18
N THR A 273 30.21 -24.06 -5.24
CA THR A 273 29.65 -25.37 -5.50
C THR A 273 28.21 -25.28 -5.97
N THR A 274 27.81 -26.25 -6.80
CA THR A 274 26.41 -26.49 -7.10
C THR A 274 25.67 -27.11 -5.90
N GLY A 275 26.44 -27.76 -5.02
CA GLY A 275 25.91 -28.47 -3.88
C GLY A 275 25.56 -29.92 -4.18
N MET A 276 25.64 -30.31 -5.46
CA MET A 276 25.08 -31.58 -5.94
C MET A 276 26.08 -32.73 -5.84
N ARG A 277 25.58 -33.93 -5.53
CA ARG A 277 26.34 -35.19 -5.68
C ARG A 277 26.60 -35.49 -7.16
N ALA A 278 25.59 -35.24 -8.00
CA ALA A 278 25.64 -35.53 -9.45
C ALA A 278 26.72 -34.77 -10.25
N MET A 279 27.21 -33.64 -9.73
CA MET A 279 28.30 -32.91 -10.37
C MET A 279 29.63 -33.47 -9.89
N ASP A 280 30.42 -34.00 -10.82
CA ASP A 280 31.65 -34.72 -10.49
C ASP A 280 32.78 -33.73 -10.30
N TYR A 281 32.92 -32.82 -11.27
CA TYR A 281 34.04 -31.85 -11.30
C TYR A 281 33.61 -30.39 -11.39
N LEU A 282 34.39 -29.53 -10.77
CA LEU A 282 34.32 -28.09 -10.98
C LEU A 282 35.71 -27.65 -11.47
N VAL A 283 35.79 -27.05 -12.66
CA VAL A 283 37.06 -26.62 -13.28
C VAL A 283 37.45 -25.17 -12.90
N GLY A 284 38.42 -25.02 -12.00
CA GLY A 284 38.94 -23.72 -11.57
C GLY A 284 40.41 -23.56 -11.95
N ASP A 285 41.19 -22.98 -11.03
CA ASP A 285 42.65 -22.90 -11.19
C ASP A 285 43.34 -22.70 -9.84
N GLN A 286 44.68 -22.69 -9.84
CA GLN A 286 45.46 -22.79 -8.60
C GLN A 286 45.42 -21.55 -7.72
N HIS A 287 45.28 -20.38 -8.33
CA HIS A 287 45.09 -19.13 -7.60
C HIS A 287 43.62 -18.93 -7.21
N LEU A 288 42.72 -19.30 -8.13
CA LEU A 288 41.28 -19.13 -7.95
C LEU A 288 40.67 -19.95 -6.79
N CYS A 289 41.18 -21.18 -6.60
CA CYS A 289 40.66 -22.12 -5.59
C CYS A 289 41.74 -22.37 -4.54
N PRO A 290 41.65 -21.72 -3.36
CA PRO A 290 42.77 -21.79 -2.38
C PRO A 290 42.99 -23.16 -1.77
N PRO A 291 44.18 -23.42 -1.18
CA PRO A 291 44.58 -24.74 -0.65
C PRO A 291 43.56 -25.56 0.17
N GLY A 292 42.94 -24.97 1.21
CA GLY A 292 42.05 -25.72 2.11
C GLY A 292 40.55 -25.65 1.79
N SER A 293 40.24 -25.51 0.49
CA SER A 293 38.92 -25.09 0.00
C SER A 293 37.96 -26.25 -0.33
N ASP A 294 38.50 -27.46 -0.40
CA ASP A 294 37.82 -28.59 -1.05
C ASP A 294 36.59 -29.09 -0.31
N GLU A 295 36.67 -29.12 1.02
CA GLU A 295 35.52 -29.48 1.88
C GLU A 295 34.25 -28.65 1.58
N LEU A 296 34.41 -27.42 1.08
CA LEU A 296 33.28 -26.58 0.67
C LEU A 296 32.59 -27.00 -0.64
N TYR A 297 33.11 -28.02 -1.33
CA TYR A 297 32.60 -28.41 -2.65
C TYR A 297 32.28 -29.89 -2.72
N THR A 298 31.07 -30.21 -3.16
CA THR A 298 30.70 -31.60 -3.48
C THR A 298 31.50 -32.09 -4.69
N GLU A 299 31.70 -31.21 -5.65
CA GLU A 299 32.51 -31.52 -6.83
C GLU A 299 33.98 -31.68 -6.43
N ARG A 300 34.74 -32.42 -7.22
CA ARG A 300 36.20 -32.41 -7.09
C ARG A 300 36.73 -31.21 -7.86
N LEU A 301 37.53 -30.39 -7.18
CA LEU A 301 38.10 -29.20 -7.79
C LEU A 301 39.24 -29.62 -8.74
N VAL A 302 39.22 -29.05 -9.94
CA VAL A 302 40.25 -29.27 -10.95
C VAL A 302 41.00 -27.96 -11.09
N ARG A 303 42.14 -27.86 -10.41
CA ARG A 303 42.92 -26.62 -10.40
C ARG A 303 43.91 -26.57 -11.57
N LEU A 304 43.45 -26.05 -12.71
CA LEU A 304 44.33 -25.86 -13.87
C LEU A 304 45.57 -25.00 -13.48
N SER A 305 46.71 -25.29 -14.12
CA SER A 305 47.98 -24.58 -13.85
C SER A 305 48.16 -23.31 -14.71
N ARG A 306 47.05 -22.78 -15.23
CA ARG A 306 46.97 -21.47 -15.85
C ARG A 306 45.65 -20.82 -15.33
N PHE A 307 45.31 -19.64 -15.84
CA PHE A 307 44.04 -18.98 -15.53
C PHE A 307 42.88 -19.84 -16.02
N TYR A 308 41.77 -19.87 -15.26
CA TYR A 308 40.66 -20.79 -15.57
C TYR A 308 39.82 -20.43 -16.80
N LEU A 309 40.16 -19.37 -17.53
CA LEU A 309 39.43 -18.94 -18.72
C LEU A 309 40.40 -18.54 -19.84
N PRO A 310 39.91 -18.53 -21.10
CA PRO A 310 40.73 -18.01 -22.22
C PRO A 310 40.72 -16.47 -22.30
N CYS A 311 41.91 -15.87 -22.27
CA CYS A 311 42.10 -14.40 -22.24
C CYS A 311 42.32 -13.71 -23.60
N ASN A 312 42.25 -14.44 -24.70
CA ASN A 312 42.42 -13.82 -26.03
C ASN A 312 41.26 -12.88 -26.37
N PRO A 313 41.56 -11.67 -26.86
CA PRO A 313 40.52 -10.67 -27.07
C PRO A 313 39.76 -10.86 -28.38
N PRO A 314 38.59 -10.24 -28.53
CA PRO A 314 37.88 -10.33 -29.80
C PRO A 314 38.61 -9.59 -30.93
N PRO A 315 38.24 -9.86 -32.19
CA PRO A 315 38.90 -9.19 -33.31
C PRO A 315 38.58 -7.68 -33.40
N ASP A 316 37.34 -7.29 -33.07
CA ASP A 316 36.89 -5.89 -33.19
C ASP A 316 37.26 -5.00 -31.98
N LEU A 317 38.49 -5.15 -31.47
CA LEU A 317 38.92 -4.45 -30.24
C LEU A 317 39.22 -2.98 -30.56
N PRO A 318 38.62 -2.03 -29.81
CA PRO A 318 38.75 -0.59 -30.14
C PRO A 318 40.15 -0.05 -30.37
N GLY A 319 41.15 -0.60 -29.68
CA GLY A 319 42.52 -0.14 -29.84
C GLY A 319 42.77 1.12 -29.04
N TRP A 320 43.99 1.18 -28.48
CA TRP A 320 44.29 2.11 -27.41
C TRP A 320 44.42 3.53 -27.93
N ALA A 321 44.05 4.49 -27.09
CA ALA A 321 44.18 5.92 -27.40
C ALA A 321 45.51 6.41 -26.79
N PRO A 322 45.96 7.62 -27.16
CA PRO A 322 47.19 8.15 -26.52
C PRO A 322 47.02 8.68 -25.06
N ALA A 323 46.01 8.16 -24.32
CA ALA A 323 45.55 8.67 -23.01
C ALA A 323 44.69 9.92 -23.17
N ASP A 324 43.43 9.88 -22.70
CA ASP A 324 42.47 11.01 -22.73
C ASP A 324 41.89 11.23 -24.13
N GLY A 329 39.60 15.81 -13.90
CA GLY A 329 40.70 15.71 -12.95
C GLY A 329 41.39 14.34 -12.99
N PHE A 330 42.70 14.33 -12.79
CA PHE A 330 43.51 13.12 -12.72
C PHE A 330 43.59 12.72 -11.24
N PRO A 331 43.53 11.43 -10.90
CA PRO A 331 43.24 10.30 -11.79
C PRO A 331 41.75 10.00 -11.87
N VAL A 332 41.32 9.45 -13.00
CA VAL A 332 39.96 8.91 -13.13
C VAL A 332 40.01 7.43 -12.78
N PHE A 333 39.42 7.07 -11.64
CA PHE A 333 39.18 5.66 -11.30
C PHE A 333 37.91 5.14 -11.98
N GLY A 334 37.88 3.84 -12.26
CA GLY A 334 36.77 3.21 -12.99
C GLY A 334 36.36 1.84 -12.43
N CYS A 335 35.05 1.56 -12.47
CA CYS A 335 34.52 0.24 -12.10
C CYS A 335 33.25 -0.05 -12.88
N PHE A 336 33.35 -0.89 -13.90
CA PHE A 336 32.23 -1.15 -14.81
C PHE A 336 31.47 -2.45 -14.48
N ASN A 337 31.33 -2.71 -13.18
CA ASN A 337 30.67 -3.91 -12.68
C ASN A 337 29.18 -3.69 -12.34
N ARG A 338 28.42 -4.80 -12.40
CA ARG A 338 27.03 -4.87 -11.97
C ARG A 338 26.84 -4.24 -10.58
N LEU A 339 25.67 -3.62 -10.39
CA LEU A 339 25.40 -2.89 -9.15
C LEU A 339 25.29 -3.79 -7.91
N SER A 340 24.93 -5.05 -8.12
CA SER A 340 24.90 -6.05 -7.03
C SER A 340 26.27 -6.24 -6.35
N MET A 341 27.34 -6.01 -7.11
CA MET A 341 28.70 -6.18 -6.62
C MET A 341 29.22 -4.96 -5.86
N ILE A 342 28.58 -3.81 -6.05
CA ILE A 342 28.94 -2.54 -5.39
C ILE A 342 28.05 -2.32 -4.16
N GLY A 343 28.48 -2.88 -3.03
CA GLY A 343 27.80 -2.69 -1.74
C GLY A 343 28.63 -1.95 -0.70
N PRO A 344 28.14 -1.90 0.56
CA PRO A 344 28.74 -1.12 1.65
C PRO A 344 30.23 -1.34 1.90
N GLU A 345 30.69 -2.58 1.78
CA GLU A 345 32.10 -2.90 1.98
C GLU A 345 32.99 -2.17 0.96
N VAL A 346 32.59 -2.16 -0.32
CA VAL A 346 33.41 -1.52 -1.38
C VAL A 346 33.35 -0.01 -1.26
N LEU A 347 32.13 0.52 -1.17
CA LEU A 347 31.90 1.96 -1.02
C LEU A 347 32.70 2.61 0.12
N ASP A 348 32.85 1.91 1.24
CA ASP A 348 33.71 2.40 2.33
C ASP A 348 35.15 2.63 1.85
N LEU A 349 35.70 1.68 1.10
CA LEU A 349 37.07 1.75 0.59
C LEU A 349 37.23 2.80 -0.50
N TRP A 350 36.31 2.80 -1.46
CA TRP A 350 36.34 3.78 -2.56
C TRP A 350 36.25 5.23 -2.06
N ALA A 351 35.52 5.45 -0.97
CA ALA A 351 35.43 6.75 -0.34
C ALA A 351 36.78 7.16 0.25
N LYS A 352 37.43 6.25 0.98
CA LYS A 352 38.75 6.52 1.60
C LYS A 352 39.84 6.84 0.58
N ILE A 353 39.82 6.15 -0.55
CA ILE A 353 40.67 6.47 -1.70
C ILE A 353 40.37 7.89 -2.22
N LEU A 354 39.09 8.23 -2.37
CA LEU A 354 38.71 9.54 -2.91
C LEU A 354 38.95 10.72 -1.95
N LEU A 355 38.99 10.46 -0.64
CA LEU A 355 39.38 11.50 0.34
C LEU A 355 40.86 11.77 0.22
N ALA A 356 41.66 10.70 0.16
CA ALA A 356 43.12 10.79 0.08
C ALA A 356 43.66 11.27 -1.26
N LEU A 357 42.85 11.22 -2.31
CA LEU A 357 43.20 11.80 -3.62
C LEU A 357 42.09 12.76 -4.02
N PRO A 358 42.05 13.95 -3.36
CA PRO A 358 40.85 14.81 -3.35
C PRO A 358 40.39 15.39 -4.70
N ARG A 359 41.22 15.25 -5.75
CA ARG A 359 40.85 15.66 -7.11
C ARG A 359 40.35 14.48 -7.98
N ALA A 360 40.59 13.24 -7.53
CA ALA A 360 40.24 12.05 -8.31
C ALA A 360 38.73 11.90 -8.48
N ARG A 361 38.33 11.33 -9.61
CA ARG A 361 36.93 11.09 -9.94
C ARG A 361 36.73 9.60 -10.13
N LEU A 362 35.54 9.08 -9.79
CA LEU A 362 35.18 7.67 -9.96
C LEU A 362 34.09 7.51 -11.01
N ARG A 363 34.30 6.58 -11.93
CA ARG A 363 33.44 6.38 -13.09
C ARG A 363 32.79 4.99 -13.06
N LEU A 364 31.49 4.93 -12.78
CA LEU A 364 30.75 3.67 -12.80
C LEU A 364 29.89 3.58 -14.04
N ILE A 365 29.85 2.39 -14.64
CA ILE A 365 28.98 2.12 -15.79
C ILE A 365 28.33 0.77 -15.58
N ALA A 366 27.00 0.75 -15.53
CA ALA A 366 26.24 -0.45 -15.21
C ALA A 366 24.75 -0.27 -15.55
N THR A 367 24.02 -1.37 -15.53
CA THR A 367 22.59 -1.35 -15.81
C THR A 367 21.90 -0.86 -14.56
N GLY A 368 20.92 0.02 -14.73
CA GLY A 368 20.23 0.64 -13.60
C GLY A 368 20.60 2.09 -13.39
N LEU A 369 21.77 2.50 -13.88
CA LEU A 369 22.22 3.88 -13.75
C LEU A 369 21.50 4.88 -14.64
N GLN A 370 20.73 4.40 -15.62
CA GLN A 370 19.78 5.25 -16.35
C GLN A 370 18.66 5.85 -15.47
N ASP A 371 18.31 5.19 -14.35
CA ASP A 371 17.25 5.65 -13.43
C ASP A 371 17.80 6.63 -12.41
N PRO A 372 17.21 7.85 -12.32
CA PRO A 372 17.62 8.82 -11.30
C PRO A 372 17.55 8.36 -9.85
N VAL A 373 16.65 7.42 -9.54
CA VAL A 373 16.48 6.94 -8.16
C VAL A 373 17.71 6.18 -7.70
N THR A 374 18.21 5.28 -8.56
CA THR A 374 19.33 4.40 -8.21
C THR A 374 20.69 5.13 -8.27
N SER A 375 20.85 6.07 -9.21
CA SER A 375 22.05 6.93 -9.24
C SER A 375 22.08 7.92 -8.08
N SER A 376 20.94 8.51 -7.75
CA SER A 376 20.83 9.38 -6.57
C SER A 376 21.21 8.66 -5.28
N ARG A 377 20.64 7.46 -5.09
CA ARG A 377 20.96 6.64 -3.90
C ARG A 377 22.47 6.34 -3.78
N LEU A 378 23.12 6.13 -4.92
CA LEU A 378 24.56 5.86 -4.96
C LEU A 378 25.38 7.12 -4.64
N MET A 379 24.97 8.25 -5.25
CA MET A 379 25.55 9.57 -4.93
C MET A 379 25.42 9.89 -3.44
N ARG A 380 24.23 9.70 -2.89
CA ARG A 380 24.01 9.95 -1.47
C ARG A 380 24.82 9.00 -0.58
N ALA A 381 24.94 7.75 -1.00
CA ALA A 381 25.74 6.77 -0.26
C ALA A 381 27.18 7.25 -0.12
N LEU A 382 27.74 7.84 -1.18
CA LEU A 382 29.08 8.41 -1.11
C LEU A 382 29.19 9.69 -0.27
N GLU A 383 28.23 10.61 -0.40
CA GLU A 383 28.21 11.84 0.43
C GLU A 383 28.19 11.52 1.92
N GLY A 384 27.42 10.51 2.29
CA GLY A 384 27.41 9.99 3.67
C GLY A 384 28.75 9.51 4.20
N ARG A 385 29.65 9.13 3.30
CA ARG A 385 31.05 8.80 3.63
C ARG A 385 32.04 9.97 3.39
N GLY A 386 31.51 11.20 3.31
CA GLY A 386 32.32 12.43 3.24
C GLY A 386 32.87 12.82 1.87
N VAL A 387 32.31 12.25 0.81
CA VAL A 387 32.83 12.42 -0.55
C VAL A 387 31.77 13.15 -1.38
N ALA A 388 32.14 14.26 -2.01
CA ALA A 388 31.20 15.06 -2.77
C ALA A 388 30.65 14.24 -3.93
N GLY A 389 29.32 14.27 -4.10
CA GLY A 389 28.62 13.42 -5.07
C GLY A 389 28.90 13.77 -6.52
N GLU A 390 29.27 15.02 -6.79
CA GLU A 390 29.65 15.45 -8.15
C GLU A 390 30.95 14.79 -8.66
N ARG A 391 31.83 14.33 -7.75
CA ARG A 391 33.07 13.63 -8.15
C ARG A 391 32.78 12.23 -8.70
N LEU A 392 31.60 11.71 -8.39
CA LEU A 392 31.12 10.41 -8.85
C LEU A 392 30.33 10.58 -10.14
N GLU A 393 30.82 10.01 -11.24
CA GLU A 393 30.10 10.08 -12.54
C GLU A 393 29.54 8.72 -13.02
N LEU A 394 28.20 8.63 -13.04
CA LEU A 394 27.46 7.40 -13.33
C LEU A 394 26.90 7.46 -14.74
N LEU A 395 27.03 6.35 -15.48
CA LEU A 395 26.63 6.30 -16.88
C LEU A 395 25.71 5.10 -17.18
N SER A 396 24.75 5.34 -18.08
CA SER A 396 23.86 4.28 -18.55
C SER A 396 24.65 3.27 -19.38
N PRO A 397 24.18 2.01 -19.45
CA PRO A 397 24.98 0.98 -20.13
C PRO A 397 25.07 1.15 -21.66
N MET A 398 26.14 0.57 -22.23
CA MET A 398 26.50 0.74 -23.65
C MET A 398 26.75 -0.58 -24.36
N PRO A 399 26.77 -0.57 -25.71
CA PRO A 399 27.30 -1.70 -26.48
C PRO A 399 28.73 -2.08 -26.06
N ARG A 400 29.13 -3.31 -26.38
CA ARG A 400 30.41 -3.89 -25.93
C ARG A 400 31.65 -3.05 -26.34
N THR A 401 31.81 -2.77 -27.63
CA THR A 401 32.98 -2.00 -28.11
C THR A 401 32.95 -0.54 -27.66
N ASP A 402 31.77 0.04 -27.52
CA ASP A 402 31.62 1.38 -26.95
C ASP A 402 32.11 1.42 -25.50
N LEU A 403 31.83 0.35 -24.73
CA LEU A 403 32.29 0.27 -23.34
C LEU A 403 33.79 0.05 -23.25
N LEU A 404 34.30 -0.88 -24.04
CA LEU A 404 35.76 -1.06 -24.17
C LEU A 404 36.48 0.27 -24.47
N ALA A 405 35.93 1.05 -25.40
CA ALA A 405 36.51 2.34 -25.79
C ALA A 405 36.60 3.35 -24.63
N THR A 406 35.65 3.32 -23.69
CA THR A 406 35.67 4.26 -22.54
C THR A 406 36.73 3.91 -21.49
N TYR A 407 37.39 2.77 -21.60
CA TYR A 407 38.59 2.50 -20.79
C TYR A 407 39.76 3.44 -21.12
N ASN A 408 39.79 3.96 -22.35
CA ASN A 408 40.78 4.96 -22.75
C ASN A 408 40.77 6.20 -21.87
N ASP A 409 39.59 6.55 -21.35
CA ASP A 409 39.43 7.67 -20.42
C ASP A 409 39.59 7.29 -18.94
N ILE A 410 40.06 6.07 -18.64
CA ILE A 410 40.24 5.58 -17.27
C ILE A 410 41.72 5.29 -17.03
N ASP A 411 42.24 5.75 -15.91
CA ASP A 411 43.65 5.53 -15.56
C ASP A 411 43.85 4.22 -14.80
N VAL A 412 42.95 3.95 -13.86
CA VAL A 412 43.01 2.77 -12.99
C VAL A 412 41.60 2.18 -12.84
N ALA A 413 41.49 0.85 -12.91
CA ALA A 413 40.22 0.16 -12.64
C ALA A 413 40.20 -0.41 -11.23
N LEU A 414 39.05 -0.31 -10.58
CA LEU A 414 38.86 -0.84 -9.22
C LEU A 414 37.91 -2.02 -9.28
N ASP A 415 38.29 -3.12 -8.64
CA ASP A 415 37.48 -4.34 -8.62
C ASP A 415 36.63 -4.40 -7.37
N THR A 416 35.50 -5.09 -7.46
CA THR A 416 34.55 -5.18 -6.34
C THR A 416 34.90 -6.28 -5.33
N LEU A 417 34.34 -6.14 -4.15
CA LEU A 417 34.38 -7.16 -3.10
C LEU A 417 33.01 -7.18 -2.38
N PRO A 418 32.63 -8.28 -1.75
CA PRO A 418 33.34 -9.57 -1.75
C PRO A 418 33.21 -10.42 -3.02
N TYR A 419 32.32 -10.02 -3.94
CA TYR A 419 32.14 -10.70 -5.22
C TYR A 419 33.05 -9.98 -6.24
N SER A 420 34.17 -10.63 -6.55
CA SER A 420 35.13 -10.08 -7.50
C SER A 420 34.62 -10.20 -8.91
N GLY A 421 34.89 -9.17 -9.71
CA GLY A 421 34.55 -9.18 -11.12
C GLY A 421 35.44 -10.15 -11.87
N CYS A 422 35.17 -10.32 -13.16
CA CYS A 422 35.93 -11.26 -13.97
C CYS A 422 36.10 -10.72 -15.36
N THR A 423 35.01 -10.64 -16.11
CA THR A 423 35.14 -10.25 -17.51
C THR A 423 35.37 -8.74 -17.63
N THR A 424 34.87 -7.93 -16.68
CA THR A 424 35.16 -6.49 -16.70
C THR A 424 36.64 -6.26 -16.41
N SER A 425 37.20 -7.04 -15.50
CA SER A 425 38.64 -6.94 -15.19
C SER A 425 39.50 -7.31 -16.39
N LEU A 426 39.13 -8.40 -17.07
CA LEU A 426 39.82 -8.83 -18.27
C LEU A 426 39.69 -7.77 -19.37
N GLU A 427 38.48 -7.21 -19.52
CA GLU A 427 38.26 -6.15 -20.49
C GLU A 427 39.14 -4.93 -20.24
N ALA A 428 39.34 -4.59 -18.97
CA ALA A 428 40.21 -3.47 -18.59
C ALA A 428 41.64 -3.73 -19.05
N LEU A 429 42.17 -4.88 -18.67
CA LEU A 429 43.53 -5.27 -19.08
C LEU A 429 43.69 -5.25 -20.62
N TRP A 430 42.71 -5.76 -21.35
CA TRP A 430 42.73 -5.68 -22.83
C TRP A 430 42.94 -4.26 -23.37
N MET A 431 42.44 -3.25 -22.63
CA MET A 431 42.60 -1.83 -22.96
C MET A 431 43.77 -1.13 -22.21
N GLY A 432 44.72 -1.91 -21.71
CA GLY A 432 45.88 -1.36 -21.04
C GLY A 432 45.61 -0.57 -19.77
N VAL A 433 44.53 -0.90 -19.07
CA VAL A 433 44.18 -0.28 -17.80
C VAL A 433 44.47 -1.30 -16.70
N PRO A 434 45.27 -0.92 -15.68
CA PRO A 434 45.47 -1.82 -14.55
C PRO A 434 44.23 -1.92 -13.65
N VAL A 435 44.13 -3.02 -12.90
CA VAL A 435 42.99 -3.32 -12.04
C VAL A 435 43.49 -3.62 -10.64
N VAL A 436 42.96 -2.90 -9.64
CA VAL A 436 43.26 -3.18 -8.24
C VAL A 436 42.15 -4.08 -7.68
N THR A 437 42.52 -5.09 -6.90
CA THR A 437 41.57 -6.06 -6.33
C THR A 437 41.95 -6.44 -4.91
N LEU A 438 40.99 -6.98 -4.18
CA LEU A 438 41.25 -7.74 -2.96
C LEU A 438 41.20 -9.24 -3.28
N GLU A 439 42.20 -9.98 -2.82
CA GLU A 439 42.19 -11.44 -2.90
C GLU A 439 41.41 -11.92 -1.68
N GLY A 440 40.16 -12.33 -1.90
CA GLY A 440 39.33 -12.93 -0.84
C GLY A 440 39.74 -14.37 -0.55
N ALA A 441 39.38 -14.88 0.61
CA ALA A 441 39.73 -16.25 1.04
C ALA A 441 38.59 -17.17 0.62
N ASP A 442 38.34 -17.21 -0.68
CA ASP A 442 37.01 -17.50 -1.20
C ASP A 442 37.04 -17.43 -2.73
N MET A 443 36.53 -18.46 -3.38
CA MET A 443 36.55 -18.49 -4.85
C MET A 443 35.82 -17.30 -5.48
N ALA A 444 34.65 -16.95 -4.95
CA ALA A 444 33.84 -15.85 -5.50
C ALA A 444 34.53 -14.48 -5.45
N GLY A 445 35.45 -14.31 -4.49
CA GLY A 445 36.30 -13.12 -4.39
C GLY A 445 37.72 -13.26 -4.92
N ARG A 446 37.91 -14.09 -5.97
CA ARG A 446 39.25 -14.39 -6.52
C ARG A 446 39.35 -14.48 -8.05
N ALA A 447 38.29 -14.13 -8.78
CA ALA A 447 38.36 -14.20 -10.23
C ALA A 447 39.45 -13.25 -10.78
N THR A 448 39.56 -12.06 -10.18
CA THR A 448 40.55 -11.08 -10.62
C THR A 448 41.91 -11.30 -9.97
N SER A 449 41.92 -11.64 -8.68
CA SER A 449 43.18 -11.96 -8.02
C SER A 449 43.95 -13.00 -8.87
N SER A 450 43.26 -14.04 -9.32
CA SER A 450 43.87 -15.09 -10.15
C SER A 450 44.37 -14.53 -11.48
N LEU A 451 43.46 -13.90 -12.24
CA LEU A 451 43.78 -13.27 -13.54
C LEU A 451 45.07 -12.47 -13.45
N LEU A 452 45.12 -11.55 -12.48
CA LEU A 452 46.27 -10.67 -12.29
C LEU A 452 47.56 -11.44 -11.96
N ARG A 453 47.48 -12.43 -11.07
CA ARG A 453 48.64 -13.27 -10.74
C ARG A 453 49.19 -14.00 -11.98
N TRP A 454 48.30 -14.63 -12.76
CA TRP A 454 48.68 -15.32 -14.00
C TRP A 454 49.21 -14.39 -15.10
N ALA A 455 48.85 -13.12 -15.07
CA ALA A 455 49.33 -12.15 -16.07
C ALA A 455 50.56 -11.33 -15.59
N GLY A 456 51.20 -11.75 -14.50
CA GLY A 456 52.40 -11.06 -13.98
C GLY A 456 52.14 -9.91 -13.04
N LEU A 457 50.88 -9.49 -12.89
CA LEU A 457 50.53 -8.27 -12.16
C LEU A 457 50.13 -8.53 -10.69
N GLN A 458 50.94 -9.32 -9.97
CA GLN A 458 50.69 -9.61 -8.55
C GLN A 458 50.82 -8.39 -7.62
N GLU A 459 51.48 -7.34 -8.10
CA GLU A 459 51.61 -6.08 -7.34
C GLU A 459 50.29 -5.31 -7.25
N LEU A 460 49.31 -5.65 -8.10
CA LEU A 460 47.96 -5.10 -8.01
C LEU A 460 46.97 -5.96 -7.18
N VAL A 461 47.48 -6.88 -6.36
CA VAL A 461 46.64 -7.83 -5.63
C VAL A 461 46.84 -7.64 -4.13
N SER A 462 45.87 -7.03 -3.47
CA SER A 462 45.91 -6.83 -2.03
C SER A 462 45.39 -8.06 -1.30
N ARG A 463 45.93 -8.32 -0.12
CA ARG A 463 45.43 -9.37 0.78
C ARG A 463 44.62 -8.76 1.95
N THR A 464 44.63 -7.43 2.09
CA THR A 464 43.81 -6.72 3.08
C THR A 464 43.19 -5.47 2.48
N GLN A 465 42.14 -4.98 3.14
CA GLN A 465 41.39 -3.84 2.65
C GLN A 465 42.20 -2.56 2.70
N GLU A 466 43.06 -2.41 3.71
CA GLU A 466 43.90 -1.21 3.78
C GLU A 466 45.05 -1.28 2.76
N GLU A 467 45.47 -2.49 2.41
CA GLU A 467 46.44 -2.70 1.32
C GLU A 467 45.82 -2.40 -0.05
N TYR A 468 44.53 -2.69 -0.18
CA TYR A 468 43.74 -2.35 -1.39
C TYR A 468 43.82 -0.85 -1.64
N ILE A 469 43.57 -0.06 -0.59
CA ILE A 469 43.62 1.41 -0.66
C ILE A 469 45.02 1.87 -1.07
N ASP A 470 46.05 1.39 -0.37
CA ASP A 470 47.46 1.78 -0.61
C ASP A 470 47.91 1.55 -2.04
N ILE A 471 47.53 0.42 -2.63
CA ILE A 471 47.86 0.11 -4.02
C ILE A 471 47.19 1.12 -4.97
N ALA A 472 45.93 1.43 -4.71
CA ALA A 472 45.17 2.40 -5.53
C ALA A 472 45.72 3.83 -5.40
N LEU A 473 46.14 4.19 -4.19
CA LEU A 473 46.82 5.47 -3.93
C LEU A 473 48.16 5.56 -4.66
N GLY A 474 48.99 4.53 -4.51
CA GLY A 474 50.28 4.43 -5.20
C GLY A 474 50.20 4.61 -6.71
N LEU A 475 49.16 4.05 -7.33
CA LEU A 475 48.94 4.19 -8.77
C LEU A 475 48.40 5.55 -9.18
N GLY A 476 47.57 6.17 -8.33
CA GLY A 476 47.03 7.50 -8.60
C GLY A 476 48.07 8.61 -8.55
N ARG A 477 49.14 8.39 -7.79
CA ARG A 477 50.22 9.36 -7.66
C ARG A 477 51.30 9.18 -8.74
N ASP A 478 51.94 8.01 -8.77
CA ASP A 478 53.09 7.77 -9.69
C ASP A 478 52.70 7.52 -11.17
N LEU A 479 53.00 8.50 -12.03
CA LEU A 479 52.83 8.37 -13.49
C LEU A 479 53.71 7.27 -14.11
N GLY A 480 54.88 7.03 -13.51
CA GLY A 480 55.85 6.08 -14.04
C GLY A 480 55.38 4.64 -13.97
N THR A 481 54.92 4.22 -12.79
CA THR A 481 54.39 2.86 -12.59
C THR A 481 53.16 2.62 -13.47
N LEU A 482 52.36 3.66 -13.71
CA LEU A 482 51.29 3.61 -14.71
C LEU A 482 51.76 3.29 -16.13
N ALA A 483 52.83 3.97 -16.55
CA ALA A 483 53.41 3.76 -17.88
C ALA A 483 54.16 2.44 -17.98
N ARG A 484 54.73 1.96 -16.86
CA ARG A 484 55.30 0.62 -16.79
C ARG A 484 54.22 -0.45 -16.99
N LEU A 485 53.15 -0.32 -16.21
CA LEU A 485 52.02 -1.25 -16.29
C LEU A 485 51.28 -1.17 -17.63
N ARG A 486 51.12 0.02 -18.20
CA ARG A 486 50.51 0.11 -19.55
C ARG A 486 51.30 -0.65 -20.63
N GLU A 487 52.62 -0.71 -20.48
CA GLU A 487 53.49 -1.47 -21.39
C GLU A 487 53.49 -2.97 -21.10
N HIS A 488 53.48 -3.31 -19.82
CA HIS A 488 53.32 -4.71 -19.40
C HIS A 488 52.06 -5.31 -20.05
N LEU A 489 50.96 -4.55 -20.00
CA LEU A 489 49.70 -4.95 -20.63
C LEU A 489 49.77 -4.98 -22.16
N ARG A 490 50.51 -4.07 -22.77
CA ARG A 490 50.67 -4.05 -24.24
C ARG A 490 51.34 -5.33 -24.72
N ARG A 491 52.37 -5.76 -23.98
CA ARG A 491 53.08 -7.01 -24.29
C ARG A 491 52.23 -8.23 -23.97
N TRP A 492 51.61 -8.22 -22.79
CA TRP A 492 50.68 -9.27 -22.40
C TRP A 492 49.54 -9.43 -23.44
N LEU A 493 48.89 -8.32 -23.83
CA LEU A 493 47.81 -8.34 -24.84
C LEU A 493 48.20 -9.11 -26.10
N ARG A 494 49.38 -8.79 -26.63
CA ARG A 494 49.90 -9.38 -27.87
C ARG A 494 50.20 -10.87 -27.72
N SER A 495 50.87 -11.22 -26.63
CA SER A 495 51.19 -12.61 -26.26
C SER A 495 49.93 -13.48 -26.16
N VAL A 496 48.93 -12.93 -25.48
CA VAL A 496 47.64 -13.58 -25.26
C VAL A 496 46.80 -13.63 -26.54
N SER A 497 46.87 -12.58 -27.38
CA SER A 497 46.21 -12.59 -28.70
C SER A 497 46.68 -13.73 -29.61
N MET A 498 47.94 -14.12 -29.45
CA MET A 498 48.60 -15.05 -30.33
C MET A 498 48.41 -16.49 -29.88
N SER A 499 48.74 -16.79 -28.63
CA SER A 499 48.80 -18.17 -28.13
C SER A 499 47.61 -18.64 -27.27
N ASP A 500 46.93 -17.72 -26.58
CA ASP A 500 46.10 -18.08 -25.41
C ASP A 500 44.85 -18.91 -25.69
N GLN A 501 44.18 -18.64 -26.81
CA GLN A 501 43.07 -19.47 -27.28
C GLN A 501 43.44 -20.95 -27.26
N GLY A 502 44.41 -21.33 -28.10
CA GLY A 502 44.86 -22.72 -28.22
C GLY A 502 45.58 -23.23 -26.99
N SER A 503 46.30 -22.35 -26.30
CA SER A 503 47.01 -22.72 -25.09
C SER A 503 46.03 -23.12 -23.98
N PHE A 504 44.96 -22.34 -23.80
CA PHE A 504 43.93 -22.64 -22.80
C PHE A 504 43.17 -23.94 -23.11
N THR A 505 42.64 -24.07 -24.32
CA THR A 505 41.73 -25.19 -24.60
C THR A 505 42.49 -26.51 -24.60
N ALA A 506 43.78 -26.49 -24.89
CA ALA A 506 44.62 -27.69 -24.73
C ALA A 506 44.73 -28.07 -23.25
N GLU A 507 44.92 -27.09 -22.37
CA GLU A 507 44.98 -27.36 -20.92
C GLU A 507 43.65 -27.90 -20.34
N LEU A 508 42.52 -27.43 -20.90
CA LEU A 508 41.19 -27.89 -20.53
C LEU A 508 40.95 -29.32 -21.04
N GLU A 509 41.21 -29.52 -22.32
CA GLU A 509 41.21 -30.87 -22.92
C GLU A 509 42.07 -31.86 -22.15
N ASP A 510 43.23 -31.42 -21.68
CA ASP A 510 44.07 -32.24 -20.79
C ASP A 510 43.31 -32.62 -19.51
N ALA A 511 42.54 -31.67 -18.95
CA ALA A 511 41.70 -31.93 -17.77
C ALA A 511 40.51 -32.86 -18.07
N TYR A 512 39.78 -32.60 -19.16
CA TYR A 512 38.72 -33.53 -19.63
C TYR A 512 39.23 -34.96 -19.83
N ARG A 513 40.42 -35.11 -20.39
CA ARG A 513 41.00 -36.42 -20.63
C ARG A 513 41.28 -37.16 -19.32
N ARG A 514 41.78 -36.45 -18.33
CA ARG A 514 42.13 -37.06 -17.06
C ARG A 514 40.89 -37.38 -16.21
N MET A 515 39.82 -36.60 -16.41
CA MET A 515 38.50 -36.95 -15.88
C MET A 515 38.00 -38.25 -16.50
N TRP A 516 38.16 -38.37 -17.81
CA TRP A 516 37.72 -39.54 -18.56
C TRP A 516 38.54 -40.79 -18.24
N ARG A 517 39.87 -40.66 -18.24
CA ARG A 517 40.74 -41.77 -17.83
C ARG A 517 40.27 -42.31 -16.48
N ASP A 518 40.13 -41.42 -15.50
CA ASP A 518 39.72 -41.80 -14.13
C ASP A 518 38.34 -42.47 -14.04
N ALA A 519 37.43 -42.11 -14.94
CA ALA A 519 36.11 -42.75 -15.00
C ALA A 519 36.21 -44.20 -15.49
N CYS A 520 37.00 -44.40 -16.55
CA CYS A 520 37.28 -45.75 -17.07
C CYS A 520 38.13 -46.57 -16.09
N GLN A 521 39.28 -46.02 -15.72
CA GLN A 521 40.22 -46.62 -14.73
C GLN A 521 39.55 -47.36 -13.56
N THR A 522 38.75 -46.65 -12.76
CA THR A 522 38.18 -47.22 -11.53
C THR A 522 37.07 -48.27 -11.73
N ALA A 523 36.66 -48.51 -12.97
CA ALA A 523 35.85 -49.69 -13.32
C ALA A 523 36.63 -51.02 -13.28
N ALA A 524 37.96 -50.97 -13.44
CA ALA A 524 38.81 -52.17 -13.45
C ALA A 524 38.90 -52.85 -12.08
N MET B 1 -18.70 -0.72 -44.36
CA MET B 1 -17.92 0.55 -44.56
C MET B 1 -17.18 1.05 -43.31
N THR B 2 -16.24 1.98 -43.52
CA THR B 2 -15.47 2.63 -42.46
C THR B 2 -15.74 4.14 -42.47
N THR B 3 -15.25 4.84 -41.44
CA THR B 3 -15.48 6.28 -41.27
C THR B 3 -14.21 7.15 -41.42
N ARG B 4 -14.40 8.36 -41.92
CA ARG B 4 -13.34 9.36 -42.04
C ARG B 4 -12.89 9.98 -40.69
N ASP B 5 -13.57 9.66 -39.59
CA ASP B 5 -13.25 10.14 -38.23
C ASP B 5 -11.75 10.29 -37.93
N ALA B 6 -11.01 9.20 -38.09
CA ALA B 6 -9.56 9.15 -37.79
C ALA B 6 -8.76 10.31 -38.39
N ALA B 7 -9.10 10.68 -39.62
CA ALA B 7 -8.50 11.83 -40.30
C ALA B 7 -8.93 13.16 -39.67
N THR B 8 -10.23 13.30 -39.38
CA THR B 8 -10.79 14.49 -38.72
C THR B 8 -10.17 14.74 -37.34
N ILE B 9 -10.05 13.66 -36.56
CA ILE B 9 -9.36 13.69 -35.25
C ILE B 9 -7.90 14.17 -35.40
N LYS B 10 -7.17 13.58 -36.34
CA LYS B 10 -5.74 13.89 -36.54
C LYS B 10 -5.49 15.35 -36.89
N ALA B 11 -6.32 15.90 -37.78
CA ALA B 11 -6.28 17.33 -38.16
C ALA B 11 -6.64 18.27 -37.01
N LEU B 12 -7.65 17.88 -36.22
CA LEU B 12 -8.00 18.60 -34.99
C LEU B 12 -6.90 18.51 -33.94
N LEU B 13 -6.25 17.36 -33.85
CA LEU B 13 -5.24 17.12 -32.83
C LEU B 13 -3.91 17.86 -33.08
N SER B 14 -3.50 17.96 -34.35
CA SER B 14 -2.33 18.78 -34.71
C SER B 14 -2.66 20.27 -34.66
N HIS B 15 -3.85 20.66 -35.11
CA HIS B 15 -4.33 22.04 -34.97
C HIS B 15 -4.33 22.48 -33.50
N ALA B 16 -4.75 21.58 -32.63
CA ALA B 16 -4.80 21.85 -31.20
C ALA B 16 -3.41 22.05 -30.61
N HIS B 17 -2.46 21.20 -31.02
CA HIS B 17 -1.06 21.33 -30.58
C HIS B 17 -0.36 22.60 -31.10
N GLU B 18 -0.67 23.02 -32.33
CA GLU B 18 -0.15 24.29 -32.88
C GLU B 18 -0.70 25.47 -32.07
N ALA B 19 -2.02 25.48 -31.91
CA ALA B 19 -2.72 26.52 -31.18
C ALA B 19 -2.16 26.76 -29.77
N GLN B 20 -1.81 25.67 -29.07
CA GLN B 20 -1.26 25.78 -27.71
C GLN B 20 0.22 26.21 -27.72
N ARG B 21 1.00 25.73 -28.70
CA ARG B 21 2.39 26.17 -28.85
C ARG B 21 2.51 27.63 -29.23
N SER B 22 1.58 28.15 -30.04
CA SER B 22 1.55 29.58 -30.40
C SER B 22 0.96 30.50 -29.32
N GLY B 23 0.30 29.95 -28.31
CA GLY B 23 -0.28 30.72 -27.21
C GLY B 23 -1.81 30.81 -27.20
N ASP B 24 -2.47 30.48 -28.32
CA ASP B 24 -3.94 30.53 -28.42
C ASP B 24 -4.62 29.37 -27.66
N VAL B 25 -5.01 29.64 -26.41
CA VAL B 25 -5.52 28.64 -25.49
C VAL B 25 -6.98 28.31 -25.79
N LEU B 26 -7.83 29.34 -25.92
CA LEU B 26 -9.25 29.17 -26.24
C LEU B 26 -9.51 28.35 -27.53
N ALA B 27 -8.60 28.46 -28.51
CA ALA B 27 -8.70 27.71 -29.75
C ALA B 27 -8.24 26.25 -29.62
N SER B 28 -7.21 26.00 -28.83
CA SER B 28 -6.75 24.64 -28.55
C SER B 28 -7.79 23.84 -27.75
N GLU B 29 -8.36 24.48 -26.72
CA GLU B 29 -9.43 23.89 -25.92
C GLU B 29 -10.61 23.44 -26.78
N ARG B 30 -11.13 24.35 -27.61
CA ARG B 30 -12.35 24.05 -28.36
C ARG B 30 -12.12 22.93 -29.39
N ALA B 31 -10.90 22.85 -29.91
CA ALA B 31 -10.48 21.75 -30.79
C ALA B 31 -10.39 20.42 -30.04
N CYS B 32 -9.86 20.46 -28.83
CA CYS B 32 -9.84 19.27 -27.95
C CYS B 32 -11.24 18.74 -27.63
N TRP B 33 -12.20 19.65 -27.39
CA TRP B 33 -13.59 19.23 -27.16
C TRP B 33 -14.19 18.56 -28.40
N ARG B 34 -13.89 19.10 -29.59
CA ARG B 34 -14.33 18.52 -30.87
C ARG B 34 -13.84 17.09 -31.08
N VAL B 35 -12.66 16.77 -30.56
CA VAL B 35 -12.13 15.40 -30.57
C VAL B 35 -12.89 14.50 -29.62
N LEU B 36 -13.21 15.00 -28.43
CA LEU B 36 -13.95 14.22 -27.43
C LEU B 36 -15.42 14.01 -27.79
N GLN B 37 -16.01 14.90 -28.59
CA GLN B 37 -17.37 14.68 -29.11
C GLN B 37 -17.44 13.47 -30.02
N ILE B 38 -16.39 13.29 -30.83
CA ILE B 38 -16.30 12.19 -31.77
C ILE B 38 -15.83 10.93 -31.05
N ALA B 39 -14.76 11.06 -30.26
CA ALA B 39 -14.12 9.93 -29.58
C ALA B 39 -13.76 10.31 -28.14
N PRO B 40 -14.68 10.06 -27.19
CA PRO B 40 -14.49 10.52 -25.80
C PRO B 40 -13.42 9.77 -24.97
N ASP B 41 -12.92 8.65 -25.49
CA ASP B 41 -11.80 7.94 -24.87
C ASP B 41 -10.43 8.35 -25.47
N ASN B 42 -10.38 9.46 -26.21
CA ASN B 42 -9.12 9.94 -26.80
C ASN B 42 -8.19 10.54 -25.74
N SER B 43 -7.26 9.72 -25.25
CA SER B 43 -6.39 10.10 -24.14
C SER B 43 -5.48 11.28 -24.45
N GLU B 44 -5.12 11.46 -25.72
CA GLU B 44 -4.27 12.60 -26.12
C GLU B 44 -4.96 13.95 -25.92
N ALA B 45 -6.28 13.97 -26.07
CA ALA B 45 -7.08 15.18 -26.07
C ALA B 45 -7.52 15.49 -24.64
N LEU B 46 -7.89 14.43 -23.91
CA LEU B 46 -8.04 14.49 -22.45
C LEU B 46 -6.80 15.10 -21.82
N HIS B 47 -5.64 14.54 -22.16
CA HIS B 47 -4.35 15.05 -21.67
C HIS B 47 -4.10 16.54 -21.97
N LEU B 48 -4.35 16.96 -23.20
CA LEU B 48 -4.10 18.34 -23.62
C LEU B 48 -5.02 19.35 -22.95
N LEU B 49 -6.31 19.02 -22.88
CA LEU B 49 -7.27 19.75 -22.03
C LEU B 49 -6.85 19.77 -20.55
N GLY B 50 -6.25 18.68 -20.10
CA GLY B 50 -5.56 18.63 -18.82
C GLY B 50 -4.54 19.74 -18.63
N LEU B 51 -3.54 19.82 -19.53
CA LEU B 51 -2.49 20.86 -19.46
C LEU B 51 -3.09 22.25 -19.39
N LEU B 52 -3.97 22.52 -20.36
CA LEU B 52 -4.46 23.89 -20.61
C LEU B 52 -5.19 24.43 -19.39
N HIS B 53 -6.10 23.63 -18.84
CA HIS B 53 -6.78 23.97 -17.60
C HIS B 53 -5.86 24.03 -16.38
N GLY B 54 -4.80 23.21 -16.40
CA GLY B 54 -3.71 23.29 -15.43
C GLY B 54 -2.97 24.62 -15.48
N GLU B 55 -2.66 25.09 -16.69
CA GLU B 55 -2.07 26.42 -16.89
C GLU B 55 -3.05 27.53 -16.48
N CYS B 56 -4.33 27.37 -16.84
CA CYS B 56 -5.38 28.32 -16.45
C CYS B 56 -5.72 28.32 -14.93
N GLY B 57 -5.29 27.30 -14.19
CA GLY B 57 -5.52 27.25 -12.74
C GLY B 57 -6.75 26.47 -12.28
N ASN B 58 -7.52 25.91 -13.22
CA ASN B 58 -8.66 25.04 -12.89
C ASN B 58 -8.18 23.62 -12.51
N TYR B 59 -7.58 23.50 -11.34
CA TYR B 59 -6.93 22.23 -10.97
C TYR B 59 -7.91 21.08 -10.77
N GLY B 60 -9.15 21.39 -10.38
CA GLY B 60 -10.21 20.38 -10.25
C GLY B 60 -10.50 19.64 -11.54
N LEU B 61 -10.83 20.39 -12.59
CA LEU B 61 -11.07 19.81 -13.91
C LEU B 61 -9.80 19.18 -14.44
N ALA B 62 -8.71 19.94 -14.36
CA ALA B 62 -7.40 19.50 -14.84
C ALA B 62 -7.11 18.10 -14.35
N ALA B 63 -7.08 17.95 -13.03
CA ALA B 63 -6.72 16.70 -12.37
C ALA B 63 -7.54 15.52 -12.86
N THR B 64 -8.86 15.70 -12.97
CA THR B 64 -9.71 14.57 -13.37
C THR B 64 -9.54 14.23 -14.86
N LEU B 65 -9.39 15.24 -15.71
CA LEU B 65 -9.02 14.97 -17.11
C LEU B 65 -7.69 14.19 -17.25
N LEU B 66 -6.69 14.60 -16.48
CA LEU B 66 -5.38 13.96 -16.52
C LEU B 66 -5.38 12.55 -15.91
N ARG B 67 -6.12 12.36 -14.82
CA ARG B 67 -6.31 11.01 -14.22
C ARG B 67 -7.01 10.04 -15.16
N ARG B 68 -7.95 10.53 -15.96
CA ARG B 68 -8.65 9.70 -16.92
C ARG B 68 -7.72 9.33 -18.08
N ALA B 69 -6.91 10.29 -18.52
CA ALA B 69 -5.86 10.04 -19.50
C ALA B 69 -4.87 8.98 -19.00
N VAL B 70 -4.43 9.11 -17.75
CA VAL B 70 -3.61 8.07 -17.11
C VAL B 70 -4.31 6.68 -17.11
N ALA B 71 -5.59 6.62 -16.81
CA ALA B 71 -6.31 5.35 -16.76
C ALA B 71 -6.39 4.70 -18.15
N LEU B 72 -6.59 5.52 -19.18
CA LEU B 72 -6.72 5.02 -20.56
C LEU B 72 -5.37 4.66 -21.19
N ASP B 73 -4.29 5.26 -20.69
CA ASP B 73 -2.95 4.97 -21.19
C ASP B 73 -1.92 5.20 -20.06
N PRO B 74 -1.81 4.23 -19.12
CA PRO B 74 -0.95 4.38 -17.94
C PRO B 74 0.54 4.22 -18.17
N GLY B 75 0.93 3.73 -19.35
CA GLY B 75 2.34 3.65 -19.72
C GLY B 75 2.94 4.96 -20.20
N GLU B 76 2.10 5.93 -20.54
CA GLU B 76 2.54 7.20 -21.11
C GLU B 76 3.02 8.15 -20.00
N ALA B 77 4.33 8.36 -19.94
CA ALA B 77 4.98 9.15 -18.88
C ALA B 77 4.53 10.60 -18.79
N SER B 78 4.25 11.23 -19.94
CA SER B 78 3.90 12.65 -19.96
C SER B 78 2.58 12.93 -19.24
N TYR B 79 1.66 11.96 -19.25
CA TYR B 79 0.38 12.09 -18.58
C TYR B 79 0.58 12.11 -17.07
N HIS B 80 1.48 11.25 -16.59
CA HIS B 80 1.90 11.26 -15.18
C HIS B 80 2.62 12.55 -14.81
N TYR B 81 3.51 13.02 -15.67
CA TYR B 81 4.24 14.28 -15.45
C TYR B 81 3.27 15.44 -15.19
N ASN B 82 2.35 15.64 -16.12
CA ASN B 82 1.44 16.76 -16.01
C ASN B 82 0.42 16.67 -14.88
N LEU B 83 0.02 15.45 -14.54
CA LEU B 83 -0.80 15.20 -13.37
C LEU B 83 -0.05 15.62 -12.12
N GLY B 84 1.20 15.19 -12.01
CA GLY B 84 2.05 15.56 -10.87
C GLY B 84 2.18 17.07 -10.67
N ASN B 85 2.34 17.82 -11.77
CA ASN B 85 2.43 19.28 -11.68
C ASN B 85 1.14 19.91 -11.22
N VAL B 86 0.02 19.43 -11.75
CA VAL B 86 -1.29 19.92 -11.31
C VAL B 86 -1.49 19.65 -9.83
N LEU B 87 -1.14 18.44 -9.38
CA LEU B 87 -1.29 18.07 -7.97
C LEU B 87 -0.43 18.92 -7.05
N VAL B 88 0.85 19.12 -7.41
CA VAL B 88 1.74 20.01 -6.67
C VAL B 88 1.12 21.40 -6.62
N ALA B 89 0.68 21.91 -7.76
CA ALA B 89 0.16 23.29 -7.84
C ALA B 89 -1.14 23.47 -7.07
N SER B 90 -1.89 22.39 -6.94
CA SER B 90 -3.15 22.41 -6.22
C SER B 90 -2.99 22.39 -4.70
N GLY B 91 -1.78 22.12 -4.19
CA GLY B 91 -1.50 22.00 -2.76
C GLY B 91 -1.22 20.58 -2.29
N GLN B 92 -1.33 19.59 -3.19
CA GLN B 92 -1.19 18.18 -2.84
C GLN B 92 0.21 17.76 -3.27
N VAL B 93 1.19 18.20 -2.50
CA VAL B 93 2.60 18.10 -2.88
C VAL B 93 3.10 16.65 -2.91
N GLU B 94 2.81 15.86 -1.89
CA GLU B 94 3.31 14.47 -1.84
C GLU B 94 2.69 13.58 -2.92
N ARG B 95 1.41 13.79 -3.23
CA ARG B 95 0.73 13.04 -4.31
C ARG B 95 1.30 13.35 -5.68
N GLY B 96 1.69 14.62 -5.87
CA GLY B 96 2.33 15.07 -7.10
C GLY B 96 3.73 14.52 -7.27
N ILE B 97 4.52 14.58 -6.20
CA ILE B 97 5.88 14.03 -6.21
C ILE B 97 5.84 12.57 -6.68
N THR B 98 4.93 11.78 -6.12
CA THR B 98 4.69 10.40 -6.53
C THR B 98 4.41 10.32 -8.03
N SER B 99 3.47 11.11 -8.54
CA SER B 99 3.22 11.18 -9.98
C SER B 99 4.48 11.51 -10.81
N LEU B 100 5.30 12.44 -10.32
CA LEU B 100 6.57 12.78 -10.98
C LEU B 100 7.55 11.60 -10.97
N HIS B 101 7.63 10.87 -9.85
CA HIS B 101 8.42 9.63 -9.79
C HIS B 101 7.97 8.63 -10.85
N HIS B 102 6.66 8.44 -10.99
CA HIS B 102 6.12 7.51 -11.99
C HIS B 102 6.55 7.88 -13.40
N ALA B 103 6.54 9.17 -13.71
CA ALA B 103 6.91 9.66 -15.02
C ALA B 103 8.37 9.34 -15.32
N LEU B 104 9.23 9.50 -14.31
CA LEU B 104 10.65 9.15 -14.44
C LEU B 104 10.89 7.65 -14.47
N GLU B 105 10.15 6.89 -13.69
CA GLU B 105 10.23 5.43 -13.77
C GLU B 105 9.90 4.95 -15.19
N LEU B 106 8.89 5.55 -15.82
CA LEU B 106 8.44 5.14 -17.16
C LEU B 106 9.33 5.63 -18.30
N ARG B 107 9.99 6.78 -18.10
CA ARG B 107 10.86 7.38 -19.09
C ARG B 107 12.03 7.99 -18.31
N PRO B 108 13.09 7.20 -18.06
CA PRO B 108 14.18 7.70 -17.22
C PRO B 108 14.94 8.89 -17.77
N ASP B 109 14.86 9.13 -19.07
CA ASP B 109 15.48 10.29 -19.69
C ASP B 109 14.49 11.45 -19.95
N TYR B 110 13.67 11.74 -18.94
CA TYR B 110 12.64 12.79 -18.99
C TYR B 110 13.21 13.99 -18.26
N HIS B 111 13.93 14.85 -18.96
CA HIS B 111 14.58 16.02 -18.34
C HIS B 111 13.61 17.05 -17.70
N ARG B 112 12.39 17.17 -18.24
CA ARG B 112 11.42 18.14 -17.70
C ARG B 112 10.81 17.64 -16.40
N ALA B 113 10.57 16.32 -16.32
CA ALA B 113 10.03 15.68 -15.11
C ALA B 113 11.08 15.66 -14.02
N HIS B 114 12.34 15.51 -14.43
CA HIS B 114 13.47 15.54 -13.50
C HIS B 114 13.63 16.94 -12.87
N SER B 115 13.49 18.00 -13.67
CA SER B 115 13.45 19.38 -13.14
C SER B 115 12.25 19.55 -12.21
N GLY B 116 11.06 19.24 -12.73
CA GLY B 116 9.81 19.40 -12.01
C GLY B 116 9.91 18.78 -10.63
N LEU B 117 10.43 17.55 -10.58
CA LEU B 117 10.67 16.85 -9.33
C LEU B 117 11.61 17.65 -8.42
N TYR B 118 12.77 18.08 -8.94
CA TYR B 118 13.68 18.96 -8.20
C TYR B 118 12.99 20.20 -7.61
N VAL B 119 12.22 20.91 -8.44
CA VAL B 119 11.42 22.05 -7.98
C VAL B 119 10.45 21.63 -6.89
N ALA B 120 9.71 20.56 -7.15
CA ALA B 120 8.65 20.09 -6.25
C ALA B 120 9.13 19.83 -4.84
N LEU B 121 10.35 19.32 -4.71
CA LEU B 121 10.96 19.03 -3.39
C LEU B 121 11.05 20.25 -2.47
N HIS B 122 11.11 21.46 -3.03
CA HIS B 122 11.20 22.68 -2.23
C HIS B 122 9.91 23.03 -1.47
N TYR B 123 8.79 22.49 -1.94
CA TYR B 123 7.51 22.65 -1.27
C TYR B 123 7.28 21.68 -0.12
N SER B 124 8.23 20.80 0.18
CA SER B 124 8.05 19.77 1.20
C SER B 124 9.21 19.75 2.19
N ALA B 125 8.87 19.72 3.47
CA ALA B 125 9.89 19.67 4.54
C ALA B 125 10.57 18.31 4.66
N LEU B 126 10.04 17.29 3.97
CA LEU B 126 10.58 15.94 4.03
C LEU B 126 11.90 15.71 3.28
N TYR B 127 12.38 16.72 2.54
CA TYR B 127 13.60 16.58 1.72
C TYR B 127 14.62 17.64 2.12
N ASP B 128 15.69 17.20 2.80
CA ASP B 128 16.73 18.08 3.32
C ASP B 128 17.59 18.69 2.18
N PRO B 129 18.43 19.71 2.49
CA PRO B 129 19.26 20.31 1.45
C PRO B 129 20.16 19.32 0.68
N ARG B 130 20.61 18.27 1.34
CA ARG B 130 21.47 17.26 0.72
C ARG B 130 20.74 16.49 -0.40
N ALA B 131 19.47 16.16 -0.17
CA ALA B 131 18.69 15.41 -1.17
C ALA B 131 18.42 16.22 -2.43
N ARG B 132 18.09 17.49 -2.25
CA ARG B 132 17.77 18.38 -3.36
C ARG B 132 18.99 18.63 -4.23
N HIS B 133 20.09 18.96 -3.57
CA HIS B 133 21.43 19.15 -4.17
C HIS B 133 21.85 17.99 -5.07
N ILE B 134 21.74 16.78 -4.54
CA ILE B 134 22.08 15.54 -5.26
C ILE B 134 21.22 15.36 -6.50
N LEU B 135 19.91 15.52 -6.34
CA LEU B 135 19.02 15.39 -7.48
C LEU B 135 19.36 16.40 -8.59
N ALA B 136 19.75 17.63 -8.21
CA ALA B 136 20.06 18.69 -9.17
C ALA B 136 21.30 18.34 -9.97
N LEU B 137 22.37 17.99 -9.26
CA LEU B 137 23.62 17.49 -9.84
C LEU B 137 23.34 16.33 -10.79
N ASP B 138 22.53 15.38 -10.34
CA ASP B 138 22.15 14.23 -11.17
C ASP B 138 21.57 14.69 -12.49
N TRP B 139 20.69 15.69 -12.46
CA TRP B 139 20.09 16.27 -13.66
C TRP B 139 21.15 16.84 -14.58
N ALA B 140 22.00 17.68 -14.00
CA ALA B 140 23.06 18.38 -14.74
C ALA B 140 23.97 17.40 -15.42
N ARG B 141 24.45 16.43 -14.66
CA ARG B 141 25.33 15.38 -15.19
C ARG B 141 24.71 14.67 -16.41
N ARG B 142 23.41 14.44 -16.37
CA ARG B 142 22.70 13.74 -17.45
C ARG B 142 22.51 14.60 -18.71
N TYR B 143 22.07 15.85 -18.52
CA TYR B 143 21.57 16.66 -19.63
C TYR B 143 22.34 17.93 -19.98
N ALA B 144 23.21 18.40 -19.08
CA ALA B 144 23.83 19.72 -19.21
C ALA B 144 25.35 19.64 -19.34
N ASP B 145 26.01 19.05 -18.34
CA ASP B 145 27.48 18.99 -18.30
C ASP B 145 28.17 18.30 -19.49
N PRO B 146 27.54 17.24 -20.08
CA PRO B 146 28.08 16.68 -21.33
C PRO B 146 28.27 17.70 -22.45
N LEU B 147 27.40 18.70 -22.54
CA LEU B 147 27.48 19.74 -23.56
C LEU B 147 28.51 20.86 -23.26
N THR B 148 29.03 20.93 -22.04
CA THR B 148 29.78 22.11 -21.58
C THR B 148 31.29 22.04 -21.87
N PRO B 149 31.82 23.02 -22.66
CA PRO B 149 33.26 23.06 -22.84
C PRO B 149 33.94 23.72 -21.64
N VAL B 150 35.26 23.70 -21.64
CA VAL B 150 36.07 24.30 -20.57
C VAL B 150 35.95 25.83 -20.73
N PRO B 151 36.05 26.62 -19.63
CA PRO B 151 35.93 28.06 -19.84
C PRO B 151 37.03 28.62 -20.72
N ALA B 152 36.64 29.22 -21.84
CA ALA B 152 37.56 29.93 -22.72
C ALA B 152 37.73 31.35 -22.18
N THR B 153 38.82 32.03 -22.59
CA THR B 153 39.05 33.42 -22.20
C THR B 153 38.14 34.33 -23.07
N PRO B 154 37.55 35.38 -22.48
CA PRO B 154 36.60 36.21 -23.22
C PRO B 154 37.19 36.91 -24.45
N VAL B 155 36.33 37.17 -25.43
CA VAL B 155 36.70 37.90 -26.64
C VAL B 155 36.73 39.40 -26.35
N ASP B 156 37.76 40.09 -26.84
CA ASP B 156 38.04 41.49 -26.48
C ASP B 156 38.02 41.61 -24.94
N PRO B 157 38.97 40.94 -24.26
CA PRO B 157 38.96 40.97 -22.78
C PRO B 157 39.48 42.28 -22.20
N ASP B 158 38.73 43.34 -22.46
CA ASP B 158 39.04 44.68 -22.00
C ASP B 158 38.18 44.84 -20.76
N PRO B 159 38.80 44.87 -19.55
CA PRO B 159 37.99 44.96 -18.32
C PRO B 159 37.06 46.16 -18.21
N HIS B 160 37.32 47.23 -18.96
CA HIS B 160 36.58 48.48 -18.85
C HIS B 160 35.60 48.77 -19.99
N ARG B 161 35.58 47.96 -21.05
CA ARG B 161 34.72 48.27 -22.20
C ARG B 161 33.23 48.11 -21.91
N ARG B 162 32.40 48.65 -22.80
CA ARG B 162 30.96 48.49 -22.72
C ARG B 162 30.62 46.99 -22.87
N LEU B 163 29.84 46.47 -21.94
CA LEU B 163 29.45 45.04 -21.92
C LEU B 163 28.06 44.84 -22.51
N ARG B 164 27.86 43.71 -23.17
CA ARG B 164 26.55 43.34 -23.69
C ARG B 164 25.96 42.31 -22.76
N ILE B 165 24.79 42.60 -22.22
CA ILE B 165 24.08 41.69 -21.31
C ILE B 165 22.88 41.10 -22.01
N GLY B 166 22.76 39.78 -21.91
CA GLY B 166 21.62 39.03 -22.47
C GLY B 166 20.78 38.40 -21.36
N TYR B 167 19.50 38.77 -21.33
CA TYR B 167 18.53 38.22 -20.37
C TYR B 167 17.68 37.16 -21.09
N VAL B 168 17.75 35.91 -20.63
CA VAL B 168 17.06 34.79 -21.27
C VAL B 168 15.97 34.24 -20.36
N SER B 169 14.71 34.39 -20.78
CA SER B 169 13.56 33.93 -20.00
C SER B 169 12.34 33.66 -20.83
N GLY B 170 11.53 32.71 -20.38
CA GLY B 170 10.22 32.43 -20.98
C GLY B 170 9.06 32.99 -20.18
N GLU B 171 9.34 33.86 -19.21
CA GLU B 171 8.29 34.62 -18.57
C GLU B 171 8.60 36.12 -18.49
N LEU B 172 9.01 36.65 -19.63
CA LEU B 172 9.07 38.08 -19.90
C LEU B 172 7.67 38.54 -20.24
N ARG B 173 6.87 38.82 -19.20
CA ARG B 173 5.47 39.27 -19.31
C ARG B 173 4.96 39.64 -17.90
N CYS B 174 3.66 39.94 -17.78
CA CYS B 174 3.03 40.20 -16.47
C CYS B 174 3.23 38.98 -15.59
N HIS B 175 4.33 39.00 -14.83
CA HIS B 175 4.82 37.86 -14.08
C HIS B 175 6.01 38.33 -13.26
N PRO B 176 6.17 37.81 -12.03
CA PRO B 176 7.29 38.21 -11.17
C PRO B 176 8.60 38.53 -11.88
N VAL B 177 9.03 37.63 -12.77
CA VAL B 177 10.20 37.85 -13.61
C VAL B 177 10.14 39.20 -14.31
N GLY B 178 9.13 39.39 -15.16
CA GLY B 178 8.90 40.67 -15.83
C GLY B 178 8.75 41.88 -14.90
N TYR B 179 8.13 41.69 -13.75
CA TYR B 179 7.90 42.79 -12.81
C TYR B 179 9.21 43.33 -12.24
N PHE B 180 10.12 42.42 -11.86
CA PHE B 180 11.44 42.79 -11.33
C PHE B 180 12.50 43.11 -12.39
N LEU B 181 12.32 42.63 -13.62
CA LEU B 181 13.26 42.93 -14.70
C LEU B 181 13.06 44.34 -15.28
N GLU B 182 11.80 44.76 -15.44
CA GLU B 182 11.47 46.09 -15.97
C GLU B 182 12.30 47.24 -15.38
N PRO B 183 12.33 47.40 -14.04
CA PRO B 183 13.19 48.47 -13.50
C PRO B 183 14.64 48.34 -13.94
N VAL B 184 15.18 47.12 -13.86
CA VAL B 184 16.59 46.85 -14.18
C VAL B 184 16.92 47.20 -15.63
N ILE B 185 16.05 46.80 -16.55
CA ILE B 185 16.22 47.10 -17.97
C ILE B 185 16.19 48.62 -18.22
N GLU B 186 15.22 49.31 -17.64
CA GLU B 186 15.10 50.77 -17.80
C GLU B 186 16.36 51.48 -17.30
N ALA B 187 16.82 51.13 -16.10
CA ALA B 187 17.88 51.89 -15.43
C ALA B 187 19.32 51.48 -15.78
N HIS B 188 19.49 50.46 -16.63
CA HIS B 188 20.84 50.01 -17.01
C HIS B 188 21.64 51.16 -17.65
N ASP B 189 22.85 51.39 -17.14
CA ASP B 189 23.72 52.45 -17.66
C ASP B 189 24.21 52.10 -19.09
N ARG B 190 23.66 52.80 -20.07
N ARG B 190 23.66 52.80 -20.07
CA ARG B 190 23.98 52.54 -21.48
CA ARG B 190 23.98 52.54 -21.48
C ARG B 190 25.39 52.92 -21.90
C ARG B 190 25.39 52.92 -21.91
N THR B 191 26.08 53.75 -21.12
CA THR B 191 27.50 54.07 -21.38
C THR B 191 28.35 52.80 -21.21
N ALA B 192 28.02 52.00 -20.19
CA ALA B 192 28.81 50.82 -19.81
C ALA B 192 28.16 49.45 -20.13
N TYR B 193 26.86 49.42 -20.48
CA TYR B 193 26.13 48.15 -20.70
C TYR B 193 25.14 48.25 -21.85
N GLU B 194 24.90 47.14 -22.54
CA GLU B 194 23.89 47.09 -23.59
C GLU B 194 22.98 45.87 -23.37
N VAL B 195 21.68 46.06 -23.58
CA VAL B 195 20.68 45.11 -23.12
C VAL B 195 20.00 44.36 -24.28
N TYR B 196 20.29 43.06 -24.35
CA TYR B 196 19.61 42.11 -25.23
C TYR B 196 18.64 41.32 -24.36
N CYS B 197 17.43 41.08 -24.87
CA CYS B 197 16.48 40.19 -24.19
C CYS B 197 16.17 39.02 -25.10
N TYR B 198 16.09 37.82 -24.57
CA TYR B 198 15.70 36.66 -25.35
C TYR B 198 14.42 36.09 -24.72
N SER B 199 13.29 36.34 -25.38
CA SER B 199 11.96 35.90 -24.92
C SER B 199 11.68 34.47 -25.37
N ASN B 200 11.56 33.57 -24.40
CA ASN B 200 11.35 32.14 -24.66
C ASN B 200 9.91 31.64 -24.53
N ASP B 201 8.94 32.53 -24.78
CA ASP B 201 7.52 32.19 -24.73
C ASP B 201 6.76 33.19 -25.62
N PRO B 202 5.80 32.73 -26.42
CA PRO B 202 5.09 33.62 -27.34
C PRO B 202 4.14 34.64 -26.72
N ARG B 203 3.66 34.39 -25.50
CA ARG B 203 2.75 35.35 -24.85
C ARG B 203 3.42 36.73 -24.79
N SER B 204 2.72 37.71 -25.38
CA SER B 204 3.20 39.09 -25.44
C SER B 204 2.06 40.03 -25.02
N ASP B 205 2.11 40.46 -23.76
CA ASP B 205 1.15 41.41 -23.18
C ASP B 205 1.75 42.82 -23.07
N ALA B 206 1.01 43.76 -22.47
CA ALA B 206 1.47 45.13 -22.25
C ALA B 206 2.89 45.26 -21.65
N LEU B 207 3.24 44.37 -20.72
CA LEU B 207 4.56 44.42 -20.08
C LEU B 207 5.69 43.99 -21.04
N THR B 208 5.43 43.00 -21.89
CA THR B 208 6.44 42.56 -22.88
C THR B 208 6.70 43.70 -23.88
N ASP B 209 5.64 44.38 -24.31
CA ASP B 209 5.76 45.57 -25.16
C ASP B 209 6.65 46.63 -24.52
N ARG B 210 6.49 46.84 -23.20
CA ARG B 210 7.36 47.75 -22.45
C ARG B 210 8.81 47.25 -22.36
N LEU B 211 8.98 45.96 -22.06
CA LEU B 211 10.32 45.35 -22.03
C LEU B 211 11.03 45.42 -23.39
N ARG B 212 10.29 45.18 -24.47
CA ARG B 212 10.81 45.27 -25.84
C ARG B 212 11.26 46.70 -26.15
N ALA B 213 10.44 47.67 -25.80
CA ALA B 213 10.75 49.10 -26.01
C ALA B 213 11.96 49.56 -25.19
N LEU B 214 12.03 49.13 -23.93
CA LEU B 214 13.17 49.48 -23.06
C LEU B 214 14.48 48.75 -23.41
N SER B 215 14.37 47.59 -24.05
CA SER B 215 15.55 46.84 -24.54
C SER B 215 16.22 47.55 -25.72
N ASP B 216 17.53 47.38 -25.83
CA ASP B 216 18.28 47.83 -27.00
C ASP B 216 18.03 46.91 -28.19
N ARG B 217 18.06 45.59 -27.94
CA ARG B 217 17.73 44.57 -28.96
C ARG B 217 16.77 43.54 -28.34
N TRP B 218 15.93 42.90 -29.17
CA TRP B 218 14.87 42.00 -28.66
C TRP B 218 15.03 40.47 -28.87
N ARG B 219 14.95 39.94 -30.08
CA ARG B 219 15.01 38.45 -30.30
C ARG B 219 13.90 37.54 -29.65
N ASP B 220 12.96 37.08 -30.48
CA ASP B 220 12.01 36.01 -30.11
C ASP B 220 12.58 34.61 -30.36
N VAL B 221 12.75 33.86 -29.27
CA VAL B 221 13.62 32.68 -29.24
C VAL B 221 12.90 31.31 -29.17
N TRP B 222 11.61 31.30 -28.77
CA TRP B 222 10.87 30.04 -28.60
C TRP B 222 10.93 29.08 -29.80
N PRO B 223 10.86 29.59 -31.05
CA PRO B 223 10.91 28.63 -32.18
C PRO B 223 12.27 28.03 -32.50
N LEU B 224 13.35 28.53 -31.88
CA LEU B 224 14.71 28.13 -32.22
C LEU B 224 15.15 26.94 -31.41
N THR B 225 16.05 26.11 -31.96
CA THR B 225 16.67 25.01 -31.21
C THR B 225 17.73 25.60 -30.29
N ASP B 226 18.19 24.81 -29.32
CA ASP B 226 19.25 25.27 -28.42
C ASP B 226 20.55 25.56 -29.15
N ALA B 227 20.87 24.79 -30.19
CA ALA B 227 22.04 25.04 -31.05
C ALA B 227 21.89 26.37 -31.82
N GLU B 228 20.71 26.58 -32.43
CA GLU B 228 20.37 27.84 -33.10
C GLU B 228 20.45 29.07 -32.18
N LEU B 229 20.02 28.91 -30.92
CA LEU B 229 20.11 30.00 -29.95
C LEU B 229 21.55 30.30 -29.57
N CYS B 230 22.36 29.26 -29.43
CA CYS B 230 23.79 29.45 -29.14
C CYS B 230 24.52 30.25 -30.22
N GLU B 231 24.31 29.90 -31.49
CA GLU B 231 24.95 30.62 -32.58
C GLU B 231 24.41 32.06 -32.70
N LEU B 232 23.15 32.27 -32.30
CA LEU B 232 22.57 33.63 -32.17
C LEU B 232 23.20 34.46 -31.05
N VAL B 233 23.40 33.86 -29.88
CA VAL B 233 24.04 34.55 -28.74
C VAL B 233 25.50 34.87 -29.05
N ARG B 234 26.20 33.91 -29.65
CA ARG B 234 27.59 34.12 -30.10
C ARG B 234 27.71 35.24 -31.14
N ARG B 235 26.77 35.30 -32.07
CA ARG B 235 26.80 36.31 -33.13
C ARG B 235 26.46 37.71 -32.62
N ASP B 236 25.52 37.78 -31.68
CA ASP B 236 25.25 39.02 -30.93
C ASP B 236 26.43 39.47 -30.07
N GLY B 237 27.27 38.54 -29.66
CA GLY B 237 28.50 38.84 -28.95
C GLY B 237 28.26 39.08 -27.47
N ILE B 238 27.37 38.29 -26.87
CA ILE B 238 26.96 38.52 -25.48
C ILE B 238 28.11 38.16 -24.53
N ASP B 239 28.44 39.09 -23.65
CA ASP B 239 29.52 38.90 -22.66
C ASP B 239 29.00 38.26 -21.39
N ILE B 240 27.81 38.68 -20.96
CA ILE B 240 27.16 38.19 -19.76
C ILE B 240 25.76 37.74 -20.15
N LEU B 241 25.49 36.43 -20.02
CA LEU B 241 24.18 35.86 -20.32
C LEU B 241 23.52 35.49 -19.00
N VAL B 242 22.28 35.94 -18.82
CA VAL B 242 21.56 35.80 -17.54
C VAL B 242 20.32 34.93 -17.70
N ASP B 243 20.30 33.86 -16.92
CA ASP B 243 19.14 32.98 -16.80
C ASP B 243 18.19 33.59 -15.78
N LEU B 244 17.08 34.10 -16.28
CA LEU B 244 16.05 34.64 -15.42
C LEU B 244 15.00 33.61 -15.02
N SER B 245 14.86 32.51 -15.78
CA SER B 245 13.77 31.55 -15.55
C SER B 245 14.07 30.47 -14.51
N TRP B 246 15.28 29.89 -14.57
CA TRP B 246 15.70 28.77 -13.70
C TRP B 246 14.77 27.56 -13.96
N HIS B 247 14.95 26.50 -13.20
CA HIS B 247 14.07 25.35 -13.23
C HIS B 247 12.56 25.61 -13.08
N LEU B 248 12.15 26.76 -12.54
CA LEU B 248 10.75 27.07 -12.30
C LEU B 248 10.00 27.52 -13.54
N GLY B 249 10.72 27.90 -14.59
CA GLY B 249 10.09 28.55 -15.74
C GLY B 249 10.52 27.92 -17.03
N MET B 250 10.07 28.50 -18.13
CA MET B 250 10.44 28.04 -19.45
C MET B 250 11.88 28.50 -19.77
N HIS B 251 12.83 27.83 -19.13
CA HIS B 251 14.25 28.18 -19.21
C HIS B 251 14.85 27.73 -20.52
N ARG B 252 16.14 28.03 -20.68
CA ARG B 252 16.90 27.66 -21.88
C ARG B 252 18.34 27.27 -21.48
N LEU B 253 18.41 26.36 -20.51
CA LEU B 253 19.64 26.02 -19.81
C LEU B 253 20.54 25.08 -20.60
N PHE B 254 19.99 24.42 -21.62
CA PHE B 254 20.83 23.63 -22.52
C PHE B 254 21.58 24.51 -23.53
N ALA B 255 21.04 25.70 -23.84
CA ALA B 255 21.80 26.74 -24.53
C ALA B 255 22.92 27.27 -23.62
N PHE B 256 22.61 27.54 -22.36
CA PHE B 256 23.63 27.89 -21.36
C PHE B 256 24.67 26.79 -21.16
N ALA B 257 24.23 25.53 -21.28
CA ALA B 257 25.10 24.38 -21.09
C ALA B 257 26.31 24.37 -22.01
N ARG B 258 26.15 24.95 -23.21
CA ARG B 258 27.22 25.01 -24.21
C ARG B 258 28.24 26.16 -24.02
N ARG B 259 28.05 27.00 -23.01
CA ARG B 259 28.87 28.22 -22.79
C ARG B 259 28.96 29.18 -23.99
N PRO B 260 27.82 29.66 -24.52
CA PRO B 260 27.86 30.65 -25.61
C PRO B 260 28.40 32.00 -25.18
N ALA B 261 28.40 32.26 -23.88
CA ALA B 261 28.99 33.47 -23.32
C ALA B 261 30.01 33.09 -22.24
N PRO B 262 31.06 33.92 -22.07
CA PRO B 262 32.10 33.66 -21.06
C PRO B 262 31.70 33.91 -19.60
N VAL B 263 30.66 34.70 -19.39
CA VAL B 263 30.08 34.91 -18.05
C VAL B 263 28.62 34.51 -18.11
N GLN B 264 28.25 33.51 -17.31
CA GLN B 264 26.88 33.01 -17.31
C GLN B 264 26.33 32.96 -15.88
N VAL B 265 25.16 33.60 -15.72
CA VAL B 265 24.61 33.99 -14.41
C VAL B 265 23.17 33.52 -14.29
N THR B 266 22.79 33.00 -13.12
CA THR B 266 21.36 32.75 -12.82
C THR B 266 20.92 33.72 -11.71
N TRP B 267 19.78 34.39 -11.93
CA TRP B 267 19.31 35.44 -11.03
C TRP B 267 17.79 35.60 -11.16
N LEU B 268 17.15 35.98 -10.04
CA LEU B 268 15.72 36.40 -9.95
C LEU B 268 14.75 35.27 -9.60
N ALA B 269 14.75 34.20 -10.38
CA ALA B 269 13.86 33.08 -10.17
C ALA B 269 14.51 31.98 -9.35
N ALA B 270 15.84 31.93 -9.37
CA ALA B 270 16.58 30.87 -8.70
C ALA B 270 16.29 30.89 -7.21
N ILE B 271 15.89 29.73 -6.69
CA ILE B 271 15.78 29.46 -5.25
C ILE B 271 16.82 28.43 -4.78
N ASN B 272 17.56 27.87 -5.73
CA ASN B 272 18.63 26.92 -5.43
C ASN B 272 19.52 26.80 -6.67
N THR B 273 20.58 25.99 -6.57
CA THR B 273 21.50 25.78 -7.70
C THR B 273 20.79 25.21 -8.91
N THR B 274 21.31 25.55 -10.10
CA THR B 274 20.94 24.86 -11.33
C THR B 274 21.55 23.46 -11.39
N GLY B 275 22.63 23.25 -10.63
CA GLY B 275 23.37 22.01 -10.62
C GLY B 275 24.47 21.95 -11.67
N MET B 276 24.53 22.96 -12.53
CA MET B 276 25.34 22.91 -13.76
C MET B 276 26.75 23.44 -13.53
N ARG B 277 27.73 22.83 -14.21
CA ARG B 277 29.10 23.39 -14.32
C ARG B 277 29.10 24.67 -15.15
N ALA B 278 28.31 24.68 -16.24
CA ALA B 278 28.22 25.81 -17.17
C ALA B 278 27.74 27.14 -16.55
N MET B 279 27.03 27.09 -15.43
CA MET B 279 26.58 28.32 -14.77
C MET B 279 27.68 28.80 -13.82
N ASP B 280 28.18 30.00 -14.07
CA ASP B 280 29.34 30.50 -13.35
C ASP B 280 28.90 31.13 -12.06
N TYR B 281 27.88 31.98 -12.13
CA TYR B 281 27.42 32.76 -10.97
C TYR B 281 25.93 32.61 -10.69
N LEU B 282 25.59 32.68 -9.41
CA LEU B 282 24.22 32.86 -8.95
C LEU B 282 24.20 34.15 -8.11
N VAL B 283 23.38 35.13 -8.50
CA VAL B 283 23.30 36.43 -7.81
C VAL B 283 22.22 36.46 -6.70
N GLY B 284 22.68 36.40 -5.45
CA GLY B 284 21.81 36.48 -4.27
C GLY B 284 22.10 37.71 -3.44
N ASP B 285 22.09 37.54 -2.12
CA ASP B 285 22.49 38.58 -1.17
C ASP B 285 22.91 38.01 0.17
N GLN B 286 23.38 38.87 1.08
CA GLN B 286 24.05 38.43 2.30
C GLN B 286 23.14 37.77 3.35
N HIS B 287 21.89 38.20 3.39
CA HIS B 287 20.89 37.57 4.24
C HIS B 287 20.27 36.35 3.57
N LEU B 288 20.05 36.44 2.26
CA LEU B 288 19.43 35.37 1.47
C LEU B 288 20.25 34.08 1.37
N CYS B 289 21.58 34.19 1.31
CA CYS B 289 22.49 33.06 1.15
C CYS B 289 23.37 32.95 2.41
N PRO B 290 23.08 31.98 3.29
CA PRO B 290 23.78 31.96 4.60
C PRO B 290 25.25 31.57 4.52
N PRO B 291 26.05 31.89 5.57
CA PRO B 291 27.51 31.69 5.58
C PRO B 291 28.08 30.37 5.03
N GLY B 292 27.59 29.21 5.48
CA GLY B 292 28.19 27.92 5.06
C GLY B 292 27.52 27.22 3.88
N SER B 293 26.95 28.01 2.98
CA SER B 293 25.98 27.55 1.99
C SER B 293 26.59 27.13 0.64
N ASP B 294 27.85 27.47 0.43
CA ASP B 294 28.44 27.49 -0.91
C ASP B 294 28.65 26.13 -1.52
N GLU B 295 29.02 25.15 -0.70
CA GLU B 295 29.16 23.75 -1.12
C GLU B 295 27.90 23.19 -1.80
N LEU B 296 26.73 23.72 -1.45
CA LEU B 296 25.46 23.32 -2.09
C LEU B 296 25.26 23.83 -3.53
N TYR B 297 26.16 24.70 -4.03
CA TYR B 297 26.00 25.37 -5.32
C TYR B 297 27.20 25.12 -6.23
N THR B 298 26.94 24.67 -7.45
CA THR B 298 27.99 24.64 -8.50
C THR B 298 28.42 26.05 -8.89
N GLU B 299 27.44 26.97 -8.95
CA GLU B 299 27.72 28.39 -9.22
C GLU B 299 28.50 29.00 -8.04
N ARG B 300 29.23 30.08 -8.32
CA ARG B 300 29.77 30.92 -7.26
C ARG B 300 28.67 31.86 -6.82
N LEU B 301 28.40 31.91 -5.53
CA LEU B 301 27.40 32.80 -4.98
C LEU B 301 27.94 34.24 -4.98
N VAL B 302 27.10 35.18 -5.44
CA VAL B 302 27.41 36.59 -5.44
C VAL B 302 26.46 37.24 -4.44
N ARG B 303 26.95 37.47 -3.22
CA ARG B 303 26.13 38.01 -2.15
C ARG B 303 26.14 39.54 -2.17
N LEU B 304 25.21 40.14 -2.91
CA LEU B 304 25.06 41.60 -2.91
C LEU B 304 24.85 42.12 -1.49
N SER B 305 25.35 43.33 -1.22
CA SER B 305 25.23 43.99 0.11
C SER B 305 23.93 44.83 0.27
N ARG B 306 22.93 44.52 -0.56
CA ARG B 306 21.56 44.98 -0.41
C ARG B 306 20.65 43.79 -0.70
N PHE B 307 19.33 44.00 -0.71
CA PHE B 307 18.37 42.96 -1.10
C PHE B 307 18.59 42.54 -2.56
N TYR B 308 18.43 41.26 -2.85
CA TYR B 308 18.77 40.74 -4.20
C TYR B 308 17.85 41.17 -5.37
N LEU B 309 16.83 41.99 -5.09
CA LEU B 309 15.87 42.43 -6.10
C LEU B 309 15.55 43.92 -5.93
N PRO B 310 15.05 44.58 -7.00
CA PRO B 310 14.61 45.97 -6.87
C PRO B 310 13.20 46.10 -6.27
N CYS B 311 13.10 46.85 -5.19
CA CYS B 311 11.86 47.01 -4.41
C CYS B 311 10.97 48.22 -4.75
N ASN B 312 11.32 48.99 -5.78
CA ASN B 312 10.50 50.15 -6.16
C ASN B 312 9.14 49.69 -6.73
N PRO B 313 8.04 50.36 -6.32
CA PRO B 313 6.71 49.87 -6.70
C PRO B 313 6.27 50.38 -8.07
N PRO B 314 5.28 49.73 -8.68
CA PRO B 314 4.78 50.24 -9.96
C PRO B 314 4.09 51.61 -9.80
N PRO B 315 3.86 52.33 -10.92
CA PRO B 315 3.21 53.63 -10.84
C PRO B 315 1.72 53.56 -10.46
N ASP B 316 1.02 52.54 -10.92
CA ASP B 316 -0.43 52.39 -10.69
C ASP B 316 -0.81 51.74 -9.32
N LEU B 317 -0.11 52.13 -8.26
CA LEU B 317 -0.26 51.50 -6.94
C LEU B 317 -1.55 52.00 -6.27
N PRO B 318 -2.44 51.08 -5.81
CA PRO B 318 -3.76 51.47 -5.29
C PRO B 318 -3.80 52.58 -4.24
N GLY B 319 -2.78 52.66 -3.40
CA GLY B 319 -2.73 53.69 -2.38
C GLY B 319 -3.56 53.28 -1.18
N TRP B 320 -3.05 53.64 -0.01
CA TRP B 320 -3.50 53.05 1.24
C TRP B 320 -4.87 53.60 1.64
N ALA B 321 -5.66 52.76 2.30
CA ALA B 321 -6.96 53.14 2.84
C ALA B 321 -6.78 53.53 4.31
N PRO B 322 -7.80 54.16 4.93
CA PRO B 322 -7.68 54.49 6.37
C PRO B 322 -7.84 53.28 7.35
N ALA B 323 -7.55 52.05 6.88
CA ALA B 323 -7.83 50.78 7.57
C ALA B 323 -9.32 50.40 7.44
N ASP B 324 -9.60 49.24 6.84
CA ASP B 324 -10.97 48.68 6.67
C ASP B 324 -11.72 49.40 5.54
N GLY B 329 -14.10 40.27 12.07
CA GLY B 329 -13.35 40.25 13.33
C GLY B 329 -11.90 40.67 13.17
N PHE B 330 -11.37 41.38 14.16
CA PHE B 330 -9.96 41.79 14.23
C PHE B 330 -9.20 40.69 14.98
N PRO B 331 -7.98 40.30 14.58
CA PRO B 331 -7.29 40.78 13.36
C PRO B 331 -7.55 39.86 12.18
N VAL B 332 -7.52 40.42 10.97
CA VAL B 332 -7.55 39.62 9.74
C VAL B 332 -6.12 39.33 9.33
N PHE B 333 -5.71 38.06 9.45
CA PHE B 333 -4.45 37.58 8.89
C PHE B 333 -4.61 37.28 7.40
N GLY B 334 -3.51 37.41 6.64
CA GLY B 334 -3.53 37.24 5.17
C GLY B 334 -2.31 36.52 4.63
N CYS B 335 -2.52 35.69 3.60
CA CYS B 335 -1.42 35.02 2.89
C CYS B 335 -1.83 34.77 1.44
N PHE B 336 -1.30 35.59 0.53
CA PHE B 336 -1.70 35.54 -0.88
C PHE B 336 -0.72 34.74 -1.76
N ASN B 337 -0.22 33.64 -1.21
CA ASN B 337 0.76 32.78 -1.87
C ASN B 337 0.14 31.58 -2.59
N ARG B 338 0.85 31.10 -3.61
CA ARG B 338 0.51 29.87 -4.34
C ARG B 338 0.23 28.71 -3.39
N LEU B 339 -0.70 27.85 -3.78
CA LEU B 339 -1.15 26.74 -2.91
C LEU B 339 -0.08 25.68 -2.65
N SER B 340 0.88 25.55 -3.58
CA SER B 340 2.04 24.68 -3.37
C SER B 340 2.84 25.02 -2.11
N MET B 341 2.84 26.30 -1.74
CA MET B 341 3.62 26.80 -0.61
C MET B 341 2.90 26.65 0.73
N ILE B 342 1.58 26.37 0.68
CA ILE B 342 0.75 26.17 1.88
C ILE B 342 0.54 24.66 2.11
N GLY B 343 1.48 24.05 2.83
CA GLY B 343 1.40 22.63 3.21
C GLY B 343 1.27 22.39 4.71
N PRO B 344 1.42 21.11 5.14
CA PRO B 344 1.20 20.70 6.53
C PRO B 344 1.97 21.47 7.58
N GLU B 345 3.22 21.81 7.29
CA GLU B 345 4.07 22.55 8.23
C GLU B 345 3.48 23.94 8.55
N VAL B 346 2.99 24.66 7.53
CA VAL B 346 2.45 26.02 7.73
C VAL B 346 1.09 25.95 8.42
N LEU B 347 0.21 25.12 7.88
CA LEU B 347 -1.13 24.91 8.44
C LEU B 347 -1.11 24.60 9.93
N ASP B 348 -0.16 23.80 10.40
CA ASP B 348 -0.03 23.53 11.85
C ASP B 348 0.15 24.84 12.62
N LEU B 349 1.03 25.72 12.14
CA LEU B 349 1.32 27.00 12.80
C LEU B 349 0.16 27.98 12.72
N TRP B 350 -0.41 28.11 11.52
CA TRP B 350 -1.54 29.01 11.32
C TRP B 350 -2.73 28.65 12.20
N ALA B 351 -2.93 27.34 12.42
CA ALA B 351 -3.98 26.85 13.33
C ALA B 351 -3.72 27.30 14.76
N LYS B 352 -2.49 27.10 15.24
CA LYS B 352 -2.11 27.50 16.61
C LYS B 352 -2.28 28.98 16.88
N ILE B 353 -1.95 29.80 15.89
CA ILE B 353 -2.22 31.25 15.93
C ILE B 353 -3.73 31.53 16.06
N LEU B 354 -4.54 30.83 15.26
CA LEU B 354 -5.98 31.05 15.24
C LEU B 354 -6.71 30.51 16.49
N LEU B 355 -6.13 29.52 17.17
CA LEU B 355 -6.67 29.06 18.46
C LEU B 355 -6.41 30.13 19.52
N ALA B 356 -5.17 30.64 19.55
CA ALA B 356 -4.75 31.64 20.53
C ALA B 356 -5.34 33.05 20.31
N LEU B 357 -5.85 33.32 19.12
CA LEU B 357 -6.58 34.57 18.83
C LEU B 357 -7.94 34.17 18.27
N PRO B 358 -8.85 33.71 19.15
CA PRO B 358 -10.05 32.98 18.73
C PRO B 358 -11.07 33.74 17.86
N ARG B 359 -10.92 35.06 17.75
CA ARG B 359 -11.76 35.88 16.86
C ARG B 359 -11.10 36.21 15.51
N ALA B 360 -9.80 35.96 15.38
CA ALA B 360 -9.05 36.27 14.16
C ALA B 360 -9.51 35.43 12.98
N ARG B 361 -9.42 36.00 11.78
CA ARG B 361 -9.79 35.34 10.54
C ARG B 361 -8.56 35.30 9.65
N LEU B 362 -8.44 34.25 8.82
CA LEU B 362 -7.32 34.10 7.85
C LEU B 362 -7.83 34.19 6.41
N ARG B 363 -7.15 34.98 5.61
CA ARG B 363 -7.59 35.31 4.26
C ARG B 363 -6.57 34.80 3.23
N LEU B 364 -6.94 33.76 2.49
CA LEU B 364 -6.07 33.23 1.42
C LEU B 364 -6.62 33.62 0.06
N ILE B 365 -5.72 34.02 -0.84
CA ILE B 365 -6.06 34.33 -2.24
C ILE B 365 -5.01 33.70 -3.13
N ALA B 366 -5.46 32.80 -4.01
CA ALA B 366 -4.58 32.00 -4.87
C ALA B 366 -5.36 31.31 -5.97
N THR B 367 -4.63 30.79 -6.95
CA THR B 367 -5.23 30.10 -8.08
C THR B 367 -5.59 28.72 -7.59
N GLY B 368 -6.78 28.25 -7.96
CA GLY B 368 -7.30 26.96 -7.50
C GLY B 368 -8.41 27.09 -6.47
N LEU B 369 -8.47 28.23 -5.78
CA LEU B 369 -9.53 28.49 -4.81
C LEU B 369 -10.92 28.78 -5.41
N GLN B 370 -11.00 28.99 -6.72
CA GLN B 370 -12.29 28.95 -7.43
C GLN B 370 -12.99 27.58 -7.42
N ASP B 371 -12.23 26.48 -7.27
CA ASP B 371 -12.82 25.12 -7.22
C ASP B 371 -13.24 24.76 -5.80
N PRO B 372 -14.53 24.39 -5.61
CA PRO B 372 -15.00 23.88 -4.29
C PRO B 372 -14.23 22.71 -3.70
N VAL B 373 -13.65 21.85 -4.54
CA VAL B 373 -12.93 20.66 -4.06
C VAL B 373 -11.68 21.06 -3.28
N THR B 374 -10.91 22.01 -3.85
CA THR B 374 -9.63 22.41 -3.27
C THR B 374 -9.83 23.36 -2.07
N SER B 375 -10.84 24.24 -2.11
CA SER B 375 -11.20 25.07 -0.94
C SER B 375 -11.78 24.24 0.20
N SER B 376 -12.64 23.28 -0.13
CA SER B 376 -13.16 22.34 0.88
C SER B 376 -12.04 21.56 1.58
N ARG B 377 -11.11 21.00 0.79
CA ARG B 377 -9.97 20.27 1.36
C ARG B 377 -9.16 21.13 2.34
N LEU B 378 -9.01 22.42 2.02
CA LEU B 378 -8.25 23.37 2.85
C LEU B 378 -9.01 23.71 4.14
N MET B 379 -10.31 23.97 4.00
CA MET B 379 -11.21 24.15 5.17
C MET B 379 -11.17 22.94 6.10
N ARG B 380 -11.30 21.73 5.53
CA ARG B 380 -11.24 20.51 6.33
C ARG B 380 -9.88 20.31 6.99
N ALA B 381 -8.81 20.65 6.26
CA ALA B 381 -7.47 20.57 6.81
C ALA B 381 -7.35 21.41 8.10
N LEU B 382 -7.95 22.60 8.09
CA LEU B 382 -7.95 23.43 9.30
C LEU B 382 -8.85 22.91 10.43
N GLU B 383 -10.05 22.44 10.10
CA GLU B 383 -10.95 21.84 11.12
C GLU B 383 -10.30 20.66 11.84
N GLY B 384 -9.56 19.83 11.10
CA GLY B 384 -8.76 18.75 11.69
C GLY B 384 -7.72 19.20 12.71
N ARG B 385 -7.27 20.46 12.61
CA ARG B 385 -6.40 21.08 13.61
C ARG B 385 -7.16 21.94 14.65
N GLY B 386 -8.47 21.72 14.77
CA GLY B 386 -9.29 22.35 15.82
C GLY B 386 -9.77 23.77 15.54
N VAL B 387 -9.76 24.19 14.28
CA VAL B 387 -10.08 25.57 13.92
C VAL B 387 -11.30 25.54 13.02
N ALA B 388 -12.33 26.31 13.39
CA ALA B 388 -13.58 26.33 12.64
C ALA B 388 -13.33 26.84 11.22
N GLY B 389 -13.86 26.10 10.24
CA GLY B 389 -13.61 26.36 8.82
C GLY B 389 -14.18 27.68 8.31
N GLU B 390 -15.26 28.16 8.94
CA GLU B 390 -15.86 29.46 8.59
C GLU B 390 -14.95 30.69 8.90
N ARG B 391 -13.98 30.52 9.81
CA ARG B 391 -13.01 31.59 10.11
C ARG B 391 -11.99 31.77 8.97
N LEU B 392 -11.85 30.73 8.13
CA LEU B 392 -10.98 30.72 6.96
C LEU B 392 -11.74 31.22 5.74
N GLU B 393 -11.34 32.36 5.17
CA GLU B 393 -11.99 32.89 3.94
C GLU B 393 -11.08 32.84 2.66
N LEU B 394 -11.49 31.99 1.72
CA LEU B 394 -10.72 31.67 0.51
C LEU B 394 -11.33 32.41 -0.68
N LEU B 395 -10.48 33.01 -1.51
CA LEU B 395 -10.93 33.82 -2.64
C LEU B 395 -10.26 33.39 -3.95
N SER B 396 -11.04 33.46 -5.04
CA SER B 396 -10.53 33.21 -6.38
C SER B 396 -9.55 34.33 -6.79
N PRO B 397 -8.60 34.03 -7.69
CA PRO B 397 -7.57 35.02 -8.01
C PRO B 397 -8.07 36.26 -8.77
N MET B 398 -7.32 37.37 -8.63
CA MET B 398 -7.69 38.68 -9.16
C MET B 398 -6.58 39.33 -10.00
N PRO B 399 -6.94 40.37 -10.80
CA PRO B 399 -5.93 41.26 -11.38
C PRO B 399 -4.96 41.84 -10.32
N ARG B 400 -3.80 42.29 -10.78
CA ARG B 400 -2.71 42.76 -9.90
C ARG B 400 -3.12 43.89 -8.94
N THR B 401 -3.65 45.00 -9.47
CA THR B 401 -4.04 46.15 -8.63
C THR B 401 -5.25 45.85 -7.74
N ASP B 402 -6.17 45.01 -8.21
CA ASP B 402 -7.27 44.52 -7.37
C ASP B 402 -6.76 43.74 -6.16
N LEU B 403 -5.71 42.92 -6.37
CA LEU B 403 -5.12 42.15 -5.28
C LEU B 403 -4.36 43.02 -4.30
N LEU B 404 -3.55 43.93 -4.83
CA LEU B 404 -2.90 44.95 -4.00
C LEU B 404 -3.91 45.69 -3.10
N ALA B 405 -5.04 46.08 -3.69
CA ALA B 405 -6.09 46.82 -2.97
C ALA B 405 -6.69 46.04 -1.80
N THR B 406 -6.76 44.70 -1.88
CA THR B 406 -7.30 43.86 -0.78
C THR B 406 -6.34 43.72 0.41
N TYR B 407 -5.11 44.21 0.30
CA TYR B 407 -4.23 44.34 1.47
C TYR B 407 -4.73 45.41 2.46
N ASN B 408 -5.52 46.37 1.98
CA ASN B 408 -6.17 47.36 2.86
C ASN B 408 -7.05 46.74 3.94
N ASP B 409 -7.66 45.60 3.60
CA ASP B 409 -8.48 44.82 4.54
C ASP B 409 -7.70 43.78 5.36
N ILE B 410 -6.36 43.79 5.30
CA ILE B 410 -5.50 42.84 6.02
C ILE B 410 -4.65 43.61 7.03
N ASP B 411 -4.59 43.10 8.25
CA ASP B 411 -3.81 43.72 9.32
C ASP B 411 -2.37 43.22 9.33
N VAL B 412 -2.21 41.91 9.15
CA VAL B 412 -0.90 41.24 9.20
C VAL B 412 -0.84 40.18 8.10
N ALA B 413 0.29 40.11 7.40
CA ALA B 413 0.52 39.07 6.40
C ALA B 413 1.39 37.97 6.97
N LEU B 414 1.06 36.72 6.61
CA LEU B 414 1.82 35.55 7.05
C LEU B 414 2.51 34.91 5.86
N ASP B 415 3.80 34.62 6.03
CA ASP B 415 4.62 34.05 4.95
C ASP B 415 4.70 32.53 5.10
N THR B 416 4.85 31.85 3.98
CA THR B 416 4.89 30.39 3.96
C THR B 416 6.26 29.80 4.33
N LEU B 417 6.24 28.53 4.70
CA LEU B 417 7.45 27.74 4.89
C LEU B 417 7.16 26.30 4.37
N PRO B 418 8.18 25.51 4.01
CA PRO B 418 9.58 25.92 3.94
C PRO B 418 9.97 26.76 2.70
N TYR B 419 9.05 26.92 1.75
CA TYR B 419 9.27 27.75 0.58
C TYR B 419 8.71 29.15 0.91
N SER B 420 9.62 30.09 1.19
CA SER B 420 9.23 31.45 1.51
C SER B 420 8.78 32.19 0.27
N GLY B 421 7.74 33.01 0.43
CA GLY B 421 7.26 33.86 -0.64
C GLY B 421 8.26 34.98 -0.89
N CYS B 422 8.00 35.78 -1.92
CA CYS B 422 8.92 36.85 -2.29
C CYS B 422 8.15 38.06 -2.76
N THR B 423 7.50 37.94 -3.91
CA THR B 423 6.84 39.10 -4.49
C THR B 423 5.53 39.41 -3.75
N THR B 424 4.87 38.39 -3.18
CA THR B 424 3.68 38.65 -2.34
C THR B 424 4.08 39.40 -1.07
N SER B 425 5.20 39.01 -0.48
CA SER B 425 5.70 39.70 0.71
C SER B 425 6.04 41.17 0.41
N LEU B 426 6.72 41.40 -0.71
CA LEU B 426 7.04 42.75 -1.13
C LEU B 426 5.76 43.54 -1.41
N GLU B 427 4.79 42.91 -2.07
CA GLU B 427 3.51 43.55 -2.35
C GLU B 427 2.78 43.98 -1.08
N ALA B 428 2.86 43.15 -0.04
CA ALA B 428 2.28 43.47 1.26
C ALA B 428 2.90 44.74 1.84
N LEU B 429 4.23 44.75 1.94
CA LEU B 429 4.96 45.92 2.44
C LEU B 429 4.60 47.19 1.66
N TRP B 430 4.53 47.11 0.33
CA TRP B 430 4.10 48.24 -0.50
C TRP B 430 2.76 48.84 -0.06
N MET B 431 1.86 47.99 0.47
CA MET B 431 0.56 48.41 1.01
C MET B 431 0.54 48.63 2.54
N GLY B 432 1.71 48.81 3.16
CA GLY B 432 1.79 49.07 4.59
C GLY B 432 1.31 47.95 5.51
N VAL B 433 1.39 46.72 5.05
CA VAL B 433 1.04 45.55 5.83
C VAL B 433 2.35 44.84 6.24
N PRO B 434 2.56 44.61 7.55
CA PRO B 434 3.72 43.83 7.96
C PRO B 434 3.58 42.35 7.61
N VAL B 435 4.73 41.67 7.50
CA VAL B 435 4.81 40.28 7.10
C VAL B 435 5.61 39.52 8.14
N VAL B 436 5.04 38.45 8.69
CA VAL B 436 5.75 37.54 9.60
C VAL B 436 6.30 36.36 8.78
N THR B 437 7.54 35.97 9.06
CA THR B 437 8.23 34.88 8.34
C THR B 437 9.07 34.04 9.26
N LEU B 438 9.39 32.83 8.79
CA LEU B 438 10.46 32.01 9.37
C LEU B 438 11.70 32.17 8.48
N GLU B 439 12.85 32.44 9.10
CA GLU B 439 14.13 32.43 8.42
C GLU B 439 14.60 30.97 8.41
N GLY B 440 14.46 30.31 7.25
CA GLY B 440 14.97 28.94 7.05
C GLY B 440 16.48 28.93 6.87
N ALA B 441 17.10 27.78 7.11
CA ALA B 441 18.57 27.64 6.99
C ALA B 441 18.88 27.17 5.59
N ASP B 442 18.50 28.00 4.62
CA ASP B 442 18.15 27.53 3.29
C ASP B 442 17.71 28.72 2.44
N MET B 443 18.27 28.85 1.24
CA MET B 443 17.95 29.99 0.38
C MET B 443 16.46 30.05 0.03
N ALA B 444 15.86 28.91 -0.30
CA ALA B 444 14.45 28.86 -0.70
C ALA B 444 13.49 29.35 0.40
N GLY B 445 13.91 29.20 1.67
CA GLY B 445 13.16 29.72 2.82
C GLY B 445 13.65 31.03 3.40
N ARG B 446 14.19 31.91 2.54
CA ARG B 446 14.80 33.18 3.00
C ARG B 446 14.51 34.41 2.14
N ALA B 447 13.67 34.30 1.13
CA ALA B 447 13.38 35.44 0.29
C ALA B 447 12.78 36.60 1.11
N THR B 448 11.91 36.27 2.06
CA THR B 448 11.27 37.27 2.91
C THR B 448 12.11 37.65 4.13
N SER B 449 12.76 36.65 4.75
CA SER B 449 13.67 36.94 5.85
C SER B 449 14.64 38.04 5.40
N SER B 450 15.23 37.91 4.21
CA SER B 450 16.18 38.89 3.66
C SER B 450 15.52 40.25 3.46
N LEU B 451 14.44 40.27 2.67
CA LEU B 451 13.65 41.49 2.39
C LEU B 451 13.42 42.29 3.67
N LEU B 452 12.85 41.63 4.68
CA LEU B 452 12.53 42.25 5.95
C LEU B 452 13.76 42.80 6.69
N ARG B 453 14.85 42.02 6.73
CA ARG B 453 16.09 42.49 7.34
C ARG B 453 16.63 43.77 6.66
N TRP B 454 16.67 43.76 5.33
CA TRP B 454 17.12 44.92 4.55
C TRP B 454 16.20 46.14 4.65
N ALA B 455 14.93 45.93 4.99
CA ALA B 455 13.98 47.05 5.15
C ALA B 455 13.81 47.54 6.60
N GLY B 456 14.69 47.09 7.52
CA GLY B 456 14.62 47.49 8.92
C GLY B 456 13.72 46.68 9.83
N LEU B 457 12.94 45.75 9.25
CA LEU B 457 11.92 45.01 9.98
C LEU B 457 12.39 43.62 10.46
N GLN B 458 13.56 43.55 11.08
CA GLN B 458 14.10 42.29 11.62
C GLN B 458 13.28 41.72 12.78
N GLU B 459 12.46 42.55 13.42
CA GLU B 459 11.55 42.11 14.49
C GLU B 459 10.40 41.23 14.01
N LEU B 460 10.15 41.22 12.69
CA LEU B 460 9.19 40.30 12.06
C LEU B 460 9.84 39.01 11.51
N VAL B 461 11.05 38.67 11.95
CA VAL B 461 11.79 37.53 11.41
C VAL B 461 12.06 36.51 12.51
N SER B 462 11.34 35.41 12.49
CA SER B 462 11.55 34.35 13.48
C SER B 462 12.66 33.42 13.02
N ARG B 463 13.38 32.84 13.99
CA ARG B 463 14.36 31.79 13.73
C ARG B 463 13.83 30.39 14.13
N THR B 464 12.67 30.35 14.80
CA THR B 464 11.99 29.08 15.13
C THR B 464 10.48 29.19 14.91
N GLN B 465 9.84 28.04 14.79
CA GLN B 465 8.41 27.97 14.50
C GLN B 465 7.56 28.52 15.65
N GLU B 466 7.98 28.31 16.89
CA GLU B 466 7.23 28.83 18.02
C GLU B 466 7.44 30.34 18.17
N GLU B 467 8.60 30.84 17.70
CA GLU B 467 8.87 32.29 17.62
C GLU B 467 8.04 32.95 16.51
N TYR B 468 7.82 32.21 15.43
CA TYR B 468 6.91 32.64 14.35
C TYR B 468 5.54 32.95 14.92
N ILE B 469 5.00 32.02 15.71
CA ILE B 469 3.68 32.15 16.34
C ILE B 469 3.66 33.40 17.24
N ASP B 470 4.64 33.50 18.15
CA ASP B 470 4.73 34.60 19.12
C ASP B 470 4.72 35.98 18.48
N ILE B 471 5.45 36.12 17.37
CA ILE B 471 5.49 37.41 16.65
C ILE B 471 4.13 37.75 16.06
N ALA B 472 3.44 36.74 15.50
CA ALA B 472 2.10 36.93 14.93
C ALA B 472 1.05 37.26 16.02
N LEU B 473 1.18 36.60 17.17
CA LEU B 473 0.36 36.87 18.35
C LEU B 473 0.55 38.30 18.85
N GLY B 474 1.81 38.68 19.06
CA GLY B 474 2.17 40.03 19.47
C GLY B 474 1.60 41.14 18.60
N LEU B 475 1.58 40.92 17.29
CA LEU B 475 1.01 41.89 16.34
C LEU B 475 -0.52 41.91 16.33
N GLY B 476 -1.14 40.75 16.54
CA GLY B 476 -2.60 40.66 16.59
C GLY B 476 -3.21 41.34 17.79
N ARG B 477 -2.44 41.42 18.88
CA ARG B 477 -2.89 42.07 20.11
C ARG B 477 -2.61 43.57 20.13
N ASP B 478 -1.33 43.97 20.03
CA ASP B 478 -0.94 45.39 20.16
C ASP B 478 -1.25 46.27 18.92
N LEU B 479 -2.23 47.15 19.03
CA LEU B 479 -2.55 48.17 18.00
C LEU B 479 -1.42 49.17 17.76
N GLY B 480 -0.63 49.46 18.81
CA GLY B 480 0.44 50.44 18.74
C GLY B 480 1.59 50.03 17.84
N THR B 481 2.11 48.82 18.03
CA THR B 481 3.19 48.27 17.20
C THR B 481 2.75 48.13 15.74
N LEU B 482 1.46 47.84 15.52
CA LEU B 482 0.86 47.91 14.16
C LEU B 482 0.96 49.29 13.51
N ALA B 483 0.62 50.33 14.26
CA ALA B 483 0.68 51.72 13.79
C ALA B 483 2.11 52.22 13.65
N ARG B 484 3.01 51.72 14.50
CA ARG B 484 4.46 51.99 14.36
C ARG B 484 4.99 51.39 13.05
N LEU B 485 4.69 50.11 12.84
CA LEU B 485 5.09 49.39 11.63
C LEU B 485 4.43 49.95 10.36
N ARG B 486 3.15 50.33 10.42
CA ARG B 486 2.49 50.97 9.25
C ARG B 486 3.19 52.27 8.80
N GLU B 487 3.76 53.01 9.76
CA GLU B 487 4.53 54.23 9.48
C GLU B 487 5.93 53.95 8.99
N HIS B 488 6.58 52.95 9.60
CA HIS B 488 7.88 52.47 9.11
C HIS B 488 7.81 52.14 7.63
N LEU B 489 6.75 51.42 7.25
CA LEU B 489 6.49 51.07 5.85
C LEU B 489 6.15 52.27 4.96
N ARG B 490 5.45 53.27 5.51
CA ARG B 490 5.11 54.49 4.75
C ARG B 490 6.37 55.24 4.35
N ARG B 491 7.32 55.32 5.30
CA ARG B 491 8.62 55.96 5.06
C ARG B 491 9.50 55.13 4.14
N TRP B 492 9.57 53.83 4.42
CA TRP B 492 10.29 52.88 3.56
C TRP B 492 9.74 52.92 2.12
N LEU B 493 8.42 52.86 1.94
CA LEU B 493 7.78 52.94 0.60
C LEU B 493 8.31 54.12 -0.22
N ARG B 494 8.29 55.30 0.39
CA ARG B 494 8.70 56.56 -0.25
C ARG B 494 10.18 56.57 -0.62
N SER B 495 11.02 56.15 0.34
CA SER B 495 12.48 56.03 0.16
C SER B 495 12.85 55.09 -1.01
N VAL B 496 12.17 53.96 -1.04
CA VAL B 496 12.34 52.93 -2.06
C VAL B 496 11.76 53.37 -3.43
N SER B 497 10.64 54.10 -3.42
CA SER B 497 10.06 54.68 -4.65
C SER B 497 11.02 55.63 -5.36
N MET B 498 11.85 56.31 -4.58
CA MET B 498 12.71 57.38 -5.07
C MET B 498 14.05 56.83 -5.57
N SER B 499 14.75 56.08 -4.72
CA SER B 499 16.15 55.69 -4.99
C SER B 499 16.35 54.25 -5.49
N ASP B 500 15.46 53.32 -5.13
CA ASP B 500 15.79 51.88 -5.16
C ASP B 500 16.01 51.25 -6.54
N GLN B 501 15.24 51.69 -7.54
CA GLN B 501 15.48 51.29 -8.93
C GLN B 501 16.96 51.46 -9.31
N GLY B 502 17.43 52.72 -9.32
CA GLY B 502 18.81 53.04 -9.69
C GLY B 502 19.84 52.52 -8.71
N SER B 503 19.48 52.51 -7.43
CA SER B 503 20.38 52.03 -6.40
C SER B 503 20.67 50.54 -6.58
N PHE B 504 19.62 49.75 -6.86
CA PHE B 504 19.77 48.31 -7.08
C PHE B 504 20.60 48.02 -8.33
N THR B 505 20.20 48.58 -9.47
CA THR B 505 20.83 48.16 -10.74
C THR B 505 22.30 48.59 -10.80
N ALA B 506 22.66 49.66 -10.09
CA ALA B 506 24.06 50.02 -9.95
C ALA B 506 24.83 48.96 -9.17
N GLU B 507 24.24 48.44 -8.09
CA GLU B 507 24.87 47.35 -7.31
C GLU B 507 25.02 46.02 -8.11
N LEU B 508 24.05 45.74 -8.99
CA LEU B 508 24.09 44.58 -9.87
C LEU B 508 25.15 44.74 -10.97
N GLU B 509 25.11 45.89 -11.64
CA GLU B 509 26.16 46.30 -12.57
C GLU B 509 27.57 46.23 -11.97
N ASP B 510 27.70 46.62 -10.70
CA ASP B 510 28.95 46.46 -9.97
C ASP B 510 29.35 44.99 -9.89
N ALA B 511 28.38 44.11 -9.67
CA ALA B 511 28.61 42.65 -9.66
C ALA B 511 28.95 42.08 -11.05
N TYR B 512 28.17 42.44 -12.07
CA TYR B 512 28.49 42.07 -13.47
C TYR B 512 29.91 42.48 -13.87
N ARG B 513 30.33 43.68 -13.46
CA ARG B 513 31.66 44.20 -13.79
C ARG B 513 32.77 43.36 -13.15
N ARG B 514 32.55 42.94 -11.92
CA ARG B 514 33.55 42.17 -11.18
C ARG B 514 33.59 40.72 -11.67
N MET B 515 32.47 40.22 -12.18
CA MET B 515 32.44 38.93 -12.90
C MET B 515 33.27 39.02 -14.18
N TRP B 516 33.10 40.12 -14.90
CA TRP B 516 33.81 40.37 -16.15
C TRP B 516 35.31 40.59 -15.93
N ARG B 517 35.68 41.47 -14.98
CA ARG B 517 37.09 41.67 -14.65
C ARG B 517 37.75 40.32 -14.39
N ASP B 518 37.15 39.51 -13.51
CA ASP B 518 37.69 38.19 -13.15
C ASP B 518 37.82 37.21 -14.33
N ALA B 519 36.94 37.33 -15.32
CA ALA B 519 37.03 36.49 -16.52
C ALA B 519 38.23 36.88 -17.38
N CYS B 520 38.44 38.18 -17.56
CA CYS B 520 39.61 38.72 -18.27
C CYS B 520 40.92 38.48 -17.49
N GLN B 521 40.94 38.95 -16.24
CA GLN B 521 42.05 38.78 -15.28
C GLN B 521 42.77 37.42 -15.37
N THR B 522 42.05 36.33 -15.12
CA THR B 522 42.67 34.98 -15.01
C THR B 522 43.16 34.37 -16.36
N ALA B 523 42.91 35.06 -17.47
CA ALA B 523 43.58 34.76 -18.74
C ALA B 523 45.07 35.16 -18.76
N ALA B 524 45.46 36.15 -17.94
CA ALA B 524 46.85 36.65 -17.89
C ALA B 524 47.83 35.62 -17.31
N MET C 1 -14.51 12.64 1.67
CA MET C 1 -15.25 11.35 1.96
C MET C 1 -14.41 10.29 2.70
N THR C 2 -15.11 9.29 3.23
CA THR C 2 -14.51 8.15 3.93
C THR C 2 -14.84 6.86 3.18
N THR C 3 -14.22 5.75 3.61
CA THR C 3 -14.37 4.43 2.95
C THR C 3 -15.08 3.38 3.83
N ARG C 4 -15.81 2.49 3.17
CA ARG C 4 -16.48 1.35 3.83
C ARG C 4 -15.52 0.22 4.28
N ASP C 5 -14.22 0.33 3.95
CA ASP C 5 -13.18 -0.64 4.34
C ASP C 5 -13.34 -1.25 5.73
N ALA C 6 -13.39 -0.40 6.76
CA ALA C 6 -13.49 -0.81 8.17
C ALA C 6 -14.58 -1.86 8.44
N ALA C 7 -15.73 -1.71 7.77
CA ALA C 7 -16.83 -2.68 7.84
C ALA C 7 -16.48 -3.99 7.13
N THR C 8 -15.91 -3.88 5.92
CA THR C 8 -15.47 -5.06 5.15
C THR C 8 -14.42 -5.88 5.91
N ILE C 9 -13.45 -5.20 6.50
CA ILE C 9 -12.42 -5.83 7.36
C ILE C 9 -13.07 -6.57 8.53
N LYS C 10 -13.98 -5.91 9.25
CA LYS C 10 -14.64 -6.49 10.43
C LYS C 10 -15.44 -7.77 10.13
N ALA C 11 -16.18 -7.76 9.02
CA ALA C 11 -16.91 -8.93 8.55
C ALA C 11 -15.98 -10.07 8.12
N LEU C 12 -14.88 -9.73 7.44
CA LEU C 12 -13.85 -10.71 7.09
C LEU C 12 -13.15 -11.27 8.33
N LEU C 13 -12.94 -10.41 9.33
CA LEU C 13 -12.19 -10.79 10.52
C LEU C 13 -12.98 -11.71 11.47
N SER C 14 -14.29 -11.47 11.60
CA SER C 14 -15.17 -12.39 12.36
C SER C 14 -15.43 -13.68 11.59
N HIS C 15 -15.63 -13.59 10.26
CA HIS C 15 -15.74 -14.77 9.39
C HIS C 15 -14.49 -15.66 9.50
N ALA C 16 -13.32 -15.03 9.57
CA ALA C 16 -12.06 -15.75 9.69
C ALA C 16 -11.93 -16.47 11.03
N HIS C 17 -12.35 -15.80 12.11
CA HIS C 17 -12.36 -16.40 13.44
C HIS C 17 -13.36 -17.57 13.60
N GLU C 18 -14.53 -17.46 12.97
CA GLU C 18 -15.51 -18.56 12.94
C GLU C 18 -14.93 -19.76 12.19
N ALA C 19 -14.43 -19.49 10.99
CA ALA C 19 -13.84 -20.53 10.12
C ALA C 19 -12.74 -21.35 10.82
N GLN C 20 -11.91 -20.69 11.63
CA GLN C 20 -10.84 -21.36 12.34
C GLN C 20 -11.35 -22.11 13.58
N ARG C 21 -12.33 -21.54 14.28
CA ARG C 21 -12.97 -22.24 15.41
C ARG C 21 -13.75 -23.48 14.99
N SER C 22 -14.38 -23.45 13.81
CA SER C 22 -15.09 -24.61 13.28
C SER C 22 -14.17 -25.67 12.62
N GLY C 23 -12.91 -25.33 12.35
CA GLY C 23 -11.93 -26.25 11.76
C GLY C 23 -11.52 -25.94 10.32
N ASP C 24 -12.30 -25.12 9.61
CA ASP C 24 -12.01 -24.77 8.20
C ASP C 24 -10.81 -23.80 8.08
N VAL C 25 -9.63 -24.38 7.84
CA VAL C 25 -8.36 -23.65 7.85
C VAL C 25 -8.17 -22.87 6.55
N LEU C 26 -8.34 -23.54 5.41
CA LEU C 26 -8.21 -22.92 4.08
C LEU C 26 -9.13 -21.70 3.86
N ALA C 27 -10.30 -21.70 4.51
CA ALA C 27 -11.22 -20.56 4.43
C ALA C 27 -10.83 -19.41 5.34
N SER C 28 -10.31 -19.71 6.53
CA SER C 28 -9.82 -18.67 7.45
C SER C 28 -8.59 -17.96 6.88
N GLU C 29 -7.65 -18.74 6.33
CA GLU C 29 -6.47 -18.21 5.66
C GLU C 29 -6.84 -17.22 4.56
N ARG C 30 -7.70 -17.62 3.65
CA ARG C 30 -7.99 -16.80 2.46
C ARG C 30 -8.70 -15.49 2.85
N ALA C 31 -9.50 -15.56 3.91
CA ALA C 31 -10.14 -14.37 4.49
C ALA C 31 -9.11 -13.43 5.16
N CYS C 32 -8.13 -14.01 5.85
CA CYS C 32 -7.01 -13.22 6.41
C CYS C 32 -6.18 -12.50 5.33
N TRP C 33 -5.95 -13.16 4.20
CA TRP C 33 -5.26 -12.51 3.08
C TRP C 33 -6.07 -11.34 2.54
N ARG C 34 -7.39 -11.52 2.43
CA ARG C 34 -8.30 -10.45 1.95
C ARG C 34 -8.25 -9.20 2.83
N VAL C 35 -8.01 -9.38 4.13
CA VAL C 35 -7.81 -8.25 5.05
C VAL C 35 -6.48 -7.55 4.80
N LEU C 36 -5.42 -8.33 4.55
CA LEU C 36 -4.09 -7.77 4.30
C LEU C 36 -3.95 -7.08 2.94
N GLN C 37 -4.76 -7.48 1.95
CA GLN C 37 -4.83 -6.77 0.66
C GLN C 37 -5.36 -5.35 0.82
N ILE C 38 -6.33 -5.18 1.73
CA ILE C 38 -6.94 -3.89 2.00
C ILE C 38 -6.08 -3.11 2.97
N ALA C 39 -5.65 -3.76 4.05
CA ALA C 39 -4.89 -3.13 5.13
C ALA C 39 -3.74 -4.04 5.59
N PRO C 40 -2.54 -3.90 4.99
CA PRO C 40 -1.43 -4.83 5.27
C PRO C 40 -0.75 -4.69 6.65
N ASP C 41 -1.07 -3.61 7.39
CA ASP C 41 -0.63 -3.45 8.78
C ASP C 41 -1.66 -3.95 9.81
N ASN C 42 -2.65 -4.74 9.38
CA ASN C 42 -3.65 -5.28 10.29
C ASN C 42 -3.07 -6.43 11.15
N SER C 43 -2.65 -6.10 12.36
CA SER C 43 -1.97 -7.04 13.24
C SER C 43 -2.82 -8.23 13.66
N GLU C 44 -4.13 -8.06 13.70
CA GLU C 44 -5.04 -9.16 14.06
C GLU C 44 -5.03 -10.29 13.02
N ALA C 45 -4.81 -9.92 11.76
CA ALA C 45 -4.92 -10.82 10.62
C ALA C 45 -3.56 -11.48 10.36
N LEU C 46 -2.50 -10.68 10.48
CA LEU C 46 -1.12 -11.17 10.59
C LEU C 46 -1.04 -12.23 11.66
N HIS C 47 -1.53 -11.90 12.86
CA HIS C 47 -1.55 -12.85 13.99
C HIS C 47 -2.29 -14.17 13.71
N LEU C 48 -3.48 -14.07 13.12
CA LEU C 48 -4.31 -15.25 12.84
C LEU C 48 -3.68 -16.15 11.77
N LEU C 49 -3.20 -15.54 10.68
CA LEU C 49 -2.35 -16.25 9.71
C LEU C 49 -1.11 -16.88 10.35
N GLY C 50 -0.55 -16.19 11.34
CA GLY C 50 0.46 -16.75 12.21
C GLY C 50 0.07 -18.07 12.85
N LEU C 51 -1.05 -18.10 13.59
CA LEU C 51 -1.55 -19.33 14.24
C LEU C 51 -1.69 -20.46 13.25
N LEU C 52 -2.43 -20.19 12.19
CA LEU C 52 -2.88 -21.20 11.25
C LEU C 52 -1.71 -21.91 10.61
N HIS C 53 -0.74 -21.13 10.12
CA HIS C 53 0.50 -21.70 9.58
C HIS C 53 1.36 -22.39 10.66
N GLY C 54 1.28 -21.90 11.89
CA GLY C 54 1.87 -22.58 13.04
C GLY C 54 1.26 -23.95 13.31
N GLU C 55 -0.06 -24.05 13.24
CA GLU C 55 -0.75 -25.34 13.31
C GLU C 55 -0.43 -26.24 12.11
N CYS C 56 -0.36 -25.66 10.91
CA CYS C 56 0.04 -26.40 9.70
C CYS C 56 1.54 -26.80 9.65
N GLY C 57 2.38 -26.24 10.51
CA GLY C 57 3.80 -26.62 10.56
C GLY C 57 4.76 -25.75 9.75
N ASN C 58 4.24 -24.73 9.08
CA ASN C 58 5.08 -23.77 8.34
C ASN C 58 5.68 -22.74 9.29
N TYR C 59 6.63 -23.16 10.10
CA TYR C 59 7.13 -22.31 11.19
C TYR C 59 7.90 -21.07 10.69
N GLY C 60 8.51 -21.17 9.51
CA GLY C 60 9.19 -20.04 8.86
C GLY C 60 8.27 -18.86 8.63
N LEU C 61 7.19 -19.10 7.88
CA LEU C 61 6.17 -18.06 7.60
C LEU C 61 5.51 -17.63 8.88
N ALA C 62 5.08 -18.62 9.66
CA ALA C 62 4.40 -18.40 10.94
C ALA C 62 5.14 -17.38 11.78
N ALA C 63 6.41 -17.67 12.04
CA ALA C 63 7.26 -16.85 12.91
C ALA C 63 7.38 -15.42 12.42
N THR C 64 7.56 -15.21 11.12
CA THR C 64 7.71 -13.84 10.62
C THR C 64 6.38 -13.07 10.61
N LEU C 65 5.28 -13.74 10.28
CA LEU C 65 3.94 -13.14 10.47
C LEU C 65 3.66 -12.73 11.93
N LEU C 66 4.02 -13.60 12.87
CA LEU C 66 3.81 -13.34 14.29
C LEU C 66 4.73 -12.27 14.85
N ARG C 67 6.00 -12.27 14.43
CA ARG C 67 6.94 -11.20 14.81
C ARG C 67 6.50 -9.81 14.31
N ARG C 68 5.89 -9.77 13.12
CA ARG C 68 5.42 -8.50 12.55
C ARG C 68 4.19 -8.00 13.33
N ALA C 69 3.32 -8.92 13.70
CA ALA C 69 2.19 -8.62 14.59
C ALA C 69 2.66 -8.08 15.95
N VAL C 70 3.66 -8.72 16.52
CA VAL C 70 4.32 -8.21 17.74
C VAL C 70 4.87 -6.78 17.53
N ALA C 71 5.53 -6.52 16.40
CA ALA C 71 6.10 -5.19 16.15
C ALA C 71 5.01 -4.11 16.06
N LEU C 72 3.89 -4.45 15.41
CA LEU C 72 2.78 -3.51 15.21
C LEU C 72 1.94 -3.32 16.47
N ASP C 73 1.95 -4.29 17.37
CA ASP C 73 1.20 -4.19 18.62
C ASP C 73 1.90 -5.01 19.70
N PRO C 74 3.02 -4.51 20.24
CA PRO C 74 3.82 -5.25 21.21
C PRO C 74 3.25 -5.41 22.61
N GLY C 75 2.18 -4.68 22.91
CA GLY C 75 1.50 -4.82 24.20
C GLY C 75 0.54 -6.00 24.28
N GLU C 76 0.19 -6.57 23.12
CA GLU C 76 -0.81 -7.64 23.02
C GLU C 76 -0.17 -8.98 23.35
N ALA C 77 -0.51 -9.53 24.52
CA ALA C 77 0.10 -10.75 25.05
C ALA C 77 -0.08 -11.98 24.17
N SER C 78 -1.23 -12.11 23.51
CA SER C 78 -1.52 -13.31 22.72
C SER C 78 -0.59 -13.47 21.53
N TYR C 79 -0.10 -12.35 20.98
CA TYR C 79 0.84 -12.36 19.86
C TYR C 79 2.20 -12.92 20.30
N HIS C 80 2.61 -12.54 21.52
CA HIS C 80 3.79 -13.13 22.17
C HIS C 80 3.62 -14.61 22.50
N TYR C 81 2.45 -14.97 23.03
CA TYR C 81 2.12 -16.37 23.33
C TYR C 81 2.33 -17.26 22.11
N ASN C 82 1.66 -16.92 21.02
CA ASN C 82 1.69 -17.75 19.82
C ASN C 82 3.02 -17.78 19.09
N LEU C 83 3.77 -16.68 19.18
CA LEU C 83 5.14 -16.65 18.72
C LEU C 83 5.97 -17.64 19.51
N GLY C 84 5.87 -17.59 20.83
CA GLY C 84 6.60 -18.53 21.69
C GLY C 84 6.35 -19.99 21.35
N ASN C 85 5.09 -20.36 21.08
CA ASN C 85 4.74 -21.74 20.70
C ASN C 85 5.35 -22.16 19.37
N VAL C 86 5.28 -21.27 18.40
CA VAL C 86 5.92 -21.51 17.10
C VAL C 86 7.42 -21.70 17.30
N LEU C 87 8.06 -20.84 18.08
CA LEU C 87 9.50 -20.93 18.30
C LEU C 87 9.91 -22.23 19.01
N VAL C 88 9.15 -22.60 20.05
CA VAL C 88 9.36 -23.89 20.73
C VAL C 88 9.20 -25.02 19.74
N ALA C 89 8.14 -24.99 18.95
CA ALA C 89 7.85 -26.10 17.99
C ALA C 89 8.88 -26.19 16.86
N SER C 90 9.51 -25.07 16.55
CA SER C 90 10.50 -25.01 15.48
C SER C 90 11.86 -25.54 15.92
N GLY C 91 12.07 -25.75 17.22
CA GLY C 91 13.34 -26.19 17.77
C GLY C 91 14.08 -25.13 18.58
N GLN C 92 13.53 -23.90 18.61
CA GLN C 92 14.20 -22.78 19.27
C GLN C 92 13.56 -22.60 20.63
N VAL C 93 13.87 -23.52 21.54
CA VAL C 93 13.15 -23.63 22.81
C VAL C 93 13.38 -22.43 23.73
N GLU C 94 14.61 -21.97 23.90
CA GLU C 94 14.89 -20.85 24.82
C GLU C 94 14.31 -19.53 24.34
N ARG C 95 14.32 -19.29 23.03
CA ARG C 95 13.70 -18.09 22.44
C ARG C 95 12.18 -18.06 22.64
N GLY C 96 11.56 -19.24 22.55
CA GLY C 96 10.13 -19.40 22.78
C GLY C 96 9.75 -19.20 24.23
N ILE C 97 10.50 -19.82 25.13
CA ILE C 97 10.27 -19.66 26.58
C ILE C 97 10.25 -18.17 26.92
N THR C 98 11.23 -17.41 26.42
CA THR C 98 11.27 -15.94 26.57
C THR C 98 9.97 -15.29 26.06
N SER C 99 9.54 -15.62 24.86
CA SER C 99 8.26 -15.13 24.35
C SER C 99 7.06 -15.46 25.27
N LEU C 100 7.06 -16.66 25.84
CA LEU C 100 6.01 -17.07 26.78
C LEU C 100 6.07 -16.24 28.07
N HIS C 101 7.27 -16.00 28.58
CA HIS C 101 7.45 -15.08 29.72
C HIS C 101 6.86 -13.70 29.43
N HIS C 102 7.13 -13.16 28.25
CA HIS C 102 6.60 -11.84 27.88
C HIS C 102 5.09 -11.82 27.92
N ALA C 103 4.46 -12.87 27.41
CA ALA C 103 3.01 -12.99 27.36
C ALA C 103 2.42 -12.98 28.77
N LEU C 104 3.10 -13.66 29.71
CA LEU C 104 2.69 -13.64 31.13
C LEU C 104 3.02 -12.33 31.83
N GLU C 105 4.12 -11.70 31.49
CA GLU C 105 4.41 -10.39 32.03
C GLU C 105 3.30 -9.41 31.63
N LEU C 106 2.83 -9.49 30.40
CA LEU C 106 1.82 -8.56 29.88
C LEU C 106 0.40 -8.85 30.34
N ARG C 107 0.12 -10.13 30.60
CA ARG C 107 -1.19 -10.56 31.04
C ARG C 107 -0.94 -11.66 32.07
N PRO C 108 -0.75 -11.28 33.35
CA PRO C 108 -0.43 -12.28 34.37
C PRO C 108 -1.46 -13.37 34.60
N ASP C 109 -2.72 -13.13 34.22
CA ASP C 109 -3.78 -14.16 34.31
C ASP C 109 -4.05 -14.87 32.97
N TYR C 110 -2.97 -15.28 32.30
CA TYR C 110 -3.04 -15.95 31.01
C TYR C 110 -2.82 -17.44 31.26
N HIS C 111 -3.91 -18.16 31.54
CA HIS C 111 -3.81 -19.60 31.87
C HIS C 111 -3.23 -20.50 30.76
N ARG C 112 -3.42 -20.14 29.48
CA ARG C 112 -2.92 -20.95 28.36
C ARG C 112 -1.42 -20.76 28.18
N ALA C 113 -0.95 -19.54 28.39
CA ALA C 113 0.48 -19.23 28.30
C ALA C 113 1.22 -19.84 29.48
N HIS C 114 0.55 -19.87 30.64
CA HIS C 114 1.11 -20.49 31.85
C HIS C 114 1.29 -22.00 31.65
N SER C 115 0.30 -22.66 31.05
CA SER C 115 0.42 -24.08 30.65
C SER C 115 1.56 -24.25 29.67
N GLY C 116 1.46 -23.51 28.55
CA GLY C 116 2.45 -23.58 27.47
C GLY C 116 3.85 -23.50 28.01
N LEU C 117 4.08 -22.53 28.89
CA LEU C 117 5.36 -22.37 29.57
C LEU C 117 5.73 -23.64 30.32
N TYR C 118 4.82 -24.14 31.16
CA TYR C 118 5.03 -25.42 31.88
C TYR C 118 5.44 -26.57 30.95
N VAL C 119 4.70 -26.73 29.86
CA VAL C 119 5.02 -27.72 28.82
C VAL C 119 6.42 -27.48 28.27
N ALA C 120 6.66 -26.23 27.86
CA ALA C 120 7.90 -25.83 27.18
C ALA C 120 9.14 -26.19 27.99
N LEU C 121 9.05 -26.08 29.32
CA LEU C 121 10.18 -26.39 30.21
C LEU C 121 10.70 -27.83 30.08
N HIS C 122 9.84 -28.75 29.62
CA HIS C 122 10.24 -30.16 29.47
C HIS C 122 11.20 -30.42 28.30
N TYR C 123 11.20 -29.50 27.32
CA TYR C 123 12.13 -29.55 26.19
C TYR C 123 13.52 -28.98 26.50
N SER C 124 13.77 -28.53 27.72
CA SER C 124 15.03 -27.89 28.08
C SER C 124 15.65 -28.49 29.32
N ALA C 125 16.95 -28.78 29.26
CA ALA C 125 17.68 -29.34 30.40
C ALA C 125 17.99 -28.31 31.48
N LEU C 126 17.75 -27.03 31.20
CA LEU C 126 18.01 -25.97 32.16
C LEU C 126 17.03 -25.87 33.34
N TYR C 127 15.94 -26.65 33.32
CA TYR C 127 14.90 -26.56 34.35
C TYR C 127 14.71 -27.92 35.03
N ASP C 128 15.16 -27.99 36.28
CA ASP C 128 15.12 -29.23 37.06
C ASP C 128 13.68 -29.60 37.47
N PRO C 129 13.46 -30.85 37.95
CA PRO C 129 12.10 -31.25 38.36
C PRO C 129 11.42 -30.31 39.37
N ARG C 130 12.19 -29.69 40.26
CA ARG C 130 11.65 -28.80 41.27
C ARG C 130 11.03 -27.54 40.66
N ALA C 131 11.66 -26.99 39.62
CA ALA C 131 11.16 -25.79 38.94
C ALA C 131 9.86 -26.03 38.18
N ARG C 132 9.76 -27.18 37.52
CA ARG C 132 8.56 -27.55 36.74
C ARG C 132 7.37 -27.78 37.64
N HIS C 133 7.59 -28.58 38.69
CA HIS C 133 6.62 -28.87 39.76
C HIS C 133 6.00 -27.60 40.35
N ILE C 134 6.86 -26.67 40.75
CA ILE C 134 6.42 -25.40 41.34
C ILE C 134 5.55 -24.59 40.37
N LEU C 135 5.99 -24.47 39.13
CA LEU C 135 5.20 -23.76 38.14
C LEU C 135 3.83 -24.42 37.93
N ALA C 136 3.76 -25.75 37.99
CA ALA C 136 2.51 -26.48 37.77
C ALA C 136 1.52 -26.22 38.88
N LEU C 137 2.00 -26.37 40.11
CA LEU C 137 1.25 -26.02 41.32
C LEU C 137 0.74 -24.59 41.24
N ASP C 138 1.64 -23.67 40.89
CA ASP C 138 1.28 -22.25 40.77
C ASP C 138 0.07 -22.08 39.86
N TRP C 139 0.09 -22.75 38.71
CA TRP C 139 -1.03 -22.75 37.75
C TRP C 139 -2.31 -23.23 38.39
N ALA C 140 -2.23 -24.39 39.03
CA ALA C 140 -3.39 -25.04 39.65
C ALA C 140 -4.02 -24.16 40.70
N ARG C 141 -3.19 -23.66 41.60
CA ARG C 141 -3.63 -22.74 42.64
C ARG C 141 -4.39 -21.51 42.06
N ARG C 142 -3.93 -21.00 40.94
CA ARG C 142 -4.56 -19.84 40.32
C ARG C 142 -5.88 -20.15 39.65
N TYR C 143 -5.93 -21.23 38.87
CA TYR C 143 -7.03 -21.49 37.92
C TYR C 143 -7.89 -22.73 38.14
N ALA C 144 -7.44 -23.66 38.99
CA ALA C 144 -8.08 -24.98 39.14
C ALA C 144 -8.58 -25.21 40.56
N ASP C 145 -7.67 -25.18 41.53
CA ASP C 145 -8.02 -25.50 42.93
C ASP C 145 -9.11 -24.65 43.59
N PRO C 146 -9.23 -23.34 43.24
CA PRO C 146 -10.39 -22.55 43.69
C PRO C 146 -11.75 -23.15 43.34
N LEU C 147 -11.86 -23.82 42.19
CA LEU C 147 -13.10 -24.45 41.75
C LEU C 147 -13.40 -25.83 42.41
N THR C 148 -12.42 -26.42 43.08
CA THR C 148 -12.50 -27.83 43.49
C THR C 148 -13.17 -28.06 44.86
N PRO C 149 -14.32 -28.78 44.88
CA PRO C 149 -14.87 -29.14 46.19
C PRO C 149 -14.11 -30.30 46.82
N VAL C 150 -14.46 -30.63 48.06
CA VAL C 150 -13.84 -31.74 48.80
C VAL C 150 -14.37 -33.04 48.16
N PRO C 151 -13.58 -34.14 48.19
CA PRO C 151 -14.12 -35.37 47.59
C PRO C 151 -15.39 -35.85 48.29
N ALA C 152 -16.48 -35.94 47.53
CA ALA C 152 -17.74 -36.52 48.01
C ALA C 152 -17.65 -38.02 47.82
N THR C 153 -18.51 -38.77 48.52
CA THR C 153 -18.57 -40.23 48.34
C THR C 153 -19.35 -40.49 47.05
N PRO C 154 -18.95 -41.50 46.27
CA PRO C 154 -19.62 -41.80 44.99
C PRO C 154 -21.09 -42.17 45.10
N VAL C 155 -21.84 -41.86 44.06
CA VAL C 155 -23.26 -42.21 43.95
C VAL C 155 -23.39 -43.69 43.54
N ASP C 156 -24.32 -44.42 44.18
CA ASP C 156 -24.40 -45.87 44.06
C ASP C 156 -23.01 -46.49 44.27
N PRO C 157 -22.45 -46.33 45.49
CA PRO C 157 -21.09 -46.83 45.73
C PRO C 157 -21.06 -48.35 45.90
N ASP C 158 -21.38 -49.05 44.80
CA ASP C 158 -21.40 -50.51 44.75
C ASP C 158 -20.04 -50.85 44.14
N PRO C 159 -19.12 -51.45 44.92
CA PRO C 159 -17.79 -51.73 44.35
C PRO C 159 -17.77 -52.64 43.10
N HIS C 160 -18.82 -53.44 42.89
CA HIS C 160 -18.84 -54.43 41.81
C HIS C 160 -19.71 -54.08 40.60
N ARG C 161 -20.48 -52.99 40.66
CA ARG C 161 -21.38 -52.65 39.55
C ARG C 161 -20.66 -52.22 38.27
N ARG C 162 -21.41 -52.21 37.18
CA ARG C 162 -20.90 -51.72 35.89
C ARG C 162 -20.59 -50.23 36.03
N LEU C 163 -19.35 -49.87 35.66
CA LEU C 163 -18.84 -48.48 35.76
C LEU C 163 -18.93 -47.74 34.42
N ARG C 164 -19.22 -46.45 34.48
CA ARG C 164 -19.24 -45.61 33.29
C ARG C 164 -17.96 -44.82 33.23
N ILE C 165 -17.22 -44.98 32.14
CA ILE C 165 -15.92 -44.30 31.94
C ILE C 165 -16.11 -43.23 30.88
N GLY C 166 -15.62 -42.03 31.20
CA GLY C 166 -15.64 -40.89 30.29
C GLY C 166 -14.23 -40.48 29.90
N TYR C 167 -13.96 -40.48 28.60
CA TYR C 167 -12.66 -40.07 28.06
C TYR C 167 -12.82 -38.68 27.49
N VAL C 168 -12.08 -37.71 28.04
CA VAL C 168 -12.18 -36.29 27.63
C VAL C 168 -10.89 -35.83 26.95
N SER C 169 -10.98 -35.50 25.66
CA SER C 169 -9.82 -35.06 24.87
C SER C 169 -10.21 -34.22 23.68
N GLY C 170 -9.34 -33.29 23.32
CA GLY C 170 -9.46 -32.53 22.08
C GLY C 170 -8.55 -33.02 20.95
N GLU C 171 -7.97 -34.20 21.11
CA GLU C 171 -7.27 -34.83 19.98
C GLU C 171 -7.69 -36.31 19.81
N LEU C 172 -9.01 -36.51 19.82
CA LEU C 172 -9.64 -37.75 19.38
C LEU C 172 -9.70 -37.72 17.87
N ARG C 173 -8.59 -38.11 17.24
CA ARG C 173 -8.44 -38.13 15.76
C ARG C 173 -7.09 -38.79 15.42
N CYS C 174 -6.70 -38.79 14.13
CA CYS C 174 -5.38 -39.29 13.70
C CYS C 174 -4.30 -38.53 14.43
N HIS C 175 -3.91 -39.09 15.57
CA HIS C 175 -3.04 -38.41 16.52
C HIS C 175 -2.72 -39.43 17.61
N PRO C 176 -1.49 -39.41 18.15
CA PRO C 176 -1.10 -40.33 19.23
C PRO C 176 -2.19 -40.71 20.23
N VAL C 177 -2.90 -39.71 20.75
CA VAL C 177 -4.06 -39.91 21.64
C VAL C 177 -5.06 -40.88 21.03
N GLY C 178 -5.62 -40.52 19.89
CA GLY C 178 -6.52 -41.40 19.14
C GLY C 178 -5.95 -42.78 18.77
N TYR C 179 -4.67 -42.84 18.45
CA TYR C 179 -4.01 -44.09 18.05
C TYR C 179 -3.99 -45.09 19.20
N PHE C 180 -3.64 -44.63 20.40
CA PHE C 180 -3.61 -45.48 21.59
C PHE C 180 -4.97 -45.68 22.29
N LEU C 181 -5.91 -44.78 22.05
CA LEU C 181 -7.25 -44.93 22.64
C LEU C 181 -8.08 -45.96 21.89
N GLU C 182 -8.01 -45.96 20.56
CA GLU C 182 -8.76 -46.92 19.72
C GLU C 182 -8.76 -48.39 20.23
N PRO C 183 -7.57 -49.00 20.44
CA PRO C 183 -7.58 -50.36 21.01
C PRO C 183 -8.31 -50.48 22.35
N VAL C 184 -8.07 -49.52 23.24
CA VAL C 184 -8.69 -49.50 24.58
C VAL C 184 -10.22 -49.40 24.53
N ILE C 185 -10.73 -48.50 23.70
CA ILE C 185 -12.17 -48.36 23.49
C ILE C 185 -12.80 -49.64 22.92
N GLU C 186 -12.19 -50.22 21.89
CA GLU C 186 -12.68 -51.47 21.29
C GLU C 186 -12.75 -52.62 22.31
N ALA C 187 -11.67 -52.80 23.08
CA ALA C 187 -11.53 -53.98 23.96
C ALA C 187 -12.13 -53.84 25.36
N HIS C 188 -12.71 -52.68 25.68
CA HIS C 188 -13.31 -52.48 27.01
C HIS C 188 -14.43 -53.49 27.28
N ASP C 189 -14.34 -54.18 28.41
CA ASP C 189 -15.33 -55.19 28.80
C ASP C 189 -16.67 -54.52 29.10
N ARG C 190 -17.63 -54.70 28.19
N ARG C 190 -17.63 -54.70 28.19
CA ARG C 190 -18.95 -54.07 28.31
CA ARG C 190 -18.95 -54.07 28.31
C ARG C 190 -19.82 -54.62 29.45
C ARG C 190 -19.82 -54.62 29.44
N THR C 191 -19.50 -55.82 29.95
CA THR C 191 -20.20 -56.37 31.12
C THR C 191 -19.95 -55.49 32.34
N ALA C 192 -18.70 -55.01 32.48
CA ALA C 192 -18.24 -54.26 33.65
C ALA C 192 -18.01 -52.74 33.43
N TYR C 193 -17.96 -52.28 32.18
CA TYR C 193 -17.65 -50.88 31.87
C TYR C 193 -18.51 -50.35 30.72
N GLU C 194 -18.78 -49.05 30.73
CA GLU C 194 -19.47 -48.38 29.62
C GLU C 194 -18.73 -47.11 29.20
N VAL C 195 -18.60 -46.91 27.89
CA VAL C 195 -17.63 -45.95 27.34
C VAL C 195 -18.31 -44.70 26.73
N TYR C 196 -18.10 -43.58 27.42
CA TYR C 196 -18.47 -42.25 26.94
C TYR C 196 -17.19 -41.60 26.43
N CYS C 197 -17.27 -40.93 25.29
CA CYS C 197 -16.16 -40.08 24.80
C CYS C 197 -16.61 -38.64 24.73
N TYR C 198 -15.77 -37.71 25.16
CA TYR C 198 -16.09 -36.29 25.04
C TYR C 198 -15.03 -35.64 24.15
N SER C 199 -15.40 -35.37 22.89
CA SER C 199 -14.49 -34.80 21.88
C SER C 199 -14.44 -33.27 22.00
N ASN C 200 -13.27 -32.74 22.34
CA ASN C 200 -13.08 -31.31 22.57
C ASN C 200 -12.40 -30.55 21.40
N ASP C 201 -12.64 -31.02 20.17
CA ASP C 201 -12.14 -30.38 18.98
C ASP C 201 -12.99 -30.82 17.80
N PRO C 202 -13.37 -29.87 16.91
CA PRO C 202 -14.27 -30.22 15.80
C PRO C 202 -13.70 -31.11 14.70
N ARG C 203 -12.38 -31.18 14.54
CA ARG C 203 -11.80 -32.03 13.51
C ARG C 203 -12.27 -33.47 13.67
N SER C 204 -12.89 -33.99 12.63
CA SER C 204 -13.45 -35.33 12.61
C SER C 204 -13.03 -36.05 11.33
N ASP C 205 -11.98 -36.86 11.45
CA ASP C 205 -11.42 -37.68 10.35
C ASP C 205 -11.85 -39.15 10.48
N ALA C 206 -11.35 -40.01 9.59
CA ALA C 206 -11.65 -41.44 9.63
C ALA C 206 -11.50 -42.11 11.01
N LEU C 207 -10.50 -41.71 11.79
CA LEU C 207 -10.29 -42.31 13.12
C LEU C 207 -11.35 -41.87 14.15
N THR C 208 -11.81 -40.62 14.07
CA THR C 208 -12.88 -40.15 14.97
C THR C 208 -14.17 -40.93 14.67
N ASP C 209 -14.45 -41.15 13.38
CA ASP C 209 -15.59 -41.97 12.95
C ASP C 209 -15.51 -43.36 13.55
N ARG C 210 -14.31 -43.96 13.56
CA ARG C 210 -14.10 -45.25 14.22
C ARG C 210 -14.28 -45.17 15.74
N LEU C 211 -13.70 -44.15 16.38
CA LEU C 211 -13.86 -43.94 17.83
C LEU C 211 -15.33 -43.73 18.22
N ARG C 212 -16.06 -42.96 17.41
CA ARG C 212 -17.50 -42.72 17.63
C ARG C 212 -18.30 -44.02 17.54
N ALA C 213 -18.00 -44.83 16.52
CA ALA C 213 -18.66 -46.14 16.32
C ALA C 213 -18.35 -47.14 17.44
N LEU C 214 -17.08 -47.18 17.87
CA LEU C 214 -16.69 -48.07 18.96
C LEU C 214 -17.18 -47.62 20.36
N SER C 215 -17.42 -46.32 20.53
CA SER C 215 -17.98 -45.78 21.79
C SER C 215 -19.43 -46.18 21.95
N ASP C 216 -19.85 -46.33 23.21
CA ASP C 216 -21.27 -46.53 23.54
C ASP C 216 -22.04 -45.22 23.38
N ARG C 217 -21.48 -44.12 23.90
CA ARG C 217 -22.05 -42.76 23.75
C ARG C 217 -20.97 -41.80 23.31
N TRP C 218 -21.34 -40.74 22.57
CA TRP C 218 -20.35 -39.82 21.96
C TRP C 218 -20.17 -38.38 22.52
N ARG C 219 -21.14 -37.48 22.41
CA ARG C 219 -20.98 -36.07 22.93
C ARG C 219 -19.85 -35.21 22.33
N ASP C 220 -20.22 -34.27 21.45
CA ASP C 220 -19.34 -33.20 20.96
C ASP C 220 -19.35 -32.00 21.92
N VAL C 221 -18.18 -31.71 22.48
CA VAL C 221 -18.07 -30.86 23.66
C VAL C 221 -17.47 -29.46 23.43
N TRP C 222 -16.75 -29.27 22.33
CA TRP C 222 -16.05 -27.99 22.08
C TRP C 222 -16.92 -26.72 22.22
N PRO C 223 -18.19 -26.74 21.78
CA PRO C 223 -19.00 -25.52 21.94
C PRO C 223 -19.52 -25.21 23.36
N LEU C 224 -19.36 -26.14 24.31
CA LEU C 224 -19.94 -25.99 25.64
C LEU C 224 -18.98 -25.28 26.57
N THR C 225 -19.50 -24.57 27.57
CA THR C 225 -18.67 -23.97 28.64
C THR C 225 -18.24 -25.08 29.59
N ASP C 226 -17.29 -24.79 30.47
CA ASP C 226 -16.86 -25.79 31.46
C ASP C 226 -17.98 -26.13 32.45
N ALA C 227 -18.81 -25.14 32.80
CA ALA C 227 -19.99 -25.39 33.65
C ALA C 227 -21.03 -26.30 32.96
N GLU C 228 -21.32 -26.02 31.68
CA GLU C 228 -22.19 -26.86 30.83
C GLU C 228 -21.67 -28.30 30.68
N LEU C 229 -20.36 -28.47 30.52
CA LEU C 229 -19.77 -29.81 30.43
C LEU C 229 -19.93 -30.56 31.75
N CYS C 230 -19.72 -29.85 32.86
CA CYS C 230 -19.88 -30.47 34.19
C CYS C 230 -21.28 -31.02 34.43
N GLU C 231 -22.30 -30.24 34.10
CA GLU C 231 -23.68 -30.69 34.29
C GLU C 231 -24.01 -31.82 33.29
N LEU C 232 -23.37 -31.83 32.13
CA LEU C 232 -23.44 -32.97 31.18
C LEU C 232 -22.80 -34.26 31.72
N VAL C 233 -21.60 -34.15 32.30
CA VAL C 233 -20.90 -35.31 32.87
C VAL C 233 -21.67 -35.87 34.08
N ARG C 234 -22.16 -34.97 34.94
CA ARG C 234 -23.00 -35.35 36.08
C ARG C 234 -24.29 -36.06 35.65
N ARG C 235 -24.94 -35.58 34.58
CA ARG C 235 -26.19 -36.16 34.10
C ARG C 235 -25.97 -37.51 33.43
N ASP C 236 -24.87 -37.64 32.70
CA ASP C 236 -24.43 -38.94 32.18
C ASP C 236 -24.05 -39.93 33.29
N GLY C 237 -23.67 -39.41 34.45
CA GLY C 237 -23.42 -40.24 35.61
C GLY C 237 -22.06 -40.91 35.55
N ILE C 238 -21.06 -40.18 35.10
CA ILE C 238 -19.72 -40.75 34.88
C ILE C 238 -19.05 -41.02 36.22
N ASP C 239 -18.58 -42.25 36.41
CA ASP C 239 -17.91 -42.67 37.64
C ASP C 239 -16.42 -42.36 37.57
N ILE C 240 -15.83 -42.60 36.41
CA ILE C 240 -14.40 -42.39 36.19
C ILE C 240 -14.26 -41.50 34.96
N LEU C 241 -13.74 -40.29 35.16
CA LEU C 241 -13.51 -39.36 34.06
C LEU C 241 -12.01 -39.31 33.80
N VAL C 242 -11.62 -39.47 32.53
CA VAL C 242 -10.21 -39.58 32.16
C VAL C 242 -9.81 -38.42 31.26
N ASP C 243 -8.78 -37.69 31.70
CA ASP C 243 -8.12 -36.64 30.93
C ASP C 243 -7.08 -37.28 30.02
N LEU C 244 -7.38 -37.32 28.74
CA LEU C 244 -6.47 -37.83 27.74
C LEU C 244 -5.53 -36.76 27.18
N SER C 245 -5.91 -35.48 27.27
CA SER C 245 -5.13 -34.41 26.62
C SER C 245 -3.98 -33.84 27.43
N TRP C 246 -4.20 -33.62 28.72
CA TRP C 246 -3.20 -33.00 29.63
C TRP C 246 -2.89 -31.56 29.13
N HIS C 247 -1.95 -30.91 29.78
CA HIS C 247 -1.43 -29.63 29.30
C HIS C 247 -0.97 -29.53 27.83
N LEU C 248 -0.66 -30.66 27.18
CA LEU C 248 -0.12 -30.68 25.82
C LEU C 248 -1.20 -30.48 24.78
N GLY C 249 -2.47 -30.67 25.14
CA GLY C 249 -3.55 -30.71 24.15
C GLY C 249 -4.69 -29.79 24.50
N MET C 250 -5.74 -29.86 23.71
CA MET C 250 -6.94 -29.09 23.97
C MET C 250 -7.74 -29.79 25.09
N HIS C 251 -7.22 -29.63 26.32
CA HIS C 251 -7.76 -30.27 27.51
C HIS C 251 -9.02 -29.57 27.96
N ARG C 252 -9.60 -30.11 29.04
CA ARG C 252 -10.80 -29.56 29.65
C ARG C 252 -10.71 -29.69 31.16
N LEU C 253 -9.59 -29.23 31.70
CA LEU C 253 -9.19 -29.44 33.09
C LEU C 253 -9.93 -28.56 34.08
N PHE C 254 -10.55 -27.48 33.61
CA PHE C 254 -11.39 -26.67 34.50
C PHE C 254 -12.75 -27.31 34.73
N ALA C 255 -13.20 -28.14 33.79
CA ALA C 255 -14.32 -29.05 34.04
C ALA C 255 -13.91 -30.08 35.10
N PHE C 256 -12.74 -30.70 34.93
CA PHE C 256 -12.17 -31.62 35.95
C PHE C 256 -11.99 -30.95 37.29
N ALA C 257 -11.66 -29.66 37.28
CA ALA C 257 -11.41 -28.89 38.48
C ALA C 257 -12.59 -28.88 39.43
N ARG C 258 -13.81 -28.96 38.88
CA ARG C 258 -15.04 -28.97 39.69
C ARG C 258 -15.45 -30.33 40.30
N ARG C 259 -14.67 -31.39 40.04
CA ARG C 259 -15.00 -32.76 40.44
C ARG C 259 -16.40 -33.23 40.01
N PRO C 260 -16.70 -33.22 38.70
CA PRO C 260 -17.99 -33.76 38.23
C PRO C 260 -18.11 -35.27 38.37
N ALA C 261 -16.97 -35.96 38.52
CA ALA C 261 -16.93 -37.39 38.77
C ALA C 261 -16.12 -37.65 40.03
N PRO C 262 -16.48 -38.71 40.77
CA PRO C 262 -15.75 -39.07 42.00
C PRO C 262 -14.34 -39.68 41.80
N VAL C 263 -14.07 -40.23 40.62
CA VAL C 263 -12.74 -40.73 40.28
C VAL C 263 -12.30 -40.00 39.01
N GLN C 264 -11.19 -39.25 39.12
CA GLN C 264 -10.67 -38.47 38.02
C GLN C 264 -9.20 -38.77 37.79
N VAL C 265 -8.89 -39.11 36.53
CA VAL C 265 -7.65 -39.73 36.13
C VAL C 265 -7.01 -38.98 34.96
N THR C 266 -5.70 -38.81 34.97
CA THR C 266 -4.97 -38.32 33.78
C THR C 266 -4.07 -39.46 33.25
N TRP C 267 -4.13 -39.70 31.95
CA TRP C 267 -3.46 -40.85 31.33
C TRP C 267 -3.22 -40.58 29.83
N LEU C 268 -2.10 -41.12 29.31
CA LEU C 268 -1.76 -41.20 27.88
C LEU C 268 -0.88 -40.05 27.40
N ALA C 269 -1.32 -38.81 27.61
CA ALA C 269 -0.59 -37.63 27.18
C ALA C 269 0.29 -37.07 28.28
N ALA C 270 -0.07 -37.34 29.53
CA ALA C 270 0.64 -36.80 30.67
C ALA C 270 2.09 -37.25 30.65
N ILE C 271 2.98 -36.27 30.74
CA ILE C 271 4.41 -36.47 30.99
C ILE C 271 4.84 -35.97 32.39
N ASN C 272 3.92 -35.33 33.09
CA ASN C 272 4.16 -34.82 34.44
C ASN C 272 2.81 -34.53 35.09
N THR C 273 2.82 -34.09 36.35
CA THR C 273 1.61 -33.73 37.07
C THR C 273 0.82 -32.62 36.38
N THR C 274 -0.50 -32.68 36.54
CA THR C 274 -1.37 -31.55 36.20
C THR C 274 -1.17 -30.41 37.20
N GLY C 275 -0.72 -30.74 38.41
CA GLY C 275 -0.60 -29.79 39.49
C GLY C 275 -1.85 -29.66 40.35
N MET C 276 -2.94 -30.33 39.94
CA MET C 276 -4.28 -30.08 40.48
C MET C 276 -4.61 -31.00 41.67
N ARG C 277 -5.34 -30.46 42.66
CA ARG C 277 -5.95 -31.27 43.73
C ARG C 277 -7.06 -32.16 43.17
N ALA C 278 -7.85 -31.61 42.24
CA ALA C 278 -8.98 -32.29 41.62
C ALA C 278 -8.67 -33.57 40.85
N MET C 279 -7.43 -33.73 40.40
CA MET C 279 -7.03 -34.96 39.70
C MET C 279 -6.55 -35.97 40.72
N ASP C 280 -7.24 -37.10 40.78
CA ASP C 280 -7.02 -38.09 41.83
C ASP C 280 -5.86 -38.97 41.46
N TYR C 281 -5.89 -39.48 40.22
CA TYR C 281 -4.91 -40.47 39.73
C TYR C 281 -4.19 -40.06 38.44
N LEU C 282 -2.94 -40.49 38.34
CA LEU C 282 -2.19 -40.46 37.10
C LEU C 282 -1.75 -41.90 36.82
N VAL C 283 -2.16 -42.45 35.68
CA VAL C 283 -1.83 -43.83 35.30
C VAL C 283 -0.52 -43.93 34.50
N GLY C 284 0.53 -44.45 35.15
CA GLY C 284 1.84 -44.69 34.53
C GLY C 284 2.21 -46.16 34.54
N ASP C 285 3.48 -46.44 34.83
CA ASP C 285 3.96 -47.80 35.04
C ASP C 285 5.27 -47.82 35.84
N GLN C 286 5.75 -49.03 36.16
CA GLN C 286 6.82 -49.19 37.16
C GLN C 286 8.19 -48.73 36.72
N HIS C 287 8.46 -48.82 35.42
CA HIS C 287 9.67 -48.27 34.83
C HIS C 287 9.54 -46.79 34.54
N LEU C 288 8.36 -46.40 34.07
CA LEU C 288 8.08 -45.00 33.70
C LEU C 288 8.12 -44.00 34.86
N CYS C 289 7.67 -44.41 36.04
CA CYS C 289 7.56 -43.54 37.23
C CYS C 289 8.51 -44.06 38.33
N PRO C 290 9.69 -43.43 38.49
CA PRO C 290 10.72 -44.04 39.38
C PRO C 290 10.38 -44.01 40.87
N PRO C 291 11.03 -44.86 41.68
CA PRO C 291 10.69 -45.05 43.11
C PRO C 291 10.37 -43.81 43.97
N GLY C 292 11.23 -42.78 43.97
CA GLY C 292 11.03 -41.61 44.86
C GLY C 292 10.31 -40.41 44.24
N SER C 293 9.40 -40.68 43.31
CA SER C 293 8.87 -39.69 42.36
C SER C 293 7.58 -39.00 42.84
N ASP C 294 6.94 -39.58 43.86
CA ASP C 294 5.54 -39.30 44.17
C ASP C 294 5.28 -37.88 44.70
N GLU C 295 6.21 -37.38 45.52
CA GLU C 295 6.16 -35.99 46.01
C GLU C 295 6.03 -34.94 44.89
N LEU C 296 6.51 -35.26 43.69
CA LEU C 296 6.35 -34.38 42.52
C LEU C 296 4.96 -34.33 41.90
N TYR C 297 4.02 -35.14 42.40
CA TYR C 297 2.69 -35.28 41.81
C TYR C 297 1.58 -35.07 42.86
N THR C 298 0.63 -34.19 42.55
CA THR C 298 -0.60 -34.06 43.32
C THR C 298 -1.46 -35.32 43.20
N GLU C 299 -1.48 -35.90 42.00
CA GLU C 299 -2.19 -37.15 41.74
C GLU C 299 -1.48 -38.29 42.47
N ARG C 300 -2.22 -39.37 42.75
CA ARG C 300 -1.60 -40.62 43.17
C ARG C 300 -1.16 -41.38 41.93
N LEU C 301 0.11 -41.77 41.90
CA LEU C 301 0.64 -42.50 40.77
C LEU C 301 0.14 -43.93 40.81
N VAL C 302 -0.32 -44.42 39.65
CA VAL C 302 -0.78 -45.78 39.49
C VAL C 302 0.23 -46.46 38.57
N ARG C 303 1.17 -47.19 39.16
CA ARG C 303 2.24 -47.84 38.41
C ARG C 303 1.81 -49.23 37.95
N LEU C 304 1.19 -49.30 36.77
CA LEU C 304 0.85 -50.59 36.16
C LEU C 304 2.08 -51.49 36.03
N SER C 305 1.89 -52.81 36.17
CA SER C 305 2.96 -53.82 36.09
C SER C 305 3.23 -54.32 34.65
N ARG C 306 2.83 -53.51 33.66
CA ARG C 306 3.23 -53.64 32.26
C ARG C 306 3.53 -52.22 31.75
N PHE C 307 3.79 -52.07 30.46
CA PHE C 307 3.97 -50.76 29.83
C PHE C 307 2.67 -49.96 29.89
N TYR C 308 2.77 -48.65 30.10
CA TYR C 308 1.57 -47.82 30.34
C TYR C 308 0.62 -47.60 29.14
N LEU C 309 0.92 -48.19 27.98
CA LEU C 309 0.14 -48.01 26.76
C LEU C 309 -0.01 -49.34 26.01
N PRO C 310 -1.03 -49.44 25.13
CA PRO C 310 -1.17 -50.64 24.30
C PRO C 310 -0.26 -50.62 23.07
N CYS C 311 0.57 -51.65 22.93
CA CYS C 311 1.59 -51.75 21.87
C CYS C 311 1.20 -52.52 20.59
N ASN C 312 -0.05 -52.96 20.47
CA ASN C 312 -0.49 -53.67 19.27
C ASN C 312 -0.54 -52.72 18.08
N PRO C 313 -0.03 -53.16 16.90
CA PRO C 313 0.09 -52.27 15.75
C PRO C 313 -1.20 -52.16 14.95
N PRO C 314 -1.33 -51.12 14.11
CA PRO C 314 -2.51 -51.04 13.25
C PRO C 314 -2.55 -52.16 12.20
N PRO C 315 -3.71 -52.39 11.57
CA PRO C 315 -3.81 -53.44 10.56
C PRO C 315 -3.02 -53.13 9.27
N ASP C 316 -2.99 -51.86 8.85
CA ASP C 316 -2.35 -51.44 7.59
C ASP C 316 -0.83 -51.21 7.71
N LEU C 317 -0.13 -52.10 8.41
CA LEU C 317 1.30 -51.92 8.70
C LEU C 317 2.14 -52.27 7.47
N PRO C 318 3.03 -51.36 7.01
CA PRO C 318 3.77 -51.56 5.74
C PRO C 318 4.45 -52.92 5.53
N GLY C 319 4.94 -53.52 6.62
CA GLY C 319 5.59 -54.82 6.51
C GLY C 319 7.04 -54.66 6.06
N TRP C 320 7.90 -55.49 6.64
CA TRP C 320 9.34 -55.27 6.64
C TRP C 320 9.94 -55.57 5.28
N ALA C 321 10.98 -54.81 4.92
CA ALA C 321 11.72 -55.01 3.68
C ALA C 321 12.93 -55.89 3.98
N PRO C 322 13.60 -56.43 2.94
CA PRO C 322 14.82 -57.23 3.21
C PRO C 322 16.09 -56.42 3.62
N ALA C 323 15.90 -55.22 4.20
CA ALA C 323 16.96 -54.22 4.46
C ALA C 323 17.34 -53.45 3.18
N ASP C 324 17.18 -52.12 3.18
CA ASP C 324 17.53 -51.22 2.05
C ASP C 324 16.50 -51.31 0.92
N GLY C 329 25.57 -44.63 2.81
CA GLY C 329 26.56 -45.20 3.73
C GLY C 329 25.91 -45.87 4.93
N PHE C 330 26.50 -46.98 5.37
CA PHE C 330 26.08 -47.71 6.56
C PHE C 330 26.87 -47.16 7.76
N PRO C 331 26.27 -47.01 8.94
CA PRO C 331 24.85 -47.19 9.22
C PRO C 331 24.05 -45.89 9.06
N VAL C 332 22.78 -46.01 8.69
CA VAL C 332 21.86 -44.87 8.69
C VAL C 332 21.17 -44.84 10.05
N PHE C 333 21.50 -43.83 10.85
CA PHE C 333 20.77 -43.52 12.09
C PHE C 333 19.52 -42.68 11.77
N GLY C 334 18.49 -42.83 12.61
CA GLY C 334 17.19 -42.18 12.38
C GLY C 334 16.56 -41.64 13.67
N CYS C 335 15.88 -40.49 13.55
CA CYS C 335 15.09 -39.92 14.65
C CYS C 335 13.93 -39.12 14.11
N PHE C 336 12.72 -39.69 14.18
CA PHE C 336 11.54 -39.07 13.56
C PHE C 336 10.69 -38.30 14.58
N ASN C 337 11.35 -37.63 15.51
CA ASN C 337 10.70 -36.86 16.57
C ASN C 337 10.53 -35.36 16.26
N ARG C 338 9.51 -34.76 16.87
CA ARG C 338 9.26 -33.33 16.83
C ARG C 338 10.51 -32.53 17.12
N LEU C 339 10.63 -31.38 16.47
CA LEU C 339 11.86 -30.55 16.55
C LEU C 339 12.10 -29.95 17.92
N SER C 340 11.03 -29.76 18.69
CA SER C 340 11.12 -29.31 20.08
C SER C 340 11.98 -30.24 20.96
N MET C 341 11.98 -31.52 20.61
CA MET C 341 12.68 -32.55 21.37
C MET C 341 14.16 -32.67 20.99
N ILE C 342 14.54 -32.12 19.84
CA ILE C 342 15.92 -32.10 19.35
C ILE C 342 16.60 -30.76 19.67
N GLY C 343 17.17 -30.66 20.88
CA GLY C 343 17.92 -29.49 21.33
C GLY C 343 19.40 -29.74 21.55
N PRO C 344 20.11 -28.77 22.18
CA PRO C 344 21.56 -28.80 22.35
C PRO C 344 22.13 -30.04 23.03
N GLU C 345 21.42 -30.55 24.02
CA GLU C 345 21.87 -31.75 24.73
C GLU C 345 21.95 -32.97 23.79
N VAL C 346 20.95 -33.16 22.93
CA VAL C 346 20.91 -34.34 22.02
C VAL C 346 21.94 -34.16 20.91
N LEU C 347 21.90 -33.00 20.25
CA LEU C 347 22.84 -32.66 19.17
C LEU C 347 24.31 -32.86 19.54
N ASP C 348 24.70 -32.55 20.78
CA ASP C 348 26.06 -32.82 21.25
C ASP C 348 26.39 -34.32 21.15
N LEU C 349 25.46 -35.17 21.59
CA LEU C 349 25.66 -36.62 21.56
C LEU C 349 25.63 -37.19 20.15
N TRP C 350 24.66 -36.77 19.35
CA TRP C 350 24.54 -37.23 17.97
C TRP C 350 25.75 -36.88 17.11
N ALA C 351 26.38 -35.75 17.41
CA ALA C 351 27.62 -35.35 16.75
C ALA C 351 28.76 -36.30 17.11
N LYS C 352 28.92 -36.58 18.41
CA LYS C 352 29.98 -37.49 18.88
C LYS C 352 29.89 -38.90 18.31
N ILE C 353 28.67 -39.40 18.16
CA ILE C 353 28.38 -40.65 17.44
C ILE C 353 28.83 -40.55 15.98
N LEU C 354 28.50 -39.44 15.32
CA LEU C 354 28.81 -39.26 13.90
C LEU C 354 30.29 -39.02 13.61
N LEU C 355 31.04 -38.50 14.59
CA LEU C 355 32.49 -38.40 14.45
C LEU C 355 33.13 -39.78 14.56
N ALA C 356 32.69 -40.56 15.54
CA ALA C 356 33.22 -41.90 15.79
C ALA C 356 32.81 -42.95 14.74
N LEU C 357 31.76 -42.68 13.97
CA LEU C 357 31.36 -43.54 12.85
C LEU C 357 31.30 -42.65 11.61
N PRO C 358 32.50 -42.30 11.06
CA PRO C 358 32.62 -41.19 10.10
C PRO C 358 31.88 -41.35 8.75
N ARG C 359 31.39 -42.55 8.45
CA ARG C 359 30.58 -42.78 7.25
C ARG C 359 29.07 -42.78 7.51
N ALA C 360 28.67 -42.83 8.79
CA ALA C 360 27.24 -42.91 9.17
C ALA C 360 26.49 -41.63 8.81
N ARG C 361 25.21 -41.79 8.49
CA ARG C 361 24.33 -40.69 8.13
C ARG C 361 23.19 -40.65 9.15
N LEU C 362 22.67 -39.45 9.44
CA LEU C 362 21.53 -39.26 10.35
C LEU C 362 20.31 -38.75 9.58
N ARG C 363 19.16 -39.37 9.81
CA ARG C 363 17.94 -39.11 9.07
C ARG C 363 16.85 -38.55 9.99
N LEU C 364 16.53 -37.27 9.87
CA LEU C 364 15.44 -36.66 10.66
C LEU C 364 14.23 -36.42 9.78
N ILE C 365 13.05 -36.70 10.33
CA ILE C 365 11.78 -36.44 9.66
C ILE C 365 10.84 -35.82 10.69
N ALA C 366 10.39 -34.60 10.39
CA ALA C 366 9.57 -33.82 11.31
C ALA C 366 8.94 -32.61 10.62
N THR C 367 7.98 -32.00 11.29
CA THR C 367 7.27 -30.85 10.77
C THR C 367 8.17 -29.66 10.95
N GLY C 368 8.28 -28.82 9.93
CA GLY C 368 9.19 -27.68 9.94
C GLY C 368 10.40 -27.86 9.05
N LEU C 369 10.74 -29.11 8.73
CA LEU C 369 11.87 -29.40 7.83
C LEU C 369 11.62 -29.11 6.35
N GLN C 370 10.37 -28.84 5.97
CA GLN C 370 10.08 -28.27 4.65
C GLN C 370 10.64 -26.85 4.43
N ASP C 371 10.87 -26.09 5.52
CA ASP C 371 11.42 -24.71 5.43
C ASP C 371 12.94 -24.74 5.41
N PRO C 372 13.57 -24.13 4.38
CA PRO C 372 15.03 -24.00 4.33
C PRO C 372 15.69 -23.32 5.54
N VAL C 373 14.99 -22.41 6.21
CA VAL C 373 15.57 -21.67 7.34
C VAL C 373 15.85 -22.61 8.52
N THR C 374 14.87 -23.46 8.83
CA THR C 374 14.94 -24.36 9.99
C THR C 374 15.85 -25.58 9.71
N SER C 375 15.85 -26.11 8.47
CA SER C 375 16.81 -27.16 8.08
C SER C 375 18.25 -26.64 8.02
N SER C 376 18.44 -25.44 7.47
CA SER C 376 19.75 -24.79 7.46
C SER C 376 20.31 -24.61 8.87
N ARG C 377 19.48 -24.08 9.78
CA ARG C 377 19.90 -23.87 11.18
C ARG C 377 20.33 -25.19 11.84
N LEU C 378 19.66 -26.28 11.49
CA LEU C 378 19.98 -27.61 12.04
C LEU C 378 21.28 -28.15 11.44
N MET C 379 21.44 -28.02 10.13
CA MET C 379 22.71 -28.34 9.45
C MET C 379 23.88 -27.56 10.04
N ARG C 380 23.70 -26.26 10.22
CA ARG C 380 24.74 -25.42 10.82
C ARG C 380 25.04 -25.80 12.25
N ALA C 381 24.00 -26.15 13.00
CA ALA C 381 24.18 -26.59 14.38
C ALA C 381 25.12 -27.80 14.45
N LEU C 382 24.97 -28.74 13.51
CA LEU C 382 25.86 -29.91 13.44
C LEU C 382 27.28 -29.59 12.96
N GLU C 383 27.43 -28.75 11.94
CA GLU C 383 28.77 -28.32 11.50
C GLU C 383 29.56 -27.67 12.62
N GLY C 384 28.90 -26.84 13.43
CA GLY C 384 29.52 -26.26 14.62
C GLY C 384 30.07 -27.24 15.62
N ARG C 385 29.52 -28.46 15.62
CA ARG C 385 30.05 -29.58 16.42
C ARG C 385 31.01 -30.51 15.64
N GLY C 386 31.52 -30.04 14.49
CA GLY C 386 32.53 -30.76 13.71
C GLY C 386 32.04 -31.85 12.75
N VAL C 387 30.76 -31.81 12.41
CA VAL C 387 30.14 -32.86 11.60
C VAL C 387 29.64 -32.24 10.32
N ALA C 388 30.06 -32.79 9.18
CA ALA C 388 29.69 -32.26 7.87
C ALA C 388 28.18 -32.28 7.69
N GLY C 389 27.62 -31.15 7.25
CA GLY C 389 26.17 -30.99 7.14
C GLY C 389 25.50 -31.86 6.11
N GLU C 390 26.24 -32.25 5.07
CA GLU C 390 25.73 -33.17 4.03
C GLU C 390 25.44 -34.60 4.53
N ARG C 391 26.06 -35.01 5.65
CA ARG C 391 25.79 -36.32 6.27
C ARG C 391 24.42 -36.35 6.95
N LEU C 392 23.89 -35.17 7.26
CA LEU C 392 22.57 -35.00 7.87
C LEU C 392 21.50 -34.84 6.79
N GLU C 393 20.57 -35.79 6.70
CA GLU C 393 19.47 -35.70 5.72
C GLU C 393 18.06 -35.47 6.34
N LEU C 394 17.51 -34.28 6.06
CA LEU C 394 16.28 -33.78 6.65
C LEU C 394 15.15 -33.91 5.64
N LEU C 395 14.00 -34.39 6.08
CA LEU C 395 12.85 -34.62 5.20
C LEU C 395 11.57 -33.97 5.73
N SER C 396 10.75 -33.48 4.80
CA SER C 396 9.44 -32.93 5.11
C SER C 396 8.51 -34.05 5.60
N PRO C 397 7.50 -33.71 6.42
CA PRO C 397 6.65 -34.77 7.02
C PRO C 397 5.76 -35.51 6.01
N MET C 398 5.38 -36.74 6.37
CA MET C 398 4.64 -37.67 5.51
C MET C 398 3.39 -38.28 6.17
N PRO C 399 2.49 -38.87 5.37
CA PRO C 399 1.44 -39.72 5.92
C PRO C 399 2.00 -40.85 6.81
N ARG C 400 1.14 -41.39 7.67
CA ARG C 400 1.54 -42.37 8.70
C ARG C 400 2.24 -43.62 8.12
N THR C 401 1.60 -44.33 7.18
CA THR C 401 2.18 -45.55 6.59
C THR C 401 3.41 -45.27 5.73
N ASP C 402 3.46 -44.12 5.08
CA ASP C 402 4.64 -43.70 4.34
C ASP C 402 5.83 -43.51 5.27
N LEU C 403 5.58 -42.97 6.47
CA LEU C 403 6.64 -42.76 7.48
C LEU C 403 7.12 -44.07 8.08
N LEU C 404 6.17 -44.93 8.45
CA LEU C 404 6.48 -46.30 8.87
C LEU C 404 7.38 -47.03 7.85
N ALA C 405 7.03 -46.89 6.57
CA ALA C 405 7.79 -47.54 5.49
C ALA C 405 9.25 -47.06 5.39
N THR C 406 9.53 -45.80 5.72
CA THR C 406 10.94 -45.29 5.69
C THR C 406 11.83 -45.79 6.84
N TYR C 407 11.26 -46.49 7.83
CA TYR C 407 12.09 -47.22 8.80
C TYR C 407 12.87 -48.38 8.17
N ASN C 408 12.36 -48.93 7.06
CA ASN C 408 13.07 -49.96 6.29
C ASN C 408 14.47 -49.53 5.84
N ASP C 409 14.62 -48.22 5.59
CA ASP C 409 15.91 -47.63 5.24
C ASP C 409 16.73 -47.13 6.45
N ILE C 410 16.32 -47.47 7.68
CA ILE C 410 17.01 -47.06 8.92
C ILE C 410 17.50 -48.29 9.63
N ASP C 411 18.76 -48.27 10.07
CA ASP C 411 19.37 -49.39 10.77
C ASP C 411 19.13 -49.31 12.27
N VAL C 412 19.30 -48.10 12.82
CA VAL C 412 19.16 -47.82 14.25
C VAL C 412 18.38 -46.52 14.44
N ALA C 413 17.46 -46.50 15.40
CA ALA C 413 16.73 -45.28 15.79
C ALA C 413 17.35 -44.66 17.04
N LEU C 414 17.42 -43.33 17.07
CA LEU C 414 17.93 -42.60 18.24
C LEU C 414 16.82 -41.81 18.88
N ASP C 415 16.68 -41.94 20.20
CA ASP C 415 15.62 -41.26 20.95
C ASP C 415 16.16 -39.95 21.51
N THR C 416 15.27 -38.99 21.70
CA THR C 416 15.63 -37.66 22.20
C THR C 416 15.74 -37.60 23.73
N LEU C 417 16.43 -36.55 24.20
CA LEU C 417 16.49 -36.19 25.61
C LEU C 417 16.48 -34.65 25.70
N PRO C 418 16.05 -34.06 26.82
CA PRO C 418 15.52 -34.76 28.02
C PRO C 418 14.07 -35.24 27.89
N TYR C 419 13.37 -34.82 26.83
CA TYR C 419 12.00 -35.24 26.55
C TYR C 419 12.11 -36.47 25.62
N SER C 420 11.87 -37.64 26.21
CA SER C 420 11.90 -38.89 25.45
C SER C 420 10.68 -39.04 24.59
N GLY C 421 10.88 -39.59 23.40
CA GLY C 421 9.79 -39.89 22.50
C GLY C 421 9.00 -41.07 23.01
N CYS C 422 7.92 -41.40 22.33
CA CYS C 422 7.05 -42.47 22.76
C CYS C 422 6.50 -43.21 21.57
N THR C 423 5.63 -42.55 20.80
CA THR C 423 4.98 -43.26 19.71
C THR C 423 5.94 -43.45 18.53
N THR C 424 6.91 -42.54 18.34
CA THR C 424 7.91 -42.76 17.29
C THR C 424 8.78 -43.97 17.65
N SER C 425 9.11 -44.10 18.93
CA SER C 425 9.90 -45.25 19.38
C SER C 425 9.15 -46.56 19.18
N LEU C 426 7.87 -46.56 19.53
CA LEU C 426 7.04 -47.73 19.33
C LEU C 426 6.93 -48.05 17.83
N GLU C 427 6.74 -47.01 17.02
CA GLU C 427 6.65 -47.18 15.56
C GLU C 427 7.90 -47.84 14.99
N ALA C 428 9.07 -47.44 15.51
CA ALA C 428 10.35 -48.01 15.10
C ALA C 428 10.37 -49.49 15.37
N LEU C 429 10.11 -49.86 16.62
CA LEU C 429 10.08 -51.27 17.01
C LEU C 429 9.11 -52.09 16.15
N TRP C 430 7.92 -51.54 15.87
CA TRP C 430 6.96 -52.19 14.94
C TRP C 430 7.59 -52.56 13.58
N MET C 431 8.54 -51.74 13.12
CA MET C 431 9.28 -51.98 11.86
C MET C 431 10.65 -52.67 12.05
N GLY C 432 10.85 -53.33 13.19
CA GLY C 432 12.07 -54.07 13.44
C GLY C 432 13.34 -53.23 13.50
N VAL C 433 13.21 -51.98 13.91
CA VAL C 433 14.36 -51.09 14.09
C VAL C 433 14.56 -50.91 15.60
N PRO C 434 15.79 -51.19 16.10
CA PRO C 434 16.06 -50.91 17.50
C PRO C 434 16.18 -49.42 17.80
N VAL C 435 15.94 -49.05 19.07
CA VAL C 435 15.93 -47.66 19.52
C VAL C 435 16.87 -47.50 20.69
N VAL C 436 17.81 -46.56 20.60
CA VAL C 436 18.71 -46.24 21.70
C VAL C 436 18.14 -45.03 22.45
N THR C 437 18.16 -45.08 23.79
CA THR C 437 17.59 -44.03 24.65
C THR C 437 18.43 -43.79 25.88
N LEU C 438 18.25 -42.61 26.48
CA LEU C 438 18.71 -42.34 27.84
C LEU C 438 17.51 -42.49 28.79
N GLU C 439 17.71 -43.22 29.87
CA GLU C 439 16.73 -43.30 30.94
C GLU C 439 16.98 -42.10 31.85
N GLY C 440 16.13 -41.08 31.73
CA GLY C 440 16.17 -39.91 32.60
C GLY C 440 15.59 -40.20 33.98
N ALA C 441 15.95 -39.38 34.96
CA ALA C 441 15.49 -39.57 36.36
C ALA C 441 14.21 -38.77 36.56
N ASP C 442 13.20 -39.11 35.76
CA ASP C 442 12.19 -38.14 35.34
C ASP C 442 11.20 -38.84 34.40
N MET C 443 9.92 -38.71 34.67
CA MET C 443 8.91 -39.37 33.85
C MET C 443 8.98 -38.94 32.37
N ALA C 444 9.14 -37.64 32.13
CA ALA C 444 9.18 -37.10 30.76
C ALA C 444 10.32 -37.67 29.92
N GLY C 445 11.41 -38.08 30.58
CA GLY C 445 12.54 -38.74 29.93
C GLY C 445 12.59 -40.25 30.06
N ARG C 446 11.41 -40.90 30.15
CA ARG C 446 11.32 -42.36 30.38
C ARG C 446 10.27 -43.12 29.57
N ALA C 447 9.58 -42.46 28.64
CA ALA C 447 8.58 -43.16 27.84
C ALA C 447 9.22 -44.34 27.06
N THR C 448 10.42 -44.12 26.51
CA THR C 448 11.11 -45.16 25.74
C THR C 448 11.91 -46.11 26.62
N SER C 449 12.57 -45.58 27.65
CA SER C 449 13.26 -46.45 28.60
C SER C 449 12.29 -47.55 29.09
N SER C 450 11.07 -47.16 29.47
CA SER C 450 10.05 -48.11 29.92
C SER C 450 9.66 -49.11 28.83
N LEU C 451 9.23 -48.61 27.69
CA LEU C 451 8.87 -49.43 26.51
C LEU C 451 9.90 -50.52 26.26
N LEU C 452 11.16 -50.11 26.14
CA LEU C 452 12.27 -51.01 25.86
C LEU C 452 12.45 -52.05 26.98
N ARG C 453 12.40 -51.64 28.23
CA ARG C 453 12.53 -52.59 29.33
C ARG C 453 11.41 -53.65 29.30
N TRP C 454 10.16 -53.22 29.11
CA TRP C 454 9.02 -54.12 29.02
C TRP C 454 9.05 -55.04 27.79
N ALA C 455 9.76 -54.65 26.73
CA ALA C 455 9.85 -55.47 25.52
C ALA C 455 11.13 -56.35 25.47
N GLY C 456 11.85 -56.46 26.59
CA GLY C 456 13.05 -57.29 26.66
C GLY C 456 14.35 -56.64 26.21
N LEU C 457 14.27 -55.41 25.69
CA LEU C 457 15.42 -54.71 25.12
C LEU C 457 16.10 -53.73 26.10
N GLN C 458 16.39 -54.18 27.31
CA GLN C 458 17.10 -53.34 28.32
C GLN C 458 18.56 -52.99 27.96
N GLU C 459 19.14 -53.76 27.04
CA GLU C 459 20.49 -53.49 26.53
C GLU C 459 20.57 -52.21 25.67
N LEU C 460 19.43 -51.72 25.19
CA LEU C 460 19.34 -50.44 24.47
C LEU C 460 19.02 -49.23 25.38
N VAL C 461 19.18 -49.37 26.69
CA VAL C 461 18.77 -48.34 27.65
C VAL C 461 19.98 -47.86 28.44
N SER C 462 20.46 -46.67 28.11
CA SER C 462 21.59 -46.09 28.82
C SER C 462 21.11 -45.37 30.08
N ARG C 463 21.96 -45.34 31.10
CA ARG C 463 21.74 -44.54 32.30
C ARG C 463 22.64 -43.28 32.31
N THR C 464 23.58 -43.18 31.37
CA THR C 464 24.41 -41.98 31.20
C THR C 464 24.58 -41.61 29.72
N GLN C 465 24.95 -40.37 29.48
CA GLN C 465 25.07 -39.86 28.13
C GLN C 465 26.22 -40.51 27.37
N GLU C 466 27.31 -40.84 28.06
CA GLU C 466 28.43 -41.52 27.38
C GLU C 466 28.09 -43.00 27.13
N GLU C 467 27.24 -43.58 27.97
CA GLU C 467 26.70 -44.93 27.73
C GLU C 467 25.73 -44.95 26.55
N TYR C 468 24.98 -43.86 26.38
CA TYR C 468 24.11 -43.66 25.20
C TYR C 468 24.92 -43.80 23.94
N ILE C 469 26.03 -43.07 23.87
CA ILE C 469 26.95 -43.08 22.72
C ILE C 469 27.45 -44.51 22.46
N ASP C 470 27.99 -45.14 23.50
CA ASP C 470 28.58 -46.50 23.41
C ASP C 470 27.63 -47.56 22.86
N ILE C 471 26.37 -47.49 23.28
CA ILE C 471 25.35 -48.41 22.77
C ILE C 471 25.09 -48.16 21.29
N ALA C 472 25.01 -46.90 20.89
CA ALA C 472 24.80 -46.55 19.47
C ALA C 472 25.98 -46.92 18.57
N LEU C 473 27.19 -46.77 19.12
CA LEU C 473 28.44 -47.21 18.45
C LEU C 473 28.46 -48.73 18.27
N GLY C 474 28.22 -49.45 19.37
CA GLY C 474 28.15 -50.92 19.34
C GLY C 474 27.21 -51.48 18.30
N LEU C 475 26.06 -50.84 18.11
CA LEU C 475 25.08 -51.26 17.10
C LEU C 475 25.48 -50.90 15.67
N GLY C 476 26.15 -49.77 15.51
CA GLY C 476 26.61 -49.33 14.18
C GLY C 476 27.73 -50.18 13.60
N ARG C 477 28.49 -50.83 14.48
CA ARG C 477 29.58 -51.71 14.08
C ARG C 477 29.11 -53.16 13.85
N ASP C 478 28.57 -53.81 14.89
CA ASP C 478 28.21 -55.24 14.83
C ASP C 478 26.91 -55.54 14.06
N LEU C 479 27.05 -56.15 12.88
CA LEU C 479 25.90 -56.65 12.08
C LEU C 479 25.09 -57.76 12.77
N GLY C 480 25.78 -58.56 13.60
CA GLY C 480 25.17 -59.69 14.28
C GLY C 480 24.13 -59.31 15.31
N THR C 481 24.50 -58.40 16.20
CA THR C 481 23.59 -57.89 17.24
C THR C 481 22.38 -57.17 16.62
N LEU C 482 22.58 -56.52 15.47
CA LEU C 482 21.48 -55.98 14.65
C LEU C 482 20.49 -57.04 14.17
N ALA C 483 21.01 -58.16 13.67
CA ALA C 483 20.18 -59.28 13.19
C ALA C 483 19.54 -60.05 14.34
N ARG C 484 20.22 -60.09 15.49
CA ARG C 484 19.62 -60.63 16.72
C ARG C 484 18.43 -59.79 17.19
N LEU C 485 18.65 -58.48 17.27
CA LEU C 485 17.61 -57.53 17.65
C LEU C 485 16.47 -57.45 16.63
N ARG C 486 16.77 -57.51 15.33
CA ARG C 486 15.69 -57.55 14.31
C ARG C 486 14.74 -58.76 14.48
N GLU C 487 15.28 -59.89 14.92
CA GLU C 487 14.50 -61.09 15.18
C GLU C 487 13.74 -61.02 16.49
N HIS C 488 14.38 -60.47 17.53
CA HIS C 488 13.72 -60.20 18.80
C HIS C 488 12.45 -59.39 18.58
N LEU C 489 12.58 -58.33 17.77
CA LEU C 489 11.45 -57.49 17.39
C LEU C 489 10.40 -58.21 16.52
N ARG C 490 10.84 -59.11 15.65
CA ARG C 490 9.90 -59.88 14.81
C ARG C 490 9.00 -60.76 15.69
N ARG C 491 9.60 -61.38 16.70
CA ARG C 491 8.86 -62.20 17.68
C ARG C 491 7.99 -61.36 18.61
N TRP C 492 8.56 -60.28 19.13
CA TRP C 492 7.82 -59.31 19.93
C TRP C 492 6.62 -58.74 19.16
N LEU C 493 6.83 -58.29 17.92
CA LEU C 493 5.74 -57.74 17.06
C LEU C 493 4.53 -58.67 17.03
N ARG C 494 4.78 -59.96 16.75
CA ARG C 494 3.75 -60.99 16.60
C ARG C 494 3.01 -61.26 17.91
N SER C 495 3.78 -61.41 18.99
CA SER C 495 3.25 -61.59 20.36
C SER C 495 2.32 -60.45 20.77
N VAL C 496 2.77 -59.23 20.51
CA VAL C 496 2.04 -58.00 20.82
C VAL C 496 0.83 -57.80 19.89
N SER C 497 0.95 -58.18 18.62
CA SER C 497 -0.19 -58.16 17.68
C SER C 497 -1.37 -59.04 18.13
N MET C 498 -1.05 -60.11 18.85
CA MET C 498 -2.02 -61.13 19.21
C MET C 498 -2.69 -60.80 20.53
N SER C 499 -1.90 -60.58 21.59
CA SER C 499 -2.42 -60.48 22.96
C SER C 499 -2.53 -59.06 23.56
N ASP C 500 -1.72 -58.11 23.08
CA ASP C 500 -1.45 -56.87 23.84
C ASP C 500 -2.63 -55.89 24.00
N GLN C 501 -3.47 -55.78 22.96
CA GLN C 501 -4.71 -55.01 23.05
C GLN C 501 -5.51 -55.41 24.30
N GLY C 502 -5.97 -56.65 24.32
CA GLY C 502 -6.77 -57.16 25.43
C GLY C 502 -6.00 -57.26 26.73
N SER C 503 -4.72 -57.61 26.63
CA SER C 503 -3.87 -57.75 27.80
C SER C 503 -3.69 -56.41 28.53
N PHE C 504 -3.48 -55.33 27.75
CA PHE C 504 -3.35 -53.98 28.33
C PHE C 504 -4.65 -53.49 28.97
N THR C 505 -5.76 -53.55 28.23
CA THR C 505 -6.99 -52.90 28.70
C THR C 505 -7.55 -53.64 29.94
N ALA C 506 -7.27 -54.93 30.05
CA ALA C 506 -7.62 -55.68 31.26
C ALA C 506 -6.82 -55.16 32.45
N GLU C 507 -5.54 -54.89 32.26
CA GLU C 507 -4.70 -54.31 33.32
C GLU C 507 -5.12 -52.88 33.76
N LEU C 508 -5.60 -52.09 32.80
CA LEU C 508 -6.11 -50.74 33.05
C LEU C 508 -7.46 -50.80 33.78
N GLU C 509 -8.37 -51.61 33.25
CA GLU C 509 -9.64 -51.93 33.95
C GLU C 509 -9.44 -52.43 35.38
N ASP C 510 -8.41 -53.23 35.60
CA ASP C 510 -8.02 -53.64 36.95
C ASP C 510 -7.67 -52.42 37.81
N ALA C 511 -6.96 -51.45 37.23
CA ALA C 511 -6.65 -50.19 37.91
C ALA C 511 -7.88 -49.32 38.17
N TYR C 512 -8.71 -49.12 37.15
CA TYR C 512 -9.99 -48.39 37.31
C TYR C 512 -10.86 -48.98 38.41
N ARG C 513 -10.92 -50.30 38.49
CA ARG C 513 -11.70 -50.98 39.51
C ARG C 513 -11.16 -50.72 40.91
N ARG C 514 -9.84 -50.69 41.06
CA ARG C 514 -9.23 -50.49 42.38
C ARG C 514 -9.30 -49.02 42.82
N MET C 515 -9.33 -48.11 41.84
CA MET C 515 -9.67 -46.71 42.09
C MET C 515 -11.09 -46.56 42.62
N TRP C 516 -12.01 -47.27 41.96
CA TRP C 516 -13.42 -47.25 42.32
C TRP C 516 -13.69 -47.90 43.67
N ARG C 517 -13.15 -49.10 43.91
CA ARG C 517 -13.27 -49.76 45.21
C ARG C 517 -12.85 -48.78 46.31
N ASP C 518 -11.66 -48.20 46.16
CA ASP C 518 -11.12 -47.25 47.16
C ASP C 518 -11.98 -46.00 47.38
N ALA C 519 -12.68 -45.54 46.34
CA ALA C 519 -13.59 -44.40 46.48
C ALA C 519 -14.82 -44.76 47.32
N CYS C 520 -15.39 -45.94 47.07
CA CYS C 520 -16.50 -46.48 47.88
C CYS C 520 -16.05 -46.86 49.30
N GLN C 521 -15.03 -47.71 49.39
CA GLN C 521 -14.39 -48.16 50.65
C GLN C 521 -14.32 -47.09 51.75
N THR C 522 -13.60 -45.99 51.47
CA THR C 522 -13.31 -44.96 52.50
C THR C 522 -14.52 -44.08 52.91
N ALA C 523 -15.68 -44.26 52.26
CA ALA C 523 -16.96 -43.73 52.76
C ALA C 523 -17.49 -44.49 54.00
N ALA C 524 -17.08 -45.74 54.20
CA ALA C 524 -17.56 -46.57 55.34
C ALA C 524 -17.01 -46.07 56.68
N MET D 1 -27.67 25.56 -52.65
CA MET D 1 -28.57 26.29 -51.70
C MET D 1 -28.45 25.81 -50.24
N THR D 2 -29.00 26.62 -49.33
CA THR D 2 -29.04 26.35 -47.89
C THR D 2 -30.50 26.25 -47.42
N THR D 3 -30.70 25.81 -46.16
CA THR D 3 -32.03 25.60 -45.59
C THR D 3 -32.38 26.57 -44.44
N ARG D 4 -33.67 26.89 -44.35
CA ARG D 4 -34.22 27.72 -43.26
C ARG D 4 -34.28 27.02 -41.88
N ASP D 5 -33.96 25.71 -41.83
CA ASP D 5 -33.95 24.90 -40.59
C ASP D 5 -33.47 25.64 -39.34
N ALA D 6 -32.25 26.19 -39.41
CA ALA D 6 -31.61 26.89 -38.27
C ALA D 6 -32.51 27.90 -37.59
N ALA D 7 -33.28 28.64 -38.40
CA ALA D 7 -34.25 29.61 -37.89
C ALA D 7 -35.46 28.93 -37.23
N THR D 8 -35.97 27.88 -37.87
CA THR D 8 -37.09 27.08 -37.34
C THR D 8 -36.72 26.45 -35.99
N ILE D 9 -35.53 25.86 -35.91
CA ILE D 9 -34.97 25.32 -34.66
C ILE D 9 -34.91 26.37 -33.55
N LYS D 10 -34.36 27.55 -33.88
CA LYS D 10 -34.17 28.63 -32.88
C LYS D 10 -35.49 29.15 -32.29
N ALA D 11 -36.50 29.31 -33.16
CA ALA D 11 -37.86 29.69 -32.72
C ALA D 11 -38.55 28.61 -31.88
N LEU D 12 -38.37 27.35 -32.25
CA LEU D 12 -38.85 26.21 -31.44
C LEU D 12 -38.12 26.11 -30.12
N LEU D 13 -36.82 26.41 -30.12
CA LEU D 13 -35.99 26.26 -28.93
C LEU D 13 -36.26 27.33 -27.87
N SER D 14 -36.50 28.57 -28.30
CA SER D 14 -36.89 29.65 -27.38
C SER D 14 -38.34 29.48 -26.92
N HIS D 15 -39.23 29.07 -27.83
CA HIS D 15 -40.61 28.73 -27.47
C HIS D 15 -40.64 27.62 -26.41
N ALA D 16 -39.76 26.64 -26.55
CA ALA D 16 -39.68 25.52 -25.61
C ALA D 16 -39.20 25.98 -24.24
N HIS D 17 -38.21 26.86 -24.21
CA HIS D 17 -37.70 27.44 -22.95
C HIS D 17 -38.72 28.34 -22.22
N GLU D 18 -39.50 29.11 -22.98
CA GLU D 18 -40.61 29.91 -22.40
C GLU D 18 -41.66 29.02 -21.79
N ALA D 19 -42.12 28.04 -22.57
CA ALA D 19 -43.14 27.07 -22.15
C ALA D 19 -42.79 26.37 -20.84
N GLN D 20 -41.51 26.01 -20.65
CA GLN D 20 -41.07 25.33 -19.43
C GLN D 20 -40.91 26.30 -18.25
N ARG D 21 -40.45 27.52 -18.53
CA ARG D 21 -40.37 28.56 -17.49
C ARG D 21 -41.75 29.01 -16.98
N SER D 22 -42.74 29.04 -17.87
CA SER D 22 -44.12 29.38 -17.48
C SER D 22 -44.90 28.22 -16.82
N GLY D 23 -44.38 26.99 -16.92
CA GLY D 23 -45.04 25.81 -16.32
C GLY D 23 -45.65 24.82 -17.31
N ASP D 24 -45.86 25.23 -18.57
CA ASP D 24 -46.48 24.36 -19.60
C ASP D 24 -45.49 23.29 -20.10
N VAL D 25 -45.57 22.10 -19.50
CA VAL D 25 -44.63 21.01 -19.74
C VAL D 25 -44.94 20.29 -21.05
N LEU D 26 -46.20 19.91 -21.26
CA LEU D 26 -46.64 19.23 -22.48
C LEU D 26 -46.33 20.01 -23.77
N ALA D 27 -46.33 21.34 -23.69
CA ALA D 27 -46.00 22.19 -24.83
C ALA D 27 -44.49 22.30 -25.09
N SER D 28 -43.69 22.35 -24.02
CA SER D 28 -42.23 22.38 -24.13
C SER D 28 -41.69 21.06 -24.70
N GLU D 29 -42.21 19.94 -24.20
CA GLU D 29 -41.87 18.61 -24.70
C GLU D 29 -42.12 18.49 -26.20
N ARG D 30 -43.32 18.83 -26.66
CA ARG D 30 -43.67 18.60 -28.07
C ARG D 30 -42.84 19.49 -29.02
N ALA D 31 -42.47 20.68 -28.54
CA ALA D 31 -41.55 21.57 -29.25
C ALA D 31 -40.13 21.01 -29.32
N CYS D 32 -39.67 20.40 -28.22
CA CYS D 32 -38.39 19.69 -28.21
C CYS D 32 -38.34 18.50 -29.19
N TRP D 33 -39.43 17.75 -29.30
CA TRP D 33 -39.50 16.66 -30.28
C TRP D 33 -39.42 17.19 -31.70
N ARG D 34 -40.10 18.32 -31.96
CA ARG D 34 -40.05 18.97 -33.28
C ARG D 34 -38.64 19.37 -33.72
N VAL D 35 -37.80 19.73 -32.74
CA VAL D 35 -36.38 20.02 -32.99
C VAL D 35 -35.62 18.75 -33.35
N LEU D 36 -35.89 17.66 -32.62
CA LEU D 36 -35.20 16.39 -32.87
C LEU D 36 -35.62 15.70 -34.16
N GLN D 37 -36.83 15.98 -34.66
CA GLN D 37 -37.27 15.50 -35.98
C GLN D 37 -36.44 16.10 -37.10
N ILE D 38 -36.09 17.38 -36.94
CA ILE D 38 -35.28 18.11 -37.93
C ILE D 38 -33.82 17.81 -37.72
N ALA D 39 -33.36 17.89 -36.47
CA ALA D 39 -31.94 17.74 -36.12
C ALA D 39 -31.80 16.86 -34.85
N PRO D 40 -31.65 15.53 -35.02
CA PRO D 40 -31.66 14.60 -33.86
C PRO D 40 -30.40 14.62 -32.99
N ASP D 41 -29.33 15.29 -33.43
CA ASP D 41 -28.14 15.51 -32.61
C ASP D 41 -28.16 16.86 -31.87
N ASN D 42 -29.32 17.52 -31.80
CA ASN D 42 -29.42 18.81 -31.10
C ASN D 42 -29.36 18.62 -29.58
N SER D 43 -28.18 18.82 -29.01
CA SER D 43 -27.94 18.54 -27.59
C SER D 43 -28.74 19.42 -26.65
N GLU D 44 -29.10 20.62 -27.07
CA GLU D 44 -29.91 21.55 -26.25
C GLU D 44 -31.32 21.01 -26.00
N ALA D 45 -31.85 20.28 -26.99
CA ALA D 45 -33.23 19.81 -26.99
C ALA D 45 -33.30 18.45 -26.30
N LEU D 46 -32.33 17.59 -26.57
CA LEU D 46 -32.08 16.39 -25.79
C LEU D 46 -32.01 16.73 -24.31
N HIS D 47 -31.20 17.72 -23.97
CA HIS D 47 -31.06 18.20 -22.59
C HIS D 47 -32.36 18.68 -21.95
N LEU D 48 -33.13 19.49 -22.67
CA LEU D 48 -34.38 20.04 -22.14
C LEU D 48 -35.45 18.96 -21.93
N LEU D 49 -35.62 18.07 -22.91
CA LEU D 49 -36.41 16.84 -22.73
C LEU D 49 -35.91 16.01 -21.53
N GLY D 50 -34.60 15.97 -21.36
CA GLY D 50 -34.00 15.42 -20.15
C GLY D 50 -34.57 15.98 -18.86
N LEU D 51 -34.52 17.31 -18.69
CA LEU D 51 -35.05 18.00 -17.48
C LEU D 51 -36.51 17.64 -17.22
N LEU D 52 -37.31 17.84 -18.27
CA LEU D 52 -38.77 17.76 -18.17
C LEU D 52 -39.20 16.38 -17.70
N HIS D 53 -38.67 15.34 -18.34
CA HIS D 53 -38.93 13.96 -17.93
C HIS D 53 -38.36 13.63 -16.55
N GLY D 54 -37.25 14.28 -16.20
CA GLY D 54 -36.69 14.23 -14.84
C GLY D 54 -37.63 14.82 -13.79
N GLU D 55 -38.23 15.96 -14.10
CA GLU D 55 -39.26 16.56 -13.24
C GLU D 55 -40.53 15.70 -13.18
N CYS D 56 -40.92 15.12 -14.33
CA CYS D 56 -42.06 14.18 -14.38
C CYS D 56 -41.80 12.81 -13.72
N GLY D 57 -40.55 12.47 -13.42
CA GLY D 57 -40.23 11.19 -12.75
C GLY D 57 -39.85 10.03 -13.66
N ASN D 58 -39.86 10.22 -14.97
CA ASN D 58 -39.41 9.20 -15.92
C ASN D 58 -37.87 9.14 -15.99
N TYR D 59 -37.23 8.65 -14.94
CA TYR D 59 -35.78 8.73 -14.83
C TYR D 59 -35.04 7.88 -15.88
N GLY D 60 -35.67 6.79 -16.35
CA GLY D 60 -35.12 5.96 -17.43
C GLY D 60 -34.85 6.73 -18.71
N LEU D 61 -35.90 7.35 -19.24
CA LEU D 61 -35.81 8.19 -20.44
C LEU D 61 -34.93 9.39 -20.18
N ALA D 62 -35.21 10.07 -19.06
CA ALA D 62 -34.46 11.25 -18.65
C ALA D 62 -32.97 11.01 -18.74
N ALA D 63 -32.50 9.99 -18.02
CA ALA D 63 -31.09 9.66 -17.93
C ALA D 63 -30.46 9.44 -19.29
N THR D 64 -31.12 8.68 -20.17
CA THR D 64 -30.51 8.39 -21.48
C THR D 64 -30.51 9.60 -22.41
N LEU D 65 -31.57 10.42 -22.36
CA LEU D 65 -31.54 11.72 -23.05
C LEU D 65 -30.42 12.65 -22.58
N LEU D 66 -30.21 12.72 -21.27
CA LEU D 66 -29.17 13.56 -20.68
C LEU D 66 -27.76 13.01 -20.93
N ARG D 67 -27.57 11.69 -20.86
CA ARG D 67 -26.29 11.06 -21.22
C ARG D 67 -25.89 11.28 -22.69
N ARG D 68 -26.88 11.32 -23.58
CA ARG D 68 -26.62 11.55 -25.00
C ARG D 68 -26.26 13.02 -25.23
N ALA D 69 -26.94 13.93 -24.53
CA ALA D 69 -26.55 15.34 -24.52
C ALA D 69 -25.11 15.55 -24.00
N VAL D 70 -24.76 14.88 -22.90
CA VAL D 70 -23.38 14.86 -22.41
C VAL D 70 -22.39 14.36 -23.47
N ALA D 71 -22.72 13.28 -24.19
CA ALA D 71 -21.84 12.72 -25.22
C ALA D 71 -21.63 13.69 -26.38
N LEU D 72 -22.69 14.40 -26.77
CA LEU D 72 -22.62 15.36 -27.88
C LEU D 72 -21.98 16.68 -27.51
N ASP D 73 -21.99 17.02 -26.23
CA ASP D 73 -21.37 18.24 -25.75
C ASP D 73 -20.92 18.05 -24.28
N PRO D 74 -19.80 17.35 -24.07
CA PRO D 74 -19.33 17.01 -22.72
C PRO D 74 -18.72 18.15 -21.92
N GLY D 75 -18.42 19.27 -22.57
CA GLY D 75 -17.91 20.45 -21.87
C GLY D 75 -18.99 21.27 -21.16
N GLU D 76 -20.25 21.05 -21.52
CA GLU D 76 -21.37 21.85 -21.03
C GLU D 76 -21.77 21.35 -19.63
N ALA D 77 -21.48 22.15 -18.61
CA ALA D 77 -21.68 21.78 -17.21
C ALA D 77 -23.12 21.47 -16.85
N SER D 78 -24.07 22.21 -17.42
CA SER D 78 -25.49 22.06 -17.04
C SER D 78 -26.05 20.70 -17.40
N TYR D 79 -25.50 20.08 -18.44
CA TYR D 79 -25.92 18.73 -18.87
C TYR D 79 -25.49 17.70 -17.81
N HIS D 80 -24.28 17.87 -17.28
CA HIS D 80 -23.78 17.08 -16.15
C HIS D 80 -24.58 17.32 -14.87
N TYR D 81 -24.90 18.58 -14.59
CA TYR D 81 -25.70 18.94 -13.41
C TYR D 81 -27.02 18.18 -13.39
N ASN D 82 -27.78 18.30 -14.48
CA ASN D 82 -29.10 17.67 -14.56
C ASN D 82 -29.10 16.16 -14.64
N LEU D 83 -28.05 15.59 -15.24
CA LEU D 83 -27.84 14.15 -15.19
C LEU D 83 -27.64 13.70 -13.74
N GLY D 84 -26.78 14.40 -13.01
CA GLY D 84 -26.54 14.10 -11.61
C GLY D 84 -27.79 14.10 -10.75
N ASN D 85 -28.68 15.07 -10.96
CA ASN D 85 -29.94 15.14 -10.21
C ASN D 85 -30.87 13.98 -10.54
N VAL D 86 -30.98 13.65 -11.81
CA VAL D 86 -31.78 12.49 -12.23
C VAL D 86 -31.22 11.21 -11.61
N LEU D 87 -29.90 11.03 -11.63
CA LEU D 87 -29.26 9.85 -11.04
C LEU D 87 -29.48 9.73 -9.53
N VAL D 88 -29.30 10.85 -8.81
CA VAL D 88 -29.60 10.90 -7.39
C VAL D 88 -31.07 10.54 -7.16
N ALA D 89 -31.97 11.16 -7.92
CA ALA D 89 -33.42 10.94 -7.72
C ALA D 89 -33.86 9.51 -8.07
N SER D 90 -33.11 8.88 -8.95
CA SER D 90 -33.40 7.52 -9.37
C SER D 90 -32.95 6.45 -8.37
N GLY D 91 -32.15 6.83 -7.37
CA GLY D 91 -31.60 5.90 -6.39
C GLY D 91 -30.11 5.66 -6.55
N GLN D 92 -29.49 6.22 -7.59
CA GLN D 92 -28.07 5.99 -7.89
C GLN D 92 -27.29 7.19 -7.38
N VAL D 93 -27.13 7.27 -6.06
CA VAL D 93 -26.62 8.47 -5.38
C VAL D 93 -25.15 8.74 -5.69
N GLU D 94 -24.29 7.74 -5.63
CA GLU D 94 -22.86 7.96 -5.87
C GLU D 94 -22.54 8.33 -7.31
N ARG D 95 -23.25 7.74 -8.27
CA ARG D 95 -23.10 8.09 -9.70
C ARG D 95 -23.52 9.53 -9.98
N GLY D 96 -24.57 9.98 -9.29
CA GLY D 96 -25.05 11.35 -9.41
C GLY D 96 -24.10 12.37 -8.79
N ILE D 97 -23.60 12.07 -7.60
CA ILE D 97 -22.61 12.93 -6.92
C ILE D 97 -21.42 13.17 -7.87
N THR D 98 -20.91 12.12 -8.49
CA THR D 98 -19.85 12.22 -9.51
C THR D 98 -20.25 13.18 -10.63
N SER D 99 -21.44 13.02 -11.19
CA SER D 99 -21.94 13.95 -12.20
C SER D 99 -21.99 15.41 -11.70
N LEU D 100 -22.40 15.60 -10.45
CA LEU D 100 -22.42 16.94 -9.85
C LEU D 100 -21.00 17.51 -9.68
N HIS D 101 -20.04 16.68 -9.27
CA HIS D 101 -18.63 17.06 -9.25
C HIS D 101 -18.17 17.56 -10.62
N HIS D 102 -18.49 16.82 -11.67
CA HIS D 102 -18.09 17.18 -13.03
C HIS D 102 -18.62 18.55 -13.42
N ALA D 103 -19.86 18.83 -13.06
CA ALA D 103 -20.49 20.10 -13.38
C ALA D 103 -19.74 21.26 -12.70
N LEU D 104 -19.32 21.04 -11.45
CA LEU D 104 -18.52 22.04 -10.73
C LEU D 104 -17.09 22.15 -11.25
N GLU D 105 -16.50 21.02 -11.62
CA GLU D 105 -15.17 21.07 -12.24
C GLU D 105 -15.21 21.93 -13.52
N LEU D 106 -16.28 21.79 -14.31
CA LEU D 106 -16.42 22.50 -15.58
C LEU D 106 -16.82 23.98 -15.42
N ARG D 107 -17.56 24.27 -14.37
CA ARG D 107 -18.03 25.63 -14.10
C ARG D 107 -17.95 25.82 -12.59
N PRO D 108 -16.79 26.26 -12.09
CA PRO D 108 -16.63 26.35 -10.63
C PRO D 108 -17.57 27.31 -9.94
N ASP D 109 -18.13 28.29 -10.66
CA ASP D 109 -19.12 29.21 -10.09
C ASP D 109 -20.57 28.81 -10.41
N TYR D 110 -20.88 27.54 -10.23
CA TYR D 110 -22.21 26.98 -10.50
C TYR D 110 -22.92 26.82 -9.16
N HIS D 111 -23.61 27.88 -8.70
CA HIS D 111 -24.26 27.87 -7.39
C HIS D 111 -25.39 26.80 -7.21
N ARG D 112 -26.07 26.43 -8.30
CA ARG D 112 -27.16 25.44 -8.22
C ARG D 112 -26.60 24.03 -8.09
N ALA D 113 -25.49 23.76 -8.78
CA ALA D 113 -24.81 22.47 -8.71
C ALA D 113 -24.13 22.30 -7.36
N HIS D 114 -23.66 23.39 -6.80
CA HIS D 114 -23.05 23.42 -5.46
C HIS D 114 -24.09 23.11 -4.37
N SER D 115 -25.29 23.68 -4.49
CA SER D 115 -26.40 23.33 -3.61
C SER D 115 -26.76 21.87 -3.77
N GLY D 116 -27.05 21.49 -5.02
CA GLY D 116 -27.45 20.13 -5.38
C GLY D 116 -26.51 19.10 -4.78
N LEU D 117 -25.21 19.35 -4.93
CA LEU D 117 -24.18 18.52 -4.32
C LEU D 117 -24.35 18.46 -2.80
N TYR D 118 -24.46 19.62 -2.15
CA TYR D 118 -24.73 19.68 -0.70
C TYR D 118 -25.93 18.83 -0.28
N VAL D 119 -27.05 19.00 -0.98
CA VAL D 119 -28.26 18.21 -0.76
C VAL D 119 -27.96 16.73 -0.94
N ALA D 120 -27.34 16.39 -2.06
CA ALA D 120 -27.06 15.01 -2.45
C ALA D 120 -26.29 14.23 -1.40
N LEU D 121 -25.37 14.91 -0.71
CA LEU D 121 -24.57 14.29 0.36
C LEU D 121 -25.39 13.69 1.52
N HIS D 122 -26.59 14.22 1.74
CA HIS D 122 -27.47 13.72 2.81
C HIS D 122 -28.07 12.33 2.53
N TYR D 123 -28.11 11.94 1.25
CA TYR D 123 -28.54 10.61 0.86
C TYR D 123 -27.47 9.54 0.95
N SER D 124 -26.27 9.86 1.42
CA SER D 124 -25.16 8.92 1.46
C SER D 124 -24.48 8.91 2.82
N ALA D 125 -24.24 7.70 3.35
CA ALA D 125 -23.57 7.54 4.65
C ALA D 125 -22.06 7.83 4.58
N LEU D 126 -21.51 7.95 3.37
CA LEU D 126 -20.08 8.18 3.20
C LEU D 126 -19.60 9.60 3.56
N TYR D 127 -20.52 10.53 3.87
CA TYR D 127 -20.15 11.93 4.14
C TYR D 127 -20.64 12.35 5.52
N ASP D 128 -19.69 12.49 6.44
CA ASP D 128 -19.98 12.80 7.86
C ASP D 128 -20.48 14.25 8.01
N PRO D 129 -21.03 14.60 9.21
CA PRO D 129 -21.53 15.97 9.42
C PRO D 129 -20.52 17.08 9.13
N ARG D 130 -19.24 16.81 9.37
CA ARG D 130 -18.18 17.79 9.15
C ARG D 130 -18.01 18.14 7.66
N ALA D 131 -18.12 17.14 6.79
CA ALA D 131 -17.98 17.34 5.34
C ALA D 131 -19.11 18.17 4.74
N ARG D 132 -20.34 17.90 5.20
CA ARG D 132 -21.54 18.60 4.72
C ARG D 132 -21.52 20.07 5.14
N HIS D 133 -21.26 20.28 6.42
CA HIS D 133 -21.09 21.60 7.03
C HIS D 133 -20.11 22.50 6.26
N ILE D 134 -18.93 21.97 5.99
CA ILE D 134 -17.87 22.68 5.26
C ILE D 134 -18.34 23.07 3.86
N LEU D 135 -18.92 22.12 3.14
CA LEU D 135 -19.41 22.42 1.80
C LEU D 135 -20.49 23.51 1.82
N ALA D 136 -21.32 23.53 2.85
CA ALA D 136 -22.41 24.52 2.95
C ALA D 136 -21.85 25.91 3.17
N LEU D 137 -20.96 26.02 4.15
CA LEU D 137 -20.21 27.23 4.41
C LEU D 137 -19.51 27.73 3.15
N ASP D 138 -18.83 26.81 2.45
CA ASP D 138 -18.14 27.15 1.19
C ASP D 138 -19.08 27.81 0.20
N TRP D 139 -20.30 27.27 0.07
CA TRP D 139 -21.34 27.84 -0.78
C TRP D 139 -21.70 29.25 -0.35
N ALA D 140 -21.99 29.41 0.94
CA ALA D 140 -22.43 30.67 1.51
C ALA D 140 -21.40 31.78 1.30
N ARG D 141 -20.15 31.45 1.64
CA ARG D 141 -19.02 32.37 1.45
C ARG D 141 -18.90 32.86 0.00
N ARG D 142 -19.16 31.97 -0.96
CA ARG D 142 -19.06 32.30 -2.38
C ARG D 142 -20.21 33.17 -2.87
N TYR D 143 -21.44 32.80 -2.53
CA TYR D 143 -22.62 33.37 -3.18
C TYR D 143 -23.59 34.19 -2.31
N ALA D 144 -23.45 34.09 -0.98
CA ALA D 144 -24.44 34.66 -0.06
C ALA D 144 -23.85 35.74 0.84
N ASP D 145 -22.83 35.37 1.62
CA ASP D 145 -22.24 36.28 2.62
C ASP D 145 -21.64 37.59 2.08
N PRO D 146 -21.10 37.60 0.84
CA PRO D 146 -20.71 38.87 0.22
C PRO D 146 -21.84 39.91 0.14
N LEU D 147 -23.07 39.45 -0.08
CA LEU D 147 -24.23 40.34 -0.17
C LEU D 147 -24.79 40.84 1.18
N THR D 148 -24.36 40.24 2.29
CA THR D 148 -25.03 40.41 3.59
C THR D 148 -24.50 41.61 4.41
N PRO D 149 -25.37 42.61 4.69
CA PRO D 149 -24.94 43.67 5.60
C PRO D 149 -24.99 43.21 7.05
N VAL D 150 -24.48 44.05 7.94
CA VAL D 150 -24.49 43.77 9.38
C VAL D 150 -25.96 43.90 9.86
N PRO D 151 -26.35 43.15 10.92
CA PRO D 151 -27.74 43.31 11.37
C PRO D 151 -28.06 44.74 11.83
N ALA D 152 -29.02 45.36 11.16
CA ALA D 152 -29.54 46.67 11.57
C ALA D 152 -30.61 46.44 12.64
N THR D 153 -30.93 47.48 13.40
CA THR D 153 -32.02 47.37 14.39
C THR D 153 -33.34 47.48 13.62
N PRO D 154 -34.37 46.70 14.02
CA PRO D 154 -35.66 46.73 13.33
C PRO D 154 -36.37 48.08 13.30
N VAL D 155 -37.16 48.29 12.25
CA VAL D 155 -37.97 49.49 12.10
C VAL D 155 -39.25 49.36 12.95
N ASP D 156 -39.63 50.43 13.66
CA ASP D 156 -40.68 50.39 14.68
C ASP D 156 -40.41 49.20 15.61
N PRO D 157 -39.29 49.25 16.35
CA PRO D 157 -38.95 48.13 17.24
C PRO D 157 -39.82 48.12 18.51
N ASP D 158 -41.11 47.88 18.32
CA ASP D 158 -42.09 47.79 19.39
C ASP D 158 -42.23 46.28 19.62
N PRO D 159 -41.75 45.76 20.78
CA PRO D 159 -41.82 44.30 20.99
C PRO D 159 -43.21 43.68 20.96
N HIS D 160 -44.26 44.48 21.17
CA HIS D 160 -45.64 43.97 21.28
C HIS D 160 -46.56 44.24 20.07
N ARG D 161 -46.11 45.00 19.07
CA ARG D 161 -46.97 45.33 17.93
C ARG D 161 -47.28 44.14 17.03
N ARG D 162 -48.28 44.31 16.18
CA ARG D 162 -48.63 43.32 15.18
C ARG D 162 -47.45 43.18 14.20
N LEU D 163 -47.01 41.93 14.01
CA LEU D 163 -45.86 41.58 13.14
C LEU D 163 -46.32 41.13 11.76
N ARG D 164 -45.53 41.44 10.74
CA ARG D 164 -45.79 40.97 9.38
C ARG D 164 -44.85 39.85 9.06
N ILE D 165 -45.42 38.68 8.74
CA ILE D 165 -44.63 37.48 8.41
C ILE D 165 -44.71 37.23 6.92
N GLY D 166 -43.55 37.01 6.32
CA GLY D 166 -43.43 36.68 4.89
C GLY D 166 -42.89 35.27 4.70
N TYR D 167 -43.67 34.44 4.02
CA TYR D 167 -43.28 33.06 3.71
C TYR D 167 -42.82 33.02 2.27
N VAL D 168 -41.56 32.63 2.05
CA VAL D 168 -40.97 32.61 0.70
C VAL D 168 -40.67 31.17 0.30
N SER D 169 -41.33 30.69 -0.76
CA SER D 169 -41.11 29.34 -1.27
C SER D 169 -41.51 29.20 -2.72
N GLY D 170 -40.86 28.28 -3.41
CA GLY D 170 -41.24 27.88 -4.77
C GLY D 170 -41.93 26.52 -4.84
N GLU D 171 -42.40 26.02 -3.70
CA GLU D 171 -43.30 24.88 -3.69
C GLU D 171 -44.53 25.10 -2.79
N LEU D 172 -45.13 26.29 -2.97
CA LEU D 172 -46.46 26.59 -2.46
C LEU D 172 -47.47 25.96 -3.40
N ARG D 173 -47.73 24.66 -3.20
CA ARG D 173 -48.69 23.86 -4.01
C ARG D 173 -48.87 22.48 -3.36
N CYS D 174 -49.56 21.56 -4.04
CA CYS D 174 -49.70 20.17 -3.58
C CYS D 174 -48.31 19.55 -3.44
N HIS D 175 -47.76 19.68 -2.23
CA HIS D 175 -46.37 19.38 -1.96
C HIS D 175 -46.17 19.54 -0.45
N PRO D 176 -45.35 18.68 0.18
CA PRO D 176 -45.08 18.76 1.61
C PRO D 176 -45.05 20.16 2.22
N VAL D 177 -44.30 21.06 1.59
CA VAL D 177 -44.30 22.48 1.97
C VAL D 177 -45.72 23.03 2.09
N GLY D 178 -46.46 23.05 0.99
CA GLY D 178 -47.84 23.50 0.98
C GLY D 178 -48.75 22.77 1.97
N TYR D 179 -48.52 21.47 2.15
CA TYR D 179 -49.37 20.64 3.03
C TYR D 179 -49.23 21.07 4.49
N PHE D 180 -48.00 21.32 4.92
CA PHE D 180 -47.74 21.78 6.30
C PHE D 180 -47.90 23.29 6.52
N LEU D 181 -47.84 24.08 5.45
CA LEU D 181 -48.03 25.53 5.58
C LEU D 181 -49.51 25.90 5.72
N GLU D 182 -50.38 25.25 4.94
CA GLU D 182 -51.83 25.50 4.99
C GLU D 182 -52.43 25.64 6.40
N PRO D 183 -52.22 24.65 7.30
CA PRO D 183 -52.72 24.85 8.66
C PRO D 183 -52.19 26.09 9.35
N VAL D 184 -50.88 26.31 9.21
CA VAL D 184 -50.20 27.46 9.84
C VAL D 184 -50.75 28.81 9.34
N ILE D 185 -50.95 28.93 8.04
CA ILE D 185 -51.51 30.13 7.46
C ILE D 185 -52.95 30.38 7.92
N GLU D 186 -53.79 29.34 7.92
CA GLU D 186 -55.18 29.46 8.37
C GLU D 186 -55.26 29.92 9.84
N ALA D 187 -54.46 29.31 10.71
CA ALA D 187 -54.58 29.51 12.17
C ALA D 187 -53.79 30.70 12.75
N HIS D 188 -53.02 31.40 11.91
CA HIS D 188 -52.22 32.53 12.40
C HIS D 188 -53.10 33.60 13.04
N ASP D 189 -52.76 33.98 14.27
CA ASP D 189 -53.53 34.98 15.01
C ASP D 189 -53.40 36.35 14.33
N ARG D 190 -54.47 36.79 13.69
N ARG D 190 -54.48 36.80 13.69
CA ARG D 190 -54.48 38.06 12.96
CA ARG D 190 -54.47 38.07 12.95
C ARG D 190 -54.41 39.31 13.83
C ARG D 190 -54.41 39.31 13.83
N THR D 191 -54.72 39.19 15.12
CA THR D 191 -54.55 40.31 16.06
C THR D 191 -53.07 40.69 16.19
N ALA D 192 -52.21 39.66 16.21
CA ALA D 192 -50.77 39.81 16.44
C ALA D 192 -49.85 39.57 15.22
N TYR D 193 -50.38 39.01 14.12
CA TYR D 193 -49.56 38.65 12.96
C TYR D 193 -50.30 38.91 11.66
N GLU D 194 -49.56 39.25 10.60
CA GLU D 194 -50.12 39.40 9.25
C GLU D 194 -49.30 38.61 8.22
N VAL D 195 -50.00 37.92 7.32
CA VAL D 195 -49.41 36.87 6.51
C VAL D 195 -49.27 37.27 5.03
N TYR D 196 -48.01 37.45 4.64
CA TYR D 196 -47.61 37.63 3.24
C TYR D 196 -47.04 36.29 2.77
N CYS D 197 -47.39 35.88 1.55
CA CYS D 197 -46.77 34.71 0.90
C CYS D 197 -46.06 35.16 -0.36
N TYR D 198 -44.87 34.62 -0.62
CA TYR D 198 -44.15 34.94 -1.84
C TYR D 198 -43.92 33.63 -2.59
N SER D 199 -44.72 33.41 -3.64
CA SER D 199 -44.69 32.16 -4.44
C SER D 199 -43.63 32.26 -5.53
N ASN D 200 -42.62 31.40 -5.43
CA ASN D 200 -41.47 31.40 -6.34
C ASN D 200 -41.51 30.33 -7.44
N ASP D 201 -42.72 29.94 -7.86
CA ASP D 201 -42.90 28.98 -8.95
C ASP D 201 -44.30 29.23 -9.54
N PRO D 202 -44.44 29.18 -10.87
CA PRO D 202 -45.73 29.48 -11.50
C PRO D 202 -46.83 28.44 -11.31
N ARG D 203 -46.50 27.19 -11.03
CA ARG D 203 -47.52 26.17 -10.85
C ARG D 203 -48.50 26.59 -9.77
N SER D 204 -49.78 26.65 -10.15
CA SER D 204 -50.86 27.08 -9.28
C SER D 204 -52.03 26.09 -9.38
N ASP D 205 -52.08 25.17 -8.41
CA ASP D 205 -53.13 24.14 -8.32
C ASP D 205 -54.14 24.51 -7.23
N ALA D 206 -55.10 23.62 -6.96
CA ALA D 206 -56.12 23.83 -5.92
C ALA D 206 -55.58 24.30 -4.56
N LEU D 207 -54.43 23.77 -4.14
CA LEU D 207 -53.84 24.14 -2.85
C LEU D 207 -53.27 25.56 -2.84
N THR D 208 -52.68 26.00 -3.96
CA THR D 208 -52.18 27.39 -4.05
C THR D 208 -53.35 28.38 -3.98
N ASP D 209 -54.46 28.05 -4.65
CA ASP D 209 -55.70 28.82 -4.57
C ASP D 209 -56.17 28.96 -3.11
N ARG D 210 -56.10 27.87 -2.36
CA ARG D 210 -56.41 27.89 -0.92
C ARG D 210 -55.40 28.73 -0.12
N LEU D 211 -54.11 28.55 -0.36
CA LEU D 211 -53.06 29.36 0.28
C LEU D 211 -53.21 30.85 -0.02
N ARG D 212 -53.54 31.18 -1.28
CA ARG D 212 -53.78 32.57 -1.68
C ARG D 212 -54.98 33.18 -0.96
N ALA D 213 -56.06 32.43 -0.88
CA ALA D 213 -57.29 32.86 -0.17
C ALA D 213 -57.06 33.04 1.33
N LEU D 214 -56.35 32.10 1.96
CA LEU D 214 -56.04 32.19 3.40
C LEU D 214 -55.00 33.29 3.75
N SER D 215 -54.13 33.63 2.80
CA SER D 215 -53.15 34.72 2.97
C SER D 215 -53.83 36.08 3.03
N ASP D 216 -53.24 36.99 3.79
CA ASP D 216 -53.66 38.40 3.78
C ASP D 216 -53.21 39.09 2.49
N ARG D 217 -51.96 38.86 2.09
CA ARG D 217 -51.41 39.37 0.82
C ARG D 217 -50.67 38.25 0.10
N TRP D 218 -50.61 38.32 -1.24
CA TRP D 218 -50.05 37.21 -2.06
C TRP D 218 -48.69 37.39 -2.76
N ARG D 219 -48.55 38.24 -3.77
CA ARG D 219 -47.23 38.39 -4.48
C ARG D 219 -46.65 37.14 -5.21
N ASP D 220 -46.78 37.13 -6.55
CA ASP D 220 -46.08 36.18 -7.43
C ASP D 220 -44.70 36.68 -7.79
N VAL D 221 -43.68 35.92 -7.38
CA VAL D 221 -42.29 36.39 -7.30
C VAL D 221 -41.31 35.81 -8.35
N TRP D 222 -41.66 34.68 -8.97
CA TRP D 222 -40.75 34.01 -9.92
C TRP D 222 -40.16 34.92 -11.00
N PRO D 223 -40.94 35.85 -11.58
CA PRO D 223 -40.35 36.70 -12.63
C PRO D 223 -39.40 37.81 -12.15
N LEU D 224 -39.30 38.04 -10.84
CA LEU D 224 -38.53 39.16 -10.30
C LEU D 224 -37.09 38.75 -10.04
N THR D 225 -36.17 39.72 -10.13
CA THR D 225 -34.77 39.49 -9.74
C THR D 225 -34.68 39.51 -8.22
N ASP D 226 -33.56 39.03 -7.67
CA ASP D 226 -33.38 39.03 -6.22
C ASP D 226 -33.35 40.46 -5.66
N ALA D 227 -32.80 41.40 -6.42
CA ALA D 227 -32.82 42.83 -6.02
C ALA D 227 -34.26 43.37 -6.01
N GLU D 228 -35.02 43.09 -7.06
CA GLU D 228 -36.46 43.44 -7.14
C GLU D 228 -37.31 42.85 -6.00
N LEU D 229 -37.03 41.60 -5.63
CA LEU D 229 -37.73 40.98 -4.52
C LEU D 229 -37.38 41.67 -3.20
N CYS D 230 -36.11 42.01 -3.01
CA CYS D 230 -35.67 42.70 -1.80
C CYS D 230 -36.36 44.05 -1.58
N GLU D 231 -36.46 44.85 -2.64
CA GLU D 231 -37.15 46.14 -2.53
C GLU D 231 -38.67 45.93 -2.34
N LEU D 232 -39.21 44.84 -2.86
CA LEU D 232 -40.62 44.44 -2.58
C LEU D 232 -40.86 44.04 -1.11
N VAL D 233 -39.97 43.23 -0.55
CA VAL D 233 -40.08 42.80 0.85
C VAL D 233 -39.92 44.00 1.79
N ARG D 234 -38.94 44.86 1.48
CA ARG D 234 -38.73 46.11 2.24
C ARG D 234 -39.95 47.04 2.20
N ARG D 235 -40.59 47.16 1.04
CA ARG D 235 -41.73 48.04 0.89
C ARG D 235 -42.98 47.48 1.59
N ASP D 236 -43.16 46.16 1.53
CA ASP D 236 -44.19 45.47 2.32
C ASP D 236 -43.94 45.58 3.82
N GLY D 237 -42.69 45.77 4.21
CA GLY D 237 -42.33 46.01 5.60
C GLY D 237 -42.28 44.75 6.43
N ILE D 238 -41.76 43.68 5.85
CA ILE D 238 -41.78 42.37 6.49
C ILE D 238 -40.81 42.36 7.66
N ASP D 239 -41.32 41.98 8.84
CA ASP D 239 -40.51 41.90 10.07
C ASP D 239 -39.80 40.55 10.18
N ILE D 240 -40.51 39.48 9.82
CA ILE D 240 -40.00 38.13 9.88
C ILE D 240 -40.19 37.49 8.49
N LEU D 241 -39.09 37.15 7.84
CA LEU D 241 -39.12 36.51 6.52
C LEU D 241 -38.71 35.07 6.70
N VAL D 242 -39.51 34.14 6.16
CA VAL D 242 -39.32 32.71 6.39
C VAL D 242 -39.03 32.00 5.08
N ASP D 243 -37.89 31.31 5.06
CA ASP D 243 -37.49 30.45 3.96
C ASP D 243 -38.11 29.09 4.17
N LEU D 244 -39.10 28.78 3.35
CA LEU D 244 -39.76 27.49 3.40
C LEU D 244 -39.11 26.47 2.50
N SER D 245 -38.36 26.90 1.47
CA SER D 245 -37.83 25.97 0.46
C SER D 245 -36.50 25.32 0.80
N TRP D 246 -35.55 26.09 1.34
CA TRP D 246 -34.17 25.65 1.65
C TRP D 246 -33.49 25.19 0.34
N HIS D 247 -32.28 24.67 0.47
CA HIS D 247 -31.57 24.07 -0.64
C HIS D 247 -32.30 23.00 -1.47
N LEU D 248 -33.38 22.39 -0.93
CA LEU D 248 -34.10 21.30 -1.58
C LEU D 248 -35.07 21.82 -2.62
N GLY D 249 -35.42 23.09 -2.59
CA GLY D 249 -36.50 23.61 -3.42
C GLY D 249 -36.08 24.84 -4.18
N MET D 250 -37.04 25.42 -4.90
CA MET D 250 -36.83 26.64 -5.63
C MET D 250 -36.82 27.83 -4.66
N HIS D 251 -35.72 27.92 -3.91
CA HIS D 251 -35.53 28.91 -2.85
C HIS D 251 -35.25 30.28 -3.40
N ARG D 252 -35.09 31.24 -2.50
CA ARG D 252 -34.78 32.62 -2.86
C ARG D 252 -33.80 33.22 -1.85
N LEU D 253 -32.71 32.48 -1.61
CA LEU D 253 -31.78 32.73 -0.51
C LEU D 253 -30.83 33.87 -0.78
N PHE D 254 -30.69 34.27 -2.04
CA PHE D 254 -29.89 35.46 -2.36
C PHE D 254 -30.65 36.74 -2.08
N ALA D 255 -31.98 36.68 -2.12
CA ALA D 255 -32.81 37.74 -1.56
C ALA D 255 -32.64 37.81 -0.04
N PHE D 256 -32.70 36.65 0.63
CA PHE D 256 -32.39 36.56 2.08
C PHE D 256 -30.98 37.02 2.42
N ALA D 257 -30.04 36.77 1.52
CA ALA D 257 -28.65 37.14 1.70
C ALA D 257 -28.45 38.63 1.95
N ARG D 258 -29.33 39.45 1.38
CA ARG D 258 -29.25 40.92 1.56
C ARG D 258 -29.87 41.49 2.85
N ARG D 259 -30.42 40.62 3.71
CA ARG D 259 -31.16 41.03 4.90
C ARG D 259 -32.28 42.06 4.66
N PRO D 260 -33.25 41.75 3.78
CA PRO D 260 -34.40 42.67 3.59
C PRO D 260 -35.32 42.76 4.80
N ALA D 261 -35.25 41.78 5.70
CA ALA D 261 -35.97 41.78 6.95
C ALA D 261 -35.01 41.60 8.12
N PRO D 262 -35.33 42.18 9.28
CA PRO D 262 -34.47 42.07 10.47
C PRO D 262 -34.48 40.70 11.18
N VAL D 263 -35.52 39.91 10.96
CA VAL D 263 -35.58 38.54 11.46
C VAL D 263 -35.77 37.62 10.26
N GLN D 264 -34.81 36.72 10.05
CA GLN D 264 -34.86 35.80 8.91
C GLN D 264 -34.67 34.37 9.40
N VAL D 265 -35.61 33.52 8.97
CA VAL D 265 -35.82 32.19 9.52
C VAL D 265 -35.93 31.13 8.41
N THR D 266 -35.27 29.98 8.60
CA THR D 266 -35.47 28.81 7.72
C THR D 266 -36.21 27.70 8.50
N TRP D 267 -37.28 27.18 7.90
CA TRP D 267 -38.19 26.25 8.58
C TRP D 267 -38.90 25.36 7.54
N LEU D 268 -39.20 24.11 7.95
CA LEU D 268 -40.09 23.16 7.24
C LEU D 268 -39.35 22.21 6.30
N ALA D 269 -38.57 22.76 5.38
CA ALA D 269 -37.83 21.97 4.40
C ALA D 269 -36.40 21.72 4.84
N ALA D 270 -35.88 22.60 5.71
CA ALA D 270 -34.50 22.50 6.17
C ALA D 270 -34.26 21.17 6.86
N ILE D 271 -33.24 20.46 6.39
CA ILE D 271 -32.68 19.28 7.06
C ILE D 271 -31.28 19.55 7.59
N ASN D 272 -30.72 20.72 7.27
CA ASN D 272 -29.40 21.13 7.76
C ASN D 272 -29.27 22.64 7.55
N THR D 273 -28.16 23.21 7.99
CA THR D 273 -27.90 24.65 7.85
C THR D 273 -27.94 25.11 6.40
N THR D 274 -28.36 26.35 6.21
CA THR D 274 -28.17 27.02 4.93
C THR D 274 -26.70 27.37 4.68
N GLY D 275 -25.93 27.49 5.77
CA GLY D 275 -24.55 27.90 5.73
C GLY D 275 -24.36 29.42 5.83
N MET D 276 -25.46 30.17 5.82
CA MET D 276 -25.43 31.62 5.61
C MET D 276 -25.35 32.38 6.92
N ARG D 277 -24.62 33.51 6.90
CA ARG D 277 -24.65 34.50 8.01
C ARG D 277 -26.01 35.19 8.08
N ALA D 278 -26.56 35.52 6.91
CA ALA D 278 -27.83 36.22 6.77
C ALA D 278 -29.04 35.53 7.38
N MET D 279 -29.00 34.20 7.55
CA MET D 279 -30.10 33.46 8.16
C MET D 279 -29.88 33.44 9.68
N ASP D 280 -30.84 34.02 10.40
CA ASP D 280 -30.69 34.26 11.84
C ASP D 280 -31.10 33.01 12.59
N TYR D 281 -32.26 32.45 12.23
CA TYR D 281 -32.87 31.32 12.94
C TYR D 281 -33.20 30.11 12.04
N LEU D 282 -33.07 28.92 12.63
CA LEU D 282 -33.60 27.70 12.05
C LEU D 282 -34.57 27.09 13.08
N VAL D 283 -35.83 26.92 12.72
CA VAL D 283 -36.86 26.41 13.63
C VAL D 283 -36.98 24.87 13.58
N GLY D 284 -36.47 24.21 14.63
CA GLY D 284 -36.55 22.76 14.77
C GLY D 284 -37.34 22.37 16.01
N ASP D 285 -36.87 21.34 16.70
CA ASP D 285 -37.44 20.94 18.00
C ASP D 285 -36.43 20.15 18.84
N GLN D 286 -36.81 19.77 20.05
CA GLN D 286 -35.86 19.26 21.04
C GLN D 286 -35.35 17.85 20.76
N HIS D 287 -36.18 17.02 20.12
CA HIS D 287 -35.77 15.69 19.67
C HIS D 287 -35.06 15.73 18.33
N LEU D 288 -35.55 16.61 17.44
CA LEU D 288 -35.00 16.77 16.09
C LEU D 288 -33.56 17.30 16.03
N CYS D 289 -33.20 18.21 16.94
CA CYS D 289 -31.90 18.88 16.95
C CYS D 289 -31.17 18.49 18.24
N PRO D 290 -30.18 17.58 18.17
CA PRO D 290 -29.60 17.02 19.41
C PRO D 290 -28.72 17.99 20.18
N PRO D 291 -28.46 17.73 21.48
CA PRO D 291 -27.76 18.65 22.39
C PRO D 291 -26.50 19.38 21.89
N GLY D 292 -25.53 18.68 21.32
CA GLY D 292 -24.26 19.30 20.90
C GLY D 292 -24.17 19.75 19.44
N SER D 293 -25.32 20.11 18.87
CA SER D 293 -25.49 20.22 17.42
C SER D 293 -25.21 21.61 16.84
N ASP D 294 -25.14 22.61 17.71
CA ASP D 294 -25.27 24.01 17.33
C ASP D 294 -24.11 24.54 16.49
N GLU D 295 -22.89 24.13 16.83
CA GLU D 295 -21.69 24.46 16.06
C GLU D 295 -21.80 24.12 14.56
N LEU D 296 -22.62 23.13 14.20
CA LEU D 296 -22.90 22.79 12.80
C LEU D 296 -23.79 23.78 12.05
N TYR D 297 -24.33 24.80 12.73
CA TYR D 297 -25.31 25.72 12.14
C TYR D 297 -24.89 27.18 12.32
N THR D 298 -24.87 27.93 11.21
CA THR D 298 -24.73 29.37 11.26
C THR D 298 -25.95 30.01 11.95
N GLU D 299 -27.13 29.47 11.65
CA GLU D 299 -28.37 29.93 12.29
C GLU D 299 -28.36 29.57 13.79
N ARG D 300 -29.11 30.31 14.59
CA ARG D 300 -29.42 29.88 15.96
C ARG D 300 -30.59 28.91 15.91
N LEU D 301 -30.39 27.74 16.49
CA LEU D 301 -31.42 26.71 16.51
C LEU D 301 -32.51 27.12 17.49
N VAL D 302 -33.77 26.99 17.07
CA VAL D 302 -34.92 27.26 17.90
C VAL D 302 -35.61 25.91 18.13
N ARG D 303 -35.32 25.30 19.28
CA ARG D 303 -35.85 23.96 19.60
C ARG D 303 -37.23 24.06 20.28
N LEU D 304 -38.28 24.07 19.47
CA LEU D 304 -39.65 24.06 20.00
C LEU D 304 -39.85 22.86 20.93
N SER D 305 -40.68 23.04 21.96
CA SER D 305 -41.00 21.98 22.95
C SER D 305 -42.17 21.07 22.53
N ARG D 306 -42.46 21.02 21.23
CA ARG D 306 -43.35 20.05 20.60
C ARG D 306 -42.66 19.61 19.30
N PHE D 307 -43.33 18.81 18.49
CA PHE D 307 -42.84 18.44 17.14
C PHE D 307 -42.76 19.66 16.23
N TYR D 308 -41.74 19.73 15.40
CA TYR D 308 -41.48 20.95 14.59
C TYR D 308 -42.46 21.26 13.46
N LEU D 309 -43.50 20.44 13.30
CA LEU D 309 -44.51 20.62 12.26
C LEU D 309 -45.93 20.37 12.80
N PRO D 310 -46.96 20.89 12.11
CA PRO D 310 -48.34 20.58 12.48
C PRO D 310 -48.80 19.20 11.95
N CYS D 311 -49.26 18.34 12.85
CA CYS D 311 -49.65 16.95 12.55
C CYS D 311 -51.16 16.70 12.27
N ASN D 312 -51.98 17.75 12.24
CA ASN D 312 -53.41 17.57 11.95
C ASN D 312 -53.63 17.12 10.50
N PRO D 313 -54.50 16.11 10.27
CA PRO D 313 -54.63 15.53 8.93
C PRO D 313 -55.59 16.33 8.06
N PRO D 314 -55.54 16.12 6.73
CA PRO D 314 -56.49 16.80 5.86
C PRO D 314 -57.93 16.30 6.07
N PRO D 315 -58.94 17.05 5.57
CA PRO D 315 -60.32 16.64 5.77
C PRO D 315 -60.70 15.39 4.96
N ASP D 316 -60.15 15.24 3.76
CA ASP D 316 -60.48 14.12 2.85
C ASP D 316 -59.70 12.81 3.13
N LEU D 317 -59.54 12.46 4.41
CA LEU D 317 -58.70 11.32 4.81
C LEU D 317 -59.44 10.00 4.55
N PRO D 318 -58.83 9.04 3.81
CA PRO D 318 -59.54 7.81 3.40
C PRO D 318 -60.28 7.03 4.48
N GLY D 319 -59.77 7.05 5.72
CA GLY D 319 -60.43 6.35 6.80
C GLY D 319 -60.08 4.87 6.78
N TRP D 320 -59.92 4.32 7.97
CA TRP D 320 -59.24 3.05 8.15
C TRP D 320 -60.13 1.91 7.70
N ALA D 321 -59.48 0.84 7.21
CA ALA D 321 -60.17 -0.39 6.80
C ALA D 321 -60.09 -1.37 7.97
N PRO D 322 -60.88 -2.47 7.93
CA PRO D 322 -60.76 -3.48 9.01
C PRO D 322 -59.50 -4.39 8.96
N ALA D 323 -58.41 -3.90 8.35
CA ALA D 323 -57.18 -4.67 8.01
C ALA D 323 -57.42 -5.55 6.76
N ASP D 324 -56.63 -5.33 5.71
CA ASP D 324 -56.67 -6.10 4.44
C ASP D 324 -57.86 -5.69 3.56
N GLY D 329 -48.89 -12.64 1.87
CA GLY D 329 -48.30 -13.13 3.13
C GLY D 329 -48.18 -12.04 4.20
N PHE D 330 -48.39 -12.44 5.46
CA PHE D 330 -48.24 -11.56 6.62
C PHE D 330 -46.78 -11.70 7.11
N PRO D 331 -46.12 -10.62 7.54
CA PRO D 331 -46.58 -9.23 7.48
C PRO D 331 -46.15 -8.55 6.21
N VAL D 332 -46.93 -7.56 5.75
CA VAL D 332 -46.54 -6.68 4.66
C VAL D 332 -45.86 -5.46 5.25
N PHE D 333 -44.54 -5.35 5.04
CA PHE D 333 -43.79 -4.14 5.35
C PHE D 333 -43.94 -3.12 4.23
N GLY D 334 -43.85 -1.83 4.56
CA GLY D 334 -44.05 -0.74 3.60
C GLY D 334 -43.08 0.40 3.79
N CYS D 335 -42.67 1.03 2.68
CA CYS D 335 -41.86 2.26 2.69
C CYS D 335 -42.14 3.10 1.45
N PHE D 336 -42.91 4.18 1.62
CA PHE D 336 -43.37 5.00 0.50
C PHE D 336 -42.52 6.26 0.28
N ASN D 337 -41.21 6.12 0.48
CA ASN D 337 -40.25 7.22 0.37
C ASN D 337 -39.56 7.29 -0.99
N ARG D 338 -39.14 8.51 -1.34
CA ARG D 338 -38.32 8.79 -2.54
C ARG D 338 -37.15 7.82 -2.66
N LEU D 339 -36.81 7.48 -3.90
CA LEU D 339 -35.77 6.47 -4.16
C LEU D 339 -34.36 6.91 -3.74
N SER D 340 -34.14 8.23 -3.69
CA SER D 340 -32.88 8.78 -3.18
C SER D 340 -32.58 8.36 -1.74
N MET D 341 -33.64 8.13 -0.97
CA MET D 341 -33.52 7.78 0.45
C MET D 341 -33.27 6.28 0.68
N ILE D 342 -33.53 5.47 -0.34
CA ILE D 342 -33.36 4.01 -0.29
C ILE D 342 -32.03 3.61 -0.92
N GLY D 343 -30.96 3.67 -0.14
CA GLY D 343 -29.62 3.26 -0.57
C GLY D 343 -29.08 2.02 0.12
N PRO D 344 -27.79 1.71 -0.08
CA PRO D 344 -27.16 0.49 0.42
C PRO D 344 -27.30 0.23 1.91
N GLU D 345 -27.24 1.28 2.71
CA GLU D 345 -27.35 1.14 4.17
C GLU D 345 -28.74 0.58 4.57
N VAL D 346 -29.81 1.09 3.95
CA VAL D 346 -31.18 0.64 4.27
C VAL D 346 -31.43 -0.77 3.74
N LEU D 347 -31.12 -0.97 2.46
CA LEU D 347 -31.28 -2.27 1.80
C LEU D 347 -30.61 -3.44 2.56
N ASP D 348 -29.46 -3.22 3.15
CA ASP D 348 -28.81 -4.24 3.97
C ASP D 348 -29.71 -4.65 5.14
N LEU D 349 -30.31 -3.68 5.82
CA LEU D 349 -31.21 -3.93 6.97
C LEU D 349 -32.53 -4.55 6.57
N TRP D 350 -33.16 -4.01 5.53
CA TRP D 350 -34.43 -4.54 5.04
C TRP D 350 -34.30 -6.00 4.58
N ALA D 351 -33.15 -6.36 4.02
CA ALA D 351 -32.87 -7.74 3.64
C ALA D 351 -32.83 -8.65 4.86
N LYS D 352 -32.09 -8.24 5.89
CA LYS D 352 -31.95 -9.02 7.14
C LYS D 352 -33.29 -9.27 7.84
N ILE D 353 -34.16 -8.25 7.83
CA ILE D 353 -35.54 -8.39 8.29
C ILE D 353 -36.31 -9.44 7.46
N LEU D 354 -36.16 -9.40 6.14
CA LEU D 354 -36.88 -10.30 5.24
C LEU D 354 -36.35 -11.74 5.26
N LEU D 355 -35.08 -11.94 5.64
CA LEU D 355 -34.56 -13.30 5.84
C LEU D 355 -35.14 -13.90 7.11
N ALA D 356 -35.14 -13.10 8.18
CA ALA D 356 -35.66 -13.53 9.49
C ALA D 356 -37.20 -13.68 9.57
N LEU D 357 -37.93 -13.08 8.64
CA LEU D 357 -39.38 -13.26 8.52
C LEU D 357 -39.67 -13.73 7.09
N PRO D 358 -39.37 -15.00 6.80
CA PRO D 358 -39.24 -15.49 5.43
C PRO D 358 -40.49 -15.44 4.55
N ARG D 359 -41.66 -15.19 5.16
CA ARG D 359 -42.92 -15.02 4.42
C ARG D 359 -43.31 -13.55 4.20
N ALA D 360 -42.62 -12.62 4.89
CA ALA D 360 -42.96 -11.19 4.81
C ALA D 360 -42.65 -10.61 3.44
N ARG D 361 -43.45 -9.63 3.04
CA ARG D 361 -43.30 -8.94 1.76
C ARG D 361 -43.01 -7.47 2.04
N LEU D 362 -42.23 -6.82 1.16
CA LEU D 362 -41.93 -5.37 1.26
C LEU D 362 -42.56 -4.60 0.10
N ARG D 363 -43.23 -3.50 0.42
CA ARG D 363 -44.01 -2.73 -0.53
C ARG D 363 -43.44 -1.32 -0.67
N LEU D 364 -42.81 -1.02 -1.82
CA LEU D 364 -42.30 0.33 -2.09
C LEU D 364 -43.18 1.04 -3.11
N ILE D 365 -43.44 2.31 -2.86
CA ILE D 365 -44.19 3.16 -3.78
C ILE D 365 -43.46 4.49 -3.88
N ALA D 366 -43.04 4.84 -5.09
CA ALA D 366 -42.22 6.02 -5.35
C ALA D 366 -42.13 6.33 -6.85
N THR D 367 -41.66 7.53 -7.15
CA THR D 367 -41.52 7.98 -8.53
C THR D 367 -40.30 7.29 -9.09
N GLY D 368 -40.40 6.80 -10.32
CA GLY D 368 -39.32 6.05 -10.94
C GLY D 368 -39.58 4.55 -11.02
N LEU D 369 -40.47 4.04 -10.17
CA LEU D 369 -40.83 2.62 -10.21
C LEU D 369 -41.72 2.21 -11.39
N GLN D 370 -42.27 3.17 -12.13
CA GLN D 370 -42.90 2.88 -13.44
C GLN D 370 -41.93 2.35 -14.49
N ASP D 371 -40.63 2.66 -14.37
CA ASP D 371 -39.59 2.20 -15.32
C ASP D 371 -39.07 0.81 -14.91
N PRO D 372 -39.15 -0.18 -15.83
CA PRO D 372 -38.55 -1.50 -15.59
C PRO D 372 -37.05 -1.52 -15.23
N VAL D 373 -36.29 -0.54 -15.71
CA VAL D 373 -34.83 -0.51 -15.45
C VAL D 373 -34.55 -0.28 -13.97
N THR D 374 -35.26 0.68 -13.38
CA THR D 374 -35.03 1.09 -12.00
C THR D 374 -35.65 0.12 -10.99
N SER D 375 -36.81 -0.46 -11.32
CA SER D 375 -37.41 -1.55 -10.51
C SER D 375 -36.56 -2.84 -10.58
N SER D 376 -36.11 -3.21 -11.79
CA SER D 376 -35.19 -4.36 -11.94
C SER D 376 -33.92 -4.22 -11.12
N ARG D 377 -33.29 -3.04 -11.19
CA ARG D 377 -32.07 -2.77 -10.41
C ARG D 377 -32.31 -2.95 -8.90
N LEU D 378 -33.49 -2.53 -8.44
CA LEU D 378 -33.87 -2.63 -7.01
C LEU D 378 -34.13 -4.08 -6.61
N MET D 379 -34.88 -4.82 -7.46
CA MET D 379 -35.07 -6.27 -7.30
C MET D 379 -33.75 -7.03 -7.24
N ARG D 380 -32.84 -6.71 -8.17
CA ARG D 380 -31.52 -7.34 -8.20
C ARG D 380 -30.70 -7.00 -6.96
N ALA D 381 -30.79 -5.74 -6.53
CA ALA D 381 -30.09 -5.30 -5.33
C ALA D 381 -30.47 -6.16 -4.11
N LEU D 382 -31.76 -6.50 -4.01
CA LEU D 382 -32.22 -7.37 -2.93
C LEU D 382 -31.79 -8.84 -3.09
N GLU D 383 -31.90 -9.40 -4.30
CA GLU D 383 -31.43 -10.79 -4.56
C GLU D 383 -29.95 -10.98 -4.22
N GLY D 384 -29.13 -9.97 -4.52
CA GLY D 384 -27.72 -9.95 -4.10
C GLY D 384 -27.49 -10.04 -2.59
N ARG D 385 -28.49 -9.61 -1.80
CA ARG D 385 -28.47 -9.79 -0.34
C ARG D 385 -29.26 -11.04 0.15
N GLY D 386 -29.52 -11.99 -0.75
CA GLY D 386 -30.13 -13.28 -0.41
C GLY D 386 -31.64 -13.32 -0.29
N VAL D 387 -32.33 -12.32 -0.84
CA VAL D 387 -33.77 -12.17 -0.68
C VAL D 387 -34.41 -12.28 -2.05
N ALA D 388 -35.38 -13.19 -2.21
CA ALA D 388 -36.04 -13.42 -3.50
C ALA D 388 -36.76 -12.16 -3.96
N GLY D 389 -36.54 -11.79 -5.22
CA GLY D 389 -37.03 -10.53 -5.77
C GLY D 389 -38.54 -10.44 -5.88
N GLU D 390 -39.21 -11.58 -6.02
CA GLU D 390 -40.68 -11.63 -6.07
C GLU D 390 -41.37 -11.22 -4.75
N ARG D 391 -40.66 -11.31 -3.62
CA ARG D 391 -41.19 -10.86 -2.32
C ARG D 391 -41.26 -9.32 -2.25
N LEU D 392 -40.48 -8.66 -3.10
CA LEU D 392 -40.45 -7.20 -3.20
C LEU D 392 -41.48 -6.73 -4.23
N GLU D 393 -42.51 -5.99 -3.80
CA GLU D 393 -43.50 -5.43 -4.73
C GLU D 393 -43.46 -3.88 -4.89
N LEU D 394 -43.07 -3.45 -6.10
CA LEU D 394 -42.82 -2.05 -6.45
C LEU D 394 -43.98 -1.51 -7.24
N LEU D 395 -44.43 -0.29 -6.90
CA LEU D 395 -45.60 0.32 -7.53
C LEU D 395 -45.32 1.74 -8.03
N SER D 396 -45.94 2.07 -9.16
CA SER D 396 -45.85 3.41 -9.75
C SER D 396 -46.58 4.40 -8.84
N PRO D 397 -46.20 5.68 -8.87
CA PRO D 397 -46.78 6.64 -7.92
C PRO D 397 -48.26 6.94 -8.18
N MET D 398 -48.95 7.40 -7.13
CA MET D 398 -50.42 7.63 -7.11
C MET D 398 -50.80 9.01 -6.58
N PRO D 399 -52.06 9.44 -6.85
CA PRO D 399 -52.62 10.58 -6.13
C PRO D 399 -52.55 10.42 -4.60
N ARG D 400 -52.65 11.54 -3.88
CA ARG D 400 -52.46 11.58 -2.43
C ARG D 400 -53.38 10.64 -1.64
N THR D 401 -54.71 10.76 -1.83
CA THR D 401 -55.67 9.92 -1.09
C THR D 401 -55.60 8.45 -1.50
N ASP D 402 -55.30 8.18 -2.77
CA ASP D 402 -55.08 6.80 -3.23
C ASP D 402 -53.90 6.18 -2.50
N LEU D 403 -52.83 6.95 -2.27
CA LEU D 403 -51.63 6.46 -1.56
C LEU D 403 -51.92 6.25 -0.08
N LEU D 404 -52.56 7.22 0.54
CA LEU D 404 -53.03 7.07 1.92
C LEU D 404 -53.84 5.75 2.07
N ALA D 405 -54.75 5.50 1.14
CA ALA D 405 -55.61 4.30 1.18
C ALA D 405 -54.82 2.98 1.15
N THR D 406 -53.68 2.94 0.45
CA THR D 406 -52.85 1.71 0.40
C THR D 406 -52.10 1.40 1.70
N TYR D 407 -52.09 2.32 2.66
CA TYR D 407 -51.60 1.98 4.01
C TYR D 407 -52.49 0.95 4.74
N ASN D 408 -53.77 0.88 4.36
CA ASN D 408 -54.67 -0.17 4.87
C ASN D 408 -54.19 -1.59 4.61
N ASP D 409 -53.45 -1.77 3.50
CA ASP D 409 -52.81 -3.04 3.17
C ASP D 409 -51.38 -3.23 3.73
N ILE D 410 -50.94 -2.33 4.62
CA ILE D 410 -49.59 -2.39 5.21
C ILE D 410 -49.74 -2.58 6.70
N ASP D 411 -48.94 -3.49 7.25
CA ASP D 411 -48.96 -3.77 8.69
C ASP D 411 -47.99 -2.88 9.45
N VAL D 412 -46.79 -2.71 8.88
CA VAL D 412 -45.71 -1.94 9.51
C VAL D 412 -45.02 -1.11 8.43
N ALA D 413 -44.72 0.15 8.75
CA ALA D 413 -43.94 1.03 7.86
C ALA D 413 -42.49 1.07 8.30
N LEU D 414 -41.58 1.11 7.32
CA LEU D 414 -40.14 1.20 7.59
C LEU D 414 -39.64 2.54 7.07
N ASP D 415 -38.87 3.23 7.90
CA ASP D 415 -38.33 4.54 7.57
C ASP D 415 -36.91 4.38 7.06
N THR D 416 -36.49 5.32 6.22
CA THR D 416 -35.17 5.29 5.59
C THR D 416 -34.05 5.86 6.48
N LEU D 417 -32.83 5.50 6.13
CA LEU D 417 -31.62 6.08 6.70
C LEU D 417 -30.57 6.23 5.57
N PRO D 418 -29.58 7.14 5.70
CA PRO D 418 -29.45 8.11 6.80
C PRO D 418 -30.38 9.33 6.69
N TYR D 419 -31.08 9.49 5.58
CA TYR D 419 -32.05 10.56 5.39
C TYR D 419 -33.42 10.00 5.81
N SER D 420 -33.88 10.42 6.99
CA SER D 420 -35.16 10.00 7.53
C SER D 420 -36.29 10.70 6.82
N GLY D 421 -37.36 9.96 6.56
CA GLY D 421 -38.57 10.52 5.97
C GLY D 421 -39.27 11.40 6.98
N CYS D 422 -40.35 12.04 6.55
CA CYS D 422 -41.07 12.96 7.42
C CYS D 422 -42.54 12.90 7.13
N THR D 423 -42.95 13.35 5.95
CA THR D 423 -44.37 13.41 5.67
C THR D 423 -44.92 12.01 5.36
N THR D 424 -44.11 11.10 4.81
CA THR D 424 -44.58 9.71 4.60
C THR D 424 -44.80 9.02 5.95
N SER D 425 -43.91 9.28 6.90
CA SER D 425 -44.06 8.74 8.24
C SER D 425 -45.31 9.26 8.90
N LEU D 426 -45.55 10.57 8.80
CA LEU D 426 -46.75 11.16 9.37
C LEU D 426 -48.00 10.59 8.70
N GLU D 427 -47.95 10.43 7.38
CA GLU D 427 -49.06 9.84 6.62
C GLU D 427 -49.39 8.42 7.07
N ALA D 428 -48.35 7.64 7.38
CA ALA D 428 -48.53 6.28 7.91
C ALA D 428 -49.29 6.31 9.23
N LEU D 429 -48.80 7.09 10.18
CA LEU D 429 -49.47 7.24 11.48
C LEU D 429 -50.95 7.66 11.32
N TRP D 430 -51.22 8.63 10.45
CA TRP D 430 -52.61 9.04 10.15
C TRP D 430 -53.53 7.86 9.77
N MET D 431 -52.95 6.86 9.11
CA MET D 431 -53.66 5.62 8.74
C MET D 431 -53.47 4.44 9.72
N GLY D 432 -53.07 4.74 10.97
CA GLY D 432 -52.92 3.70 11.98
C GLY D 432 -51.87 2.63 11.70
N VAL D 433 -50.83 2.99 10.96
CA VAL D 433 -49.71 2.10 10.68
C VAL D 433 -48.52 2.60 11.50
N PRO D 434 -47.90 1.72 12.31
CA PRO D 434 -46.67 2.12 13.00
C PRO D 434 -45.47 2.23 12.06
N VAL D 435 -44.48 3.02 12.47
CA VAL D 435 -43.30 3.31 11.68
C VAL D 435 -42.08 3.00 12.53
N VAL D 436 -41.17 2.15 12.00
CA VAL D 436 -39.89 1.86 12.65
C VAL D 436 -38.83 2.77 12.02
N THR D 437 -37.96 3.35 12.85
CA THR D 437 -36.92 4.30 12.41
C THR D 437 -35.61 4.10 13.16
N LEU D 438 -34.53 4.60 12.57
CA LEU D 438 -33.27 4.81 13.29
C LEU D 438 -33.18 6.30 13.66
N GLU D 439 -32.85 6.57 14.92
CA GLU D 439 -32.55 7.91 15.38
C GLU D 439 -31.08 8.15 15.06
N GLY D 440 -30.82 8.91 13.99
CA GLY D 440 -29.46 9.33 13.61
C GLY D 440 -28.95 10.43 14.53
N ALA D 441 -27.63 10.62 14.57
CA ALA D 441 -27.00 11.63 15.43
C ALA D 441 -26.83 12.90 14.63
N ASP D 442 -27.94 13.43 14.14
CA ASP D 442 -27.96 14.20 12.90
C ASP D 442 -29.39 14.63 12.62
N MET D 443 -29.62 15.90 12.37
CA MET D 443 -30.98 16.40 12.12
C MET D 443 -31.65 15.70 10.92
N ALA D 444 -30.92 15.50 9.82
CA ALA D 444 -31.48 14.90 8.61
C ALA D 444 -32.00 13.47 8.82
N GLY D 445 -31.40 12.76 9.79
CA GLY D 445 -31.85 11.42 10.21
C GLY D 445 -32.69 11.38 11.48
N ARG D 446 -33.51 12.43 11.71
CA ARG D 446 -34.31 12.55 12.93
C ARG D 446 -35.74 13.10 12.75
N ALA D 447 -36.20 13.28 11.53
CA ALA D 447 -37.56 13.79 11.33
C ALA D 447 -38.61 12.84 11.91
N THR D 448 -38.39 11.53 11.74
CA THR D 448 -39.31 10.51 12.25
C THR D 448 -39.03 10.14 13.70
N SER D 449 -37.76 10.04 14.08
CA SER D 449 -37.43 9.81 15.49
C SER D 449 -38.16 10.83 16.37
N SER D 450 -38.12 12.11 15.99
CA SER D 450 -38.80 13.18 16.73
C SER D 450 -40.31 12.99 16.75
N LEU D 451 -40.93 12.89 15.56
CA LEU D 451 -42.37 12.65 15.40
C LEU D 451 -42.85 11.56 16.34
N LEU D 452 -42.21 10.40 16.27
CA LEU D 452 -42.58 9.24 17.09
C LEU D 452 -42.44 9.49 18.60
N ARG D 453 -41.34 10.13 19.02
CA ARG D 453 -41.16 10.48 20.43
C ARG D 453 -42.30 11.40 20.93
N TRP D 454 -42.60 12.45 20.18
CA TRP D 454 -43.67 13.39 20.53
C TRP D 454 -45.08 12.77 20.50
N ALA D 455 -45.26 11.69 19.76
CA ALA D 455 -46.57 11.01 19.69
C ALA D 455 -46.70 9.79 20.65
N GLY D 456 -45.75 9.66 21.58
CA GLY D 456 -45.78 8.58 22.56
C GLY D 456 -45.15 7.27 22.13
N LEU D 457 -44.75 7.16 20.86
CA LEU D 457 -44.27 5.92 20.27
C LEU D 457 -42.73 5.81 20.28
N GLN D 458 -42.11 6.05 21.42
CA GLN D 458 -40.64 5.92 21.56
C GLN D 458 -40.12 4.48 21.44
N GLU D 459 -41.01 3.50 21.63
CA GLU D 459 -40.68 2.08 21.47
C GLU D 459 -40.40 1.68 20.00
N LEU D 460 -40.82 2.52 19.06
CA LEU D 460 -40.51 2.34 17.63
C LEU D 460 -39.26 3.11 17.17
N VAL D 461 -38.40 3.53 18.09
CA VAL D 461 -37.25 4.37 17.77
C VAL D 461 -35.98 3.66 18.18
N SER D 462 -35.24 3.13 17.21
CA SER D 462 -33.97 2.47 17.47
C SER D 462 -32.84 3.49 17.55
N ARG D 463 -31.82 3.19 18.36
CA ARG D 463 -30.58 3.96 18.41
C ARG D 463 -29.42 3.24 17.69
N THR D 464 -29.63 1.98 17.29
CA THR D 464 -28.68 1.22 16.48
C THR D 464 -29.37 0.45 15.35
N GLN D 465 -28.58 0.07 14.36
CA GLN D 465 -29.11 -0.63 13.18
C GLN D 465 -29.61 -2.03 13.52
N GLU D 466 -28.97 -2.71 14.46
CA GLU D 466 -29.43 -4.04 14.87
C GLU D 466 -30.68 -3.93 15.77
N GLU D 467 -30.82 -2.81 16.49
CA GLU D 467 -32.05 -2.52 17.25
C GLU D 467 -33.21 -2.17 16.31
N TYR D 468 -32.91 -1.52 15.18
CA TYR D 468 -33.89 -1.25 14.10
C TYR D 468 -34.53 -2.56 13.65
N ILE D 469 -33.68 -3.55 13.35
CA ILE D 469 -34.12 -4.88 12.91
C ILE D 469 -35.03 -5.52 13.97
N ASP D 470 -34.54 -5.56 15.21
CA ASP D 470 -35.26 -6.19 16.34
C ASP D 470 -36.66 -5.65 16.57
N ILE D 471 -36.80 -4.32 16.45
CA ILE D 471 -38.10 -3.68 16.60
C ILE D 471 -39.04 -4.08 15.47
N ALA D 472 -38.53 -4.15 14.24
CA ALA D 472 -39.33 -4.58 13.08
C ALA D 472 -39.73 -6.06 13.16
N LEU D 473 -38.81 -6.90 13.64
CA LEU D 473 -39.07 -8.32 13.90
C LEU D 473 -40.17 -8.51 14.95
N GLY D 474 -39.99 -7.85 16.10
CA GLY D 474 -40.97 -7.86 17.19
C GLY D 474 -42.39 -7.51 16.76
N LEU D 475 -42.53 -6.53 15.86
CA LEU D 475 -43.84 -6.12 15.34
C LEU D 475 -44.41 -7.10 14.31
N GLY D 476 -43.54 -7.72 13.51
CA GLY D 476 -43.98 -8.69 12.51
C GLY D 476 -44.51 -10.00 13.11
N ARG D 477 -44.06 -10.31 14.32
CA ARG D 477 -44.47 -11.51 15.04
C ARG D 477 -45.73 -11.27 15.88
N ASP D 478 -45.66 -10.36 16.85
CA ASP D 478 -46.76 -10.14 17.82
C ASP D 478 -47.96 -9.32 17.26
N LEU D 479 -49.09 -10.01 17.03
CA LEU D 479 -50.36 -9.37 16.65
C LEU D 479 -50.91 -8.40 17.71
N GLY D 480 -50.63 -8.69 18.99
CA GLY D 480 -51.14 -7.91 20.10
C GLY D 480 -50.59 -6.50 20.16
N THR D 481 -49.25 -6.38 20.09
CA THR D 481 -48.57 -5.08 20.10
C THR D 481 -48.96 -4.24 18.86
N LEU D 482 -49.22 -4.91 17.74
CA LEU D 482 -49.85 -4.26 16.56
C LEU D 482 -51.21 -3.61 16.84
N ALA D 483 -52.08 -4.38 17.51
CA ALA D 483 -53.44 -3.90 17.87
C ALA D 483 -53.40 -2.86 18.99
N ARG D 484 -52.41 -2.97 19.89
CA ARG D 484 -52.17 -1.91 20.89
C ARG D 484 -51.76 -0.60 20.21
N LEU D 485 -50.77 -0.69 19.32
CA LEU D 485 -50.29 0.46 18.55
C LEU D 485 -51.34 1.04 17.60
N ARG D 486 -52.12 0.19 16.93
CA ARG D 486 -53.22 0.70 16.08
C ARG D 486 -54.25 1.54 16.86
N GLU D 487 -54.47 1.20 18.13
CA GLU D 487 -55.36 1.97 19.00
C GLU D 487 -54.71 3.24 19.52
N HIS D 488 -53.44 3.15 19.90
CA HIS D 488 -52.67 4.33 20.29
C HIS D 488 -52.78 5.40 19.21
N LEU D 489 -52.59 4.98 17.95
CA LEU D 489 -52.71 5.86 16.79
C LEU D 489 -54.13 6.37 16.54
N ARG D 490 -55.14 5.56 16.83
CA ARG D 490 -56.54 5.98 16.69
C ARG D 490 -56.86 7.13 17.65
N ARG D 491 -56.36 7.02 18.87
CA ARG D 491 -56.53 8.08 19.88
C ARG D 491 -55.71 9.31 19.57
N TRP D 492 -54.44 9.09 19.23
CA TRP D 492 -53.55 10.15 18.77
C TRP D 492 -54.16 10.90 17.57
N LEU D 493 -54.60 10.18 16.53
CA LEU D 493 -55.22 10.80 15.34
C LEU D 493 -56.30 11.81 15.71
N ARG D 494 -57.22 11.39 16.59
CA ARG D 494 -58.36 12.21 17.02
C ARG D 494 -57.91 13.45 17.82
N SER D 495 -57.01 13.22 18.78
CA SER D 495 -56.40 14.30 19.59
C SER D 495 -55.74 15.38 18.74
N VAL D 496 -54.96 14.91 17.77
CA VAL D 496 -54.23 15.76 16.83
C VAL D 496 -55.17 16.45 15.81
N SER D 497 -56.23 15.76 15.38
CA SER D 497 -57.27 16.36 14.51
C SER D 497 -57.96 17.55 15.16
N MET D 498 -58.06 17.54 16.48
CA MET D 498 -58.84 18.52 17.22
C MET D 498 -57.99 19.73 17.59
N SER D 499 -56.85 19.51 18.24
CA SER D 499 -56.07 20.58 18.86
C SER D 499 -54.81 21.02 18.08
N ASP D 500 -54.21 20.13 17.29
CA ASP D 500 -52.80 20.30 16.86
C ASP D 500 -52.50 21.47 15.91
N GLN D 501 -53.41 21.77 15.00
CA GLN D 501 -53.32 22.95 14.14
C GLN D 501 -53.05 24.21 14.99
N GLY D 502 -54.01 24.56 15.85
CA GLY D 502 -53.88 25.75 16.70
C GLY D 502 -52.80 25.64 17.75
N SER D 503 -52.61 24.43 18.28
CA SER D 503 -51.60 24.19 19.30
C SER D 503 -50.19 24.42 18.74
N PHE D 504 -49.93 23.94 17.52
CA PHE D 504 -48.64 24.15 16.85
C PHE D 504 -48.39 25.63 16.55
N THR D 505 -49.32 26.28 15.86
CA THR D 505 -49.03 27.62 15.34
C THR D 505 -48.89 28.63 16.48
N ALA D 506 -49.55 28.37 17.60
CA ALA D 506 -49.34 29.18 18.80
C ALA D 506 -47.91 29.04 19.34
N GLU D 507 -47.38 27.81 19.34
CA GLU D 507 -45.99 27.56 19.74
C GLU D 507 -44.93 28.19 18.78
N LEU D 508 -45.25 28.23 17.49
CA LEU D 508 -44.40 28.88 16.48
C LEU D 508 -44.44 30.41 16.61
N GLU D 509 -45.66 30.95 16.70
CA GLU D 509 -45.88 32.36 17.04
C GLU D 509 -45.17 32.80 18.32
N ASP D 510 -45.16 31.93 19.32
CA ASP D 510 -44.37 32.18 20.53
C ASP D 510 -42.88 32.30 20.22
N ALA D 511 -42.38 31.47 19.30
CA ALA D 511 -40.99 31.55 18.82
C ALA D 511 -40.70 32.81 17.99
N TYR D 512 -41.57 33.11 17.01
CA TYR D 512 -41.48 34.36 16.24
C TYR D 512 -41.43 35.60 17.14
N ARG D 513 -42.26 35.61 18.18
CA ARG D 513 -42.31 36.74 19.10
C ARG D 513 -41.02 36.93 19.87
N ARG D 514 -40.40 35.82 20.27
CA ARG D 514 -39.16 35.86 21.04
C ARG D 514 -37.96 36.20 20.17
N MET D 515 -38.02 35.82 18.88
CA MET D 515 -37.06 36.29 17.88
C MET D 515 -37.16 37.81 17.72
N TRP D 516 -38.40 38.31 17.65
CA TRP D 516 -38.68 39.73 17.49
C TRP D 516 -38.30 40.54 18.73
N ARG D 517 -38.70 40.10 19.92
CA ARG D 517 -38.29 40.76 21.15
C ARG D 517 -36.76 40.93 21.17
N ASP D 518 -36.04 39.83 20.96
CA ASP D 518 -34.56 39.83 20.95
C ASP D 518 -33.93 40.76 19.90
N ALA D 519 -34.59 40.96 18.76
CA ALA D 519 -34.11 41.89 17.74
C ALA D 519 -34.24 43.34 18.22
N CYS D 520 -35.38 43.67 18.82
CA CYS D 520 -35.60 45.00 19.42
C CYS D 520 -34.74 45.23 20.67
N GLN D 521 -34.84 44.31 21.63
CA GLN D 521 -34.04 44.29 22.87
C GLN D 521 -32.59 44.75 22.72
N THR D 522 -31.80 44.05 21.91
CA THR D 522 -30.34 44.30 21.81
C THR D 522 -29.95 45.61 21.08
N ALA D 523 -30.93 46.34 20.54
CA ALA D 523 -30.73 47.74 20.10
C ALA D 523 -30.58 48.73 21.28
N ALA D 524 -31.11 48.39 22.45
CA ALA D 524 -31.04 49.26 23.64
C ALA D 524 -29.63 49.40 24.20
N1 UDP E . 28.61 -4.84 -20.51
C2 UDP E . 28.03 -3.99 -21.50
N3 UDP E . 27.55 -2.77 -21.15
C4 UDP E . 27.63 -2.35 -19.88
C5 UDP E . 28.18 -3.15 -18.90
C6 UDP E . 28.68 -4.40 -19.23
O2 UDP E . 27.94 -4.35 -22.71
O4 UDP E . 27.17 -1.23 -19.58
C1' UDP E . 29.14 -6.16 -20.89
C2' UDP E . 30.64 -6.18 -20.66
O2' UDP E . 31.23 -6.80 -21.81
C3' UDP E . 30.82 -6.96 -19.36
C4' UDP E . 29.57 -7.82 -19.24
O4' UDP E . 28.60 -7.25 -20.11
O3' UDP E . 32.00 -7.74 -19.35
C5' UDP E . 28.95 -7.92 -17.84
O5' UDP E . 29.93 -7.90 -16.79
PA UDP E . 29.45 -7.66 -15.26
O1A UDP E . 28.50 -8.80 -14.92
O2A UDP E . 28.98 -6.23 -15.16
O3A UDP E . 30.76 -7.79 -14.32
PB UDP E . 31.76 -9.05 -14.29
O1B UDP E . 32.09 -9.36 -15.72
O2B UDP E . 32.95 -8.53 -13.56
O3B UDP E . 30.99 -10.13 -13.56
N1 UDP F . -1.17 37.26 -7.98
C2 UDP F . -2.37 37.80 -8.54
N3 UDP F . -3.56 37.33 -8.14
C4 UDP F . -3.65 36.35 -7.23
C5 UDP F . -2.51 35.78 -6.67
C6 UDP F . -1.27 36.26 -7.07
O2 UDP F . -2.34 38.73 -9.37
O4 UDP F . -4.76 35.91 -6.89
C1' UDP F . 0.15 37.76 -8.39
C2' UDP F . 0.92 38.27 -7.18
O2' UDP F . 1.37 39.59 -7.53
C3' UDP F . 2.06 37.30 -7.00
C4' UDP F . 2.28 36.75 -8.41
O4' UDP F . 0.97 36.75 -9.01
O3' UDP F . 3.24 37.90 -6.47
C5' UDP F . 2.90 35.37 -8.51
O5' UDP F . 3.73 35.10 -7.37
PA UDP F . 3.54 33.70 -6.59
O1A UDP F . 4.03 32.65 -7.55
O2A UDP F . 2.12 33.67 -6.11
O3A UDP F . 4.48 33.69 -5.26
PB UDP F . 5.95 34.34 -5.07
O1B UDP F . 6.74 33.25 -4.37
O2B UDP F . 5.73 35.54 -4.18
O3B UDP F . 6.44 34.65 -6.46
N1 UDP G . 3.42 -38.42 12.00
C2 UDP G . 3.37 -38.62 10.60
N3 UDP G . 4.28 -38.05 9.80
C4 UDP G . 5.28 -37.27 10.29
C5 UDP G . 5.36 -37.06 11.66
C6 UDP G . 4.41 -37.65 12.51
O2 UDP G . 2.48 -39.33 10.08
O4 UDP G . 6.10 -36.75 9.52
C1' UDP G . 2.43 -39.06 12.89
C2' UDP G . 3.10 -40.29 13.50
O2' UDP G . 2.18 -41.39 13.50
C3' UDP G . 3.51 -39.86 14.89
C4' UDP G . 2.48 -38.80 15.25
O4' UDP G . 2.02 -38.25 14.01
O3' UDP G . 3.48 -40.93 15.83
C5' UDP G . 3.00 -37.67 16.16
O5' UDP G . 4.03 -38.10 17.06
PA UDP G . 4.94 -36.95 17.75
O1A UDP G . 5.80 -36.39 16.65
O2A UDP G . 4.04 -36.01 18.51
O3A UDP G . 5.95 -37.73 18.74
PB UDP G . 5.76 -37.94 20.35
O1B UDP G . 6.86 -38.92 20.67
O2B UDP G . 4.37 -38.50 20.52
O3B UDP G . 5.93 -36.55 20.94
N1 UDP H . -46.52 11.16 -2.90
C2 UDP H . -47.42 10.91 -3.97
N3 UDP H . -47.33 9.77 -4.67
C4 UDP H . -46.40 8.85 -4.38
C5 UDP H . -45.49 9.06 -3.35
C6 UDP H . -45.57 10.23 -2.61
O2 UDP H . -48.31 11.74 -4.26
O4 UDP H . -46.34 7.81 -5.06
C1' UDP H . -46.61 12.40 -2.11
C2' UDP H . -47.02 12.07 -0.67
O2' UDP H . -48.10 12.93 -0.28
C3' UDP H . -45.76 12.30 0.14
C4' UDP H . -44.97 13.33 -0.67
O4' UDP H . -45.34 13.08 -2.04
O3' UDP H . -46.04 12.78 1.45
C5' UDP H . -43.45 13.33 -0.53
O5' UDP H . -42.92 12.29 0.30
PA UDP H . -41.40 11.78 0.05
O1A UDP H . -41.51 10.56 -0.83
O2A UDP H . -40.61 12.99 -0.41
O3A UDP H . -40.81 11.28 1.47
PB UDP H . -40.69 12.20 2.80
O1B UDP H . -40.66 11.26 3.96
O2B UDP H . -41.96 13.00 2.81
O3B UDP H . -39.44 13.02 2.58
#